data_6CJQ
#
_entry.id   6CJQ
#
_cell.length_a   1
_cell.length_b   1
_cell.length_c   1
_cell.angle_alpha   90.00
_cell.angle_beta   90.00
_cell.angle_gamma   90.00
#
_symmetry.space_group_name_H-M   'P 1'
#
loop_
_entity.id
_entity.type
_entity.pdbx_description
1 polymer 'SthK cyclic nucleotide-gated potassium channel'
2 non-polymer '(1R)-2-{[(S)-{[(2S)-2,3-dihydroxypropyl]oxy}(hydroxy)phosphoryl]oxy}-1-[(hexadecanoyloxy)methyl]ethyl (9Z)-octadec-9-enoate'
#
_entity_poly.entity_id   1
_entity_poly.type   'polypeptide(L)'
_entity_poly.pdbx_seq_one_letter_code
;MAKDIGINSDPNSSSVDKLMKSSGVSNPTYTLVWKVWILAVTLYYAIRIPLTLVFPSLFSPLLPLDILASLALIADIPLD
LAFESRRTSGRKPTLLAPSRLPDLLAALPLDLLVFALHLPSPLSLLSLVRLLKLISVQRSATRILSYRINPALLRLLSLV
GFILLAAHGIACGWMSLQPPSENPAGTRYLSAFYWTITTLTTIGYGDITPSTPTQTVYTIVIELLGAAMYGLVIGNIASL
VSKLDAAKLLHRERVERVTAFLSYKRISPELQRRIIEYFDYLWETRRGYEEREVLKELPHPLRLAVAMEIHGDVIEKVPL
FKGAGEEFIRDIILHLEPVIYGPGEYIIRAGEMGSDVYFINRGSVEVLSADEKTRYAILSEGQFFGEMALILRAPRTATV
RARAFCDLYRLDKETFDRILSRYPEIAAQIQELAVRRKELESSGLVPRGSVKHHHH
;
_entity_poly.pdbx_strand_id   A,B,C,D
#
# COMPACT_ATOMS: atom_id res chain seq x y z
N THR A 29 -15.90 29.42 -18.37
CA THR A 29 -14.60 30.00 -18.65
C THR A 29 -14.50 31.50 -18.38
N TYR A 30 -15.55 32.15 -17.89
CA TYR A 30 -15.43 33.54 -17.49
C TYR A 30 -15.39 33.72 -15.99
N THR A 31 -15.64 32.67 -15.21
CA THR A 31 -15.38 32.72 -13.78
C THR A 31 -13.97 32.25 -13.45
N LEU A 32 -13.29 31.60 -14.39
CA LEU A 32 -11.91 31.19 -14.18
C LEU A 32 -10.97 32.37 -14.07
N VAL A 33 -11.15 33.39 -14.93
CA VAL A 33 -10.37 34.62 -14.79
C VAL A 33 -10.75 35.36 -13.51
N TRP A 34 -11.98 35.20 -13.01
CA TRP A 34 -12.33 35.84 -11.76
C TRP A 34 -11.68 35.13 -10.58
N LYS A 35 -11.59 33.80 -10.63
CA LYS A 35 -10.86 33.07 -9.58
C LYS A 35 -9.38 33.40 -9.60
N VAL A 36 -8.81 33.59 -10.80
CA VAL A 36 -7.41 34.00 -10.89
C VAL A 36 -7.23 35.42 -10.33
N TRP A 37 -8.20 36.31 -10.58
CA TRP A 37 -8.13 37.64 -10.01
C TRP A 37 -8.24 37.63 -8.49
N ILE A 38 -9.11 36.78 -7.95
CA ILE A 38 -9.25 36.64 -6.50
C ILE A 38 -7.98 36.09 -5.88
N LEU A 39 -7.37 35.09 -6.54
CA LEU A 39 -6.10 34.54 -6.07
C LEU A 39 -5.00 35.58 -6.09
N ALA A 40 -4.96 36.43 -7.13
CA ALA A 40 -3.99 37.51 -7.18
C ALA A 40 -4.22 38.55 -6.09
N VAL A 41 -5.48 38.87 -5.79
CA VAL A 41 -5.77 39.87 -4.76
C VAL A 41 -5.38 39.36 -3.38
N THR A 42 -5.70 38.10 -3.09
CA THR A 42 -5.36 37.61 -1.75
C THR A 42 -3.88 37.31 -1.61
N LEU A 43 -3.20 36.99 -2.72
CA LEU A 43 -1.75 36.86 -2.70
C LEU A 43 -1.10 38.23 -2.48
N TYR A 44 -1.73 39.26 -3.03
CA TYR A 44 -1.29 40.64 -2.80
C TYR A 44 -1.46 41.04 -1.35
N TYR A 45 -2.58 40.70 -0.73
CA TYR A 45 -2.75 40.99 0.70
C TYR A 45 -1.76 40.21 1.56
N ALA A 46 -1.54 38.94 1.21
CA ALA A 46 -0.60 38.12 1.96
C ALA A 46 0.83 38.62 1.86
N ILE A 47 1.19 39.24 0.73
CA ILE A 47 2.51 39.86 0.65
C ILE A 47 2.56 41.24 1.31
N ARG A 48 1.47 42.02 1.25
CA ARG A 48 1.54 43.42 1.66
C ARG A 48 1.32 43.62 3.16
N ILE A 49 0.33 42.94 3.76
CA ILE A 49 -0.11 43.30 5.11
C ILE A 49 0.96 43.17 6.20
N PRO A 50 1.72 42.06 6.32
CA PRO A 50 2.78 42.07 7.34
C PRO A 50 3.96 42.94 6.98
N LEU A 51 4.09 43.36 5.73
CA LEU A 51 5.19 44.24 5.39
C LEU A 51 4.87 45.68 5.76
N THR A 52 3.59 46.05 5.77
CA THR A 52 3.17 47.38 6.17
C THR A 52 2.86 47.47 7.66
N LEU A 53 2.65 46.34 8.34
CA LEU A 53 2.58 46.38 9.79
C LEU A 53 3.92 46.75 10.41
N VAL A 54 5.02 46.45 9.71
CA VAL A 54 6.33 46.82 10.22
C VAL A 54 6.66 48.25 9.84
N PHE A 55 6.42 48.61 8.57
CA PHE A 55 6.79 49.93 8.10
C PHE A 55 5.57 50.82 8.04
N PRO A 56 5.47 51.85 8.89
CA PRO A 56 4.33 52.78 8.81
C PRO A 56 4.42 53.74 7.63
N SER A 57 5.61 53.92 7.06
CA SER A 57 5.80 54.86 5.96
C SER A 57 5.16 54.38 4.66
N LEU A 58 4.77 53.12 4.58
CA LEU A 58 3.97 52.65 3.46
C LEU A 58 2.50 52.95 3.72
N PHE A 59 1.65 52.35 2.88
CA PHE A 59 0.18 52.38 2.82
C PHE A 59 -0.39 53.72 2.35
N SER A 60 0.37 54.80 2.50
CA SER A 60 -0.17 56.08 2.10
C SER A 60 0.00 56.30 0.61
N PRO A 61 1.20 56.10 -0.03
CA PRO A 61 1.21 56.17 -1.50
C PRO A 61 0.90 54.83 -2.14
N LEU A 62 0.02 54.05 -1.53
CA LEU A 62 -0.38 52.79 -2.11
C LEU A 62 -1.82 52.42 -1.75
N LEU A 63 -2.53 53.30 -1.03
CA LEU A 63 -3.96 53.17 -0.76
C LEU A 63 -4.92 52.86 -1.93
N PRO A 64 -4.74 53.35 -3.18
CA PRO A 64 -5.73 52.98 -4.23
C PRO A 64 -5.81 51.50 -4.55
N LEU A 65 -4.72 50.74 -4.42
CA LEU A 65 -4.86 49.31 -4.59
C LEU A 65 -5.55 48.66 -3.40
N ASP A 66 -5.45 49.26 -2.20
CA ASP A 66 -6.27 48.82 -1.08
C ASP A 66 -7.75 49.01 -1.38
N ILE A 67 -8.10 50.15 -1.99
CA ILE A 67 -9.50 50.42 -2.34
C ILE A 67 -10.00 49.41 -3.36
N LEU A 68 -9.23 49.23 -4.44
CA LEU A 68 -9.60 48.28 -5.50
C LEU A 68 -9.68 46.86 -4.97
N ALA A 69 -8.78 46.50 -4.06
CA ALA A 69 -8.69 45.11 -3.63
C ALA A 69 -9.76 44.78 -2.60
N SER A 70 -10.07 45.73 -1.70
CA SER A 70 -11.16 45.49 -0.76
C SER A 70 -12.51 45.52 -1.46
N LEU A 71 -12.64 46.33 -2.52
CA LEU A 71 -13.85 46.26 -3.34
C LEU A 71 -13.96 44.92 -4.05
N ALA A 72 -12.83 44.38 -4.51
CA ALA A 72 -12.84 43.05 -5.12
C ALA A 72 -13.25 41.98 -4.12
N LEU A 73 -12.73 42.06 -2.89
CA LEU A 73 -13.08 41.05 -1.89
C LEU A 73 -14.53 41.17 -1.44
N ILE A 74 -15.07 42.39 -1.34
CA ILE A 74 -16.46 42.51 -0.93
C ILE A 74 -17.41 42.22 -2.10
N ALA A 75 -16.96 42.34 -3.34
CA ALA A 75 -17.77 41.98 -4.49
C ALA A 75 -17.64 40.51 -4.85
N ASP A 76 -16.70 39.79 -4.23
CA ASP A 76 -16.58 38.37 -4.54
C ASP A 76 -17.73 37.55 -3.97
N ILE A 77 -18.24 37.95 -2.80
CA ILE A 77 -19.27 37.14 -2.13
C ILE A 77 -20.63 37.13 -2.84
N PRO A 78 -21.08 38.15 -3.59
CA PRO A 78 -22.25 37.89 -4.46
C PRO A 78 -21.94 36.94 -5.60
N LEU A 79 -20.74 37.00 -6.17
CA LEU A 79 -20.40 35.99 -7.16
C LEU A 79 -19.99 34.67 -6.51
N ASP A 80 -19.66 34.68 -5.22
CA ASP A 80 -19.52 33.44 -4.50
C ASP A 80 -20.86 32.77 -4.23
N LEU A 81 -21.94 33.56 -4.14
CA LEU A 81 -23.27 32.95 -4.07
C LEU A 81 -23.79 32.58 -5.46
N ALA A 82 -24.07 33.58 -6.28
CA ALA A 82 -24.65 33.37 -7.59
C ALA A 82 -23.58 33.02 -8.59
N PHE A 83 -23.92 32.13 -9.53
CA PHE A 83 -23.04 31.48 -10.50
C PHE A 83 -21.93 30.67 -9.85
N GLU A 84 -22.02 30.38 -8.56
CA GLU A 84 -21.06 29.51 -7.92
C GLU A 84 -21.69 28.43 -7.06
N SER A 99 -18.34 26.24 6.51
CA SER A 99 -17.36 26.30 5.44
C SER A 99 -17.63 27.49 4.52
N ARG A 100 -18.16 28.57 5.07
CA ARG A 100 -18.46 29.77 4.30
C ARG A 100 -17.88 30.98 5.00
N LEU A 101 -17.82 30.91 6.33
CA LEU A 101 -17.32 31.99 7.18
C LEU A 101 -15.87 32.47 7.00
N PRO A 102 -14.90 31.73 6.42
CA PRO A 102 -13.64 32.40 6.07
C PRO A 102 -13.78 33.53 5.06
N ASP A 103 -14.59 33.32 4.02
CA ASP A 103 -14.84 34.39 3.06
C ASP A 103 -15.65 35.52 3.70
N LEU A 104 -16.56 35.18 4.62
CA LEU A 104 -17.36 36.19 5.28
C LEU A 104 -16.52 37.03 6.24
N LEU A 105 -15.54 36.41 6.89
CA LEU A 105 -14.66 37.17 7.78
C LEU A 105 -13.58 37.92 7.01
N ALA A 106 -13.20 37.43 5.83
CA ALA A 106 -12.28 38.21 5.01
C ALA A 106 -12.99 39.28 4.22
N ALA A 107 -14.32 39.25 4.19
CA ALA A 107 -15.07 40.17 3.36
C ALA A 107 -15.09 41.58 3.93
N LEU A 108 -15.15 41.71 5.27
CA LEU A 108 -15.37 43.06 5.78
C LEU A 108 -14.07 43.84 5.80
N PRO A 109 -14.14 45.16 5.64
CA PRO A 109 -12.93 45.99 5.81
C PRO A 109 -12.55 46.19 7.27
N LEU A 110 -12.08 45.11 7.90
CA LEU A 110 -11.51 45.21 9.23
C LEU A 110 -10.18 45.94 9.20
N ASP A 111 -9.46 45.85 8.09
CA ASP A 111 -8.31 46.70 7.84
C ASP A 111 -8.78 48.08 7.35
N LEU A 112 -7.81 48.95 7.06
CA LEU A 112 -7.82 50.38 6.73
C LEU A 112 -8.14 51.24 7.94
N LEU A 113 -8.72 50.63 8.97
CA LEU A 113 -9.04 51.33 10.20
C LEU A 113 -7.82 51.41 11.09
N VAL A 114 -7.09 50.30 11.19
CA VAL A 114 -5.81 50.26 11.87
C VAL A 114 -4.82 51.19 11.17
N PHE A 115 -4.78 51.12 9.84
CA PHE A 115 -3.79 51.86 9.08
C PHE A 115 -4.13 53.35 8.95
N ALA A 116 -5.39 53.74 9.16
CA ALA A 116 -5.70 55.17 9.22
C ALA A 116 -5.64 55.74 10.62
N LEU A 117 -6.30 55.11 11.59
CA LEU A 117 -6.34 55.64 12.96
C LEU A 117 -5.09 55.31 13.76
N HIS A 118 -4.14 54.58 13.19
CA HIS A 118 -2.81 54.35 13.75
C HIS A 118 -2.89 53.61 15.09
N LEU A 119 -3.56 52.47 15.05
CA LEU A 119 -3.76 51.65 16.24
C LEU A 119 -2.44 51.05 16.70
N PRO A 120 -2.25 50.90 18.03
CA PRO A 120 -0.98 50.35 18.53
C PRO A 120 -0.83 48.86 18.28
N SER A 121 0.32 48.32 18.67
CA SER A 121 0.82 47.00 18.26
C SER A 121 -0.03 45.78 18.66
N PRO A 122 -0.48 45.59 19.91
CA PRO A 122 -1.27 44.38 20.19
C PRO A 122 -2.69 44.43 19.67
N LEU A 123 -3.13 45.59 19.18
CA LEU A 123 -4.46 45.73 18.61
C LEU A 123 -4.43 45.83 17.09
N SER A 124 -3.27 46.10 16.50
CA SER A 124 -3.14 46.17 15.04
C SER A 124 -3.25 44.80 14.38
N LEU A 125 -2.92 43.74 15.11
CA LEU A 125 -2.74 42.42 14.53
C LEU A 125 -4.04 41.80 14.02
N LEU A 126 -5.20 42.36 14.39
CA LEU A 126 -6.45 41.92 13.80
C LEU A 126 -6.57 42.24 12.32
N SER A 127 -5.71 43.11 11.78
CA SER A 127 -5.62 43.26 10.33
C SER A 127 -5.15 42.00 9.61
N LEU A 128 -4.64 41.00 10.34
CA LEU A 128 -4.37 39.68 9.81
C LEU A 128 -5.61 38.87 9.44
N VAL A 129 -6.82 39.35 9.78
CA VAL A 129 -8.05 38.61 9.48
C VAL A 129 -8.25 38.43 7.98
N ARG A 130 -7.77 39.37 7.17
CA ARG A 130 -7.77 39.22 5.72
C ARG A 130 -7.00 38.00 5.24
N LEU A 131 -5.98 37.59 6.00
CA LEU A 131 -5.21 36.39 5.69
C LEU A 131 -6.01 35.10 5.82
N LEU A 132 -7.23 35.16 6.35
CA LEU A 132 -8.09 33.97 6.34
C LEU A 132 -8.68 33.69 4.97
N LYS A 133 -8.45 34.58 4.00
CA LYS A 133 -9.00 34.39 2.66
C LYS A 133 -8.37 33.19 1.95
N LEU A 134 -7.14 32.83 2.33
CA LEU A 134 -6.41 31.74 1.68
C LEU A 134 -7.07 30.38 1.85
N ILE A 135 -7.91 30.21 2.86
CA ILE A 135 -8.67 28.98 2.99
C ILE A 135 -9.67 28.85 1.86
N SER A 136 -10.32 29.97 1.49
CA SER A 136 -11.29 29.95 0.41
C SER A 136 -10.63 29.69 -0.94
N VAL A 137 -9.48 30.31 -1.18
CA VAL A 137 -8.75 30.11 -2.43
C VAL A 137 -8.18 28.70 -2.50
N GLN A 138 -7.77 28.16 -1.35
CA GLN A 138 -7.31 26.77 -1.28
C GLN A 138 -8.45 25.82 -1.61
N ARG A 139 -9.62 26.03 -1.02
CA ARG A 139 -10.75 25.14 -1.28
C ARG A 139 -11.32 25.31 -2.68
N SER A 140 -11.11 26.45 -3.33
CA SER A 140 -11.53 26.57 -4.71
C SER A 140 -10.56 25.89 -5.67
N ALA A 141 -9.26 26.14 -5.48
CA ALA A 141 -8.24 25.58 -6.37
C ALA A 141 -8.02 24.10 -6.14
N THR A 142 -8.43 23.54 -5.01
CA THR A 142 -8.31 22.11 -4.81
C THR A 142 -9.42 21.31 -5.48
N ARG A 143 -10.37 21.99 -6.15
CA ARG A 143 -11.41 21.29 -6.88
C ARG A 143 -11.58 21.78 -8.31
N ILE A 144 -11.17 22.99 -8.65
CA ILE A 144 -11.33 23.41 -10.05
C ILE A 144 -10.33 22.74 -10.97
N LEU A 145 -9.24 22.19 -10.44
CA LEU A 145 -8.28 21.46 -11.25
C LEU A 145 -7.83 20.21 -10.53
N SER A 146 -8.78 19.52 -9.89
CA SER A 146 -8.46 18.36 -9.07
C SER A 146 -8.32 17.09 -9.90
N TYR A 147 -8.54 17.17 -11.22
CA TYR A 147 -8.30 15.99 -12.06
C TYR A 147 -7.49 16.31 -13.29
N ARG A 148 -6.90 17.49 -13.39
CA ARG A 148 -5.87 17.72 -14.38
C ARG A 148 -4.57 17.04 -13.96
N ILE A 149 -4.19 17.20 -12.70
CA ILE A 149 -2.92 16.72 -12.22
C ILE A 149 -3.12 15.78 -11.03
N ASN A 150 -2.04 15.15 -10.60
CA ASN A 150 -1.98 14.23 -9.48
C ASN A 150 -2.33 15.00 -8.19
N PRO A 151 -3.27 14.52 -7.38
CA PRO A 151 -3.61 15.22 -6.14
C PRO A 151 -2.53 15.26 -5.08
N ALA A 152 -1.48 14.43 -5.18
CA ALA A 152 -0.35 14.58 -4.29
C ALA A 152 0.55 15.75 -4.66
N LEU A 153 0.80 15.91 -5.97
CA LEU A 153 1.59 17.03 -6.45
C LEU A 153 0.90 18.36 -6.16
N LEU A 154 -0.42 18.39 -6.20
CA LEU A 154 -1.16 19.61 -5.91
C LEU A 154 -0.99 20.01 -4.44
N ARG A 155 -1.06 19.04 -3.53
CA ARG A 155 -0.89 19.34 -2.12
C ARG A 155 0.54 19.76 -1.82
N LEU A 156 1.50 19.16 -2.51
CA LEU A 156 2.90 19.57 -2.32
C LEU A 156 3.16 20.99 -2.81
N LEU A 157 2.61 21.34 -3.98
CA LEU A 157 2.78 22.71 -4.48
C LEU A 157 2.06 23.72 -3.62
N SER A 158 0.88 23.37 -3.10
CA SER A 158 0.17 24.26 -2.18
C SER A 158 0.94 24.46 -0.90
N LEU A 159 1.61 23.40 -0.42
CA LEU A 159 2.38 23.52 0.81
C LEU A 159 3.62 24.38 0.61
N VAL A 160 4.29 24.24 -0.54
CA VAL A 160 5.44 25.09 -0.84
C VAL A 160 5.03 26.55 -0.96
N GLY A 161 3.85 26.79 -1.56
CA GLY A 161 3.33 28.14 -1.65
C GLY A 161 3.03 28.75 -0.29
N PHE A 162 2.36 28.01 0.58
CA PHE A 162 2.09 28.50 1.93
C PHE A 162 3.35 28.65 2.77
N ILE A 163 4.37 27.83 2.54
CA ILE A 163 5.60 27.93 3.32
C ILE A 163 6.38 29.18 2.95
N LEU A 164 6.49 29.50 1.65
CA LEU A 164 7.14 30.75 1.29
C LEU A 164 6.32 31.95 1.73
N LEU A 165 5.00 31.87 1.56
CA LEU A 165 4.13 32.99 1.88
C LEU A 165 4.02 33.22 3.38
N ALA A 166 4.30 32.19 4.19
CA ALA A 166 4.36 32.33 5.64
C ALA A 166 5.75 32.62 6.15
N ALA A 167 6.79 32.24 5.41
CA ALA A 167 8.14 32.67 5.75
C ALA A 167 8.28 34.17 5.62
N HIS A 168 7.56 34.77 4.67
CA HIS A 168 7.52 36.23 4.60
C HIS A 168 6.92 36.85 5.85
N GLY A 169 5.82 36.28 6.35
CA GLY A 169 5.19 36.84 7.55
C GLY A 169 6.03 36.64 8.80
N ILE A 170 6.68 35.47 8.91
CA ILE A 170 7.55 35.22 10.05
C ILE A 170 8.77 36.14 10.01
N ALA A 171 9.29 36.42 8.81
CA ALA A 171 10.41 37.34 8.69
C ALA A 171 9.99 38.76 9.05
N CYS A 172 8.77 39.15 8.70
CA CYS A 172 8.27 40.45 9.11
C CYS A 172 8.10 40.54 10.62
N GLY A 173 7.67 39.46 11.26
CA GLY A 173 7.56 39.47 12.71
C GLY A 173 8.90 39.56 13.41
N TRP A 174 9.90 38.83 12.89
CA TRP A 174 11.25 38.91 13.43
C TRP A 174 11.85 40.29 13.26
N MET A 175 11.65 40.90 12.10
CA MET A 175 12.09 42.26 11.87
C MET A 175 11.34 43.25 12.73
N SER A 176 10.09 42.93 13.09
CA SER A 176 9.30 43.80 13.96
C SER A 176 9.88 43.84 15.37
N LEU A 177 10.16 42.69 15.96
CA LEU A 177 10.67 42.73 17.33
C LEU A 177 12.19 42.74 17.41
N GLN A 178 12.81 43.62 16.64
CA GLN A 178 14.22 43.97 16.73
C GLN A 178 14.40 45.27 17.50
N PRO A 179 15.57 45.48 18.11
CA PRO A 179 15.89 46.81 18.62
C PRO A 179 16.07 47.79 17.49
N PRO A 180 15.37 48.93 17.52
CA PRO A 180 15.39 49.86 16.38
C PRO A 180 16.71 50.59 16.27
N SER A 181 17.20 50.74 15.04
CA SER A 181 18.43 51.47 14.77
C SER A 181 18.41 51.94 13.32
N GLU A 182 19.44 52.70 12.96
CA GLU A 182 19.56 53.23 11.61
C GLU A 182 20.06 52.14 10.69
N ASN A 183 19.19 51.69 9.79
CA ASN A 183 19.42 50.51 8.97
C ASN A 183 18.46 50.58 7.80
N PRO A 184 18.94 50.48 6.55
CA PRO A 184 18.04 50.56 5.40
C PRO A 184 17.09 49.38 5.34
N ALA A 185 15.91 49.60 4.77
CA ALA A 185 14.84 48.62 4.77
C ALA A 185 15.06 47.48 3.78
N GLY A 186 16.22 47.41 3.14
CA GLY A 186 16.55 46.24 2.35
C GLY A 186 17.39 45.28 3.18
N THR A 187 18.44 45.80 3.82
CA THR A 187 19.36 44.95 4.55
C THR A 187 18.88 44.62 5.96
N ARG A 188 17.73 45.13 6.39
CA ARG A 188 17.12 44.63 7.61
C ARG A 188 16.02 43.62 7.33
N TYR A 189 15.46 43.62 6.12
CA TYR A 189 14.57 42.56 5.69
C TYR A 189 15.31 41.35 5.18
N LEU A 190 16.47 41.57 4.56
CA LEU A 190 17.20 40.45 3.95
C LEU A 190 17.80 39.56 5.02
N SER A 191 18.28 40.14 6.12
CA SER A 191 18.77 39.33 7.22
C SER A 191 17.66 38.58 7.93
N ALA A 192 16.47 39.18 8.03
CA ALA A 192 15.36 38.49 8.68
C ALA A 192 14.85 37.35 7.82
N PHE A 193 14.86 37.51 6.50
CA PHE A 193 14.42 36.42 5.65
C PHE A 193 15.45 35.31 5.61
N TYR A 194 16.73 35.67 5.64
CA TYR A 194 17.81 34.70 5.79
C TYR A 194 17.68 33.90 7.08
N TRP A 195 17.31 34.56 8.17
CA TRP A 195 17.14 33.85 9.44
C TRP A 195 15.93 32.92 9.41
N THR A 196 14.81 33.38 8.88
CA THR A 196 13.64 32.52 8.87
C THR A 196 13.69 31.46 7.80
N ILE A 197 14.67 31.49 6.89
CA ILE A 197 14.88 30.31 6.04
C ILE A 197 15.88 29.34 6.68
N THR A 198 16.90 29.87 7.34
CA THR A 198 17.85 29.03 8.09
C THR A 198 17.17 28.26 9.22
N THR A 199 16.13 28.82 9.83
CA THR A 199 15.45 28.12 10.91
C THR A 199 14.42 27.12 10.40
N LEU A 200 13.62 27.49 9.40
CA LEU A 200 12.56 26.61 8.92
C LEU A 200 13.10 25.41 8.14
N THR A 201 14.24 25.54 7.52
CA THR A 201 14.77 24.41 6.78
C THR A 201 15.73 23.64 7.65
N THR A 202 15.63 23.84 8.97
CA THR A 202 16.47 23.19 9.96
C THR A 202 17.95 23.08 9.66
N ILE A 203 18.57 24.14 9.15
CA ILE A 203 19.99 24.09 8.91
C ILE A 203 20.56 24.65 10.18
N GLY A 204 20.19 25.89 10.49
CA GLY A 204 20.62 26.47 11.73
C GLY A 204 22.10 26.77 11.77
N TYR A 205 22.56 27.77 11.02
CA TYR A 205 23.96 28.17 11.13
C TYR A 205 24.28 28.70 12.52
N GLY A 206 23.52 29.69 12.97
CA GLY A 206 23.75 30.21 14.30
C GLY A 206 24.57 31.46 14.33
N ASP A 207 24.69 32.15 13.20
CA ASP A 207 25.45 33.39 13.15
C ASP A 207 24.69 34.56 13.75
N ILE A 208 23.38 34.64 13.53
CA ILE A 208 22.56 35.64 14.21
C ILE A 208 21.43 34.91 14.94
N THR A 209 21.32 35.18 16.24
CA THR A 209 20.63 34.40 17.26
C THR A 209 19.74 35.31 18.08
N PRO A 210 18.83 34.78 18.90
CA PRO A 210 18.07 35.65 19.82
C PRO A 210 18.93 36.30 20.88
N SER A 211 18.51 37.48 21.31
CA SER A 211 19.15 38.22 22.39
C SER A 211 18.28 38.37 23.61
N THR A 212 17.09 38.93 23.47
CA THR A 212 16.15 39.20 24.54
C THR A 212 15.25 37.98 24.77
N PRO A 213 14.59 37.89 25.93
CA PRO A 213 13.62 36.80 26.12
C PRO A 213 12.44 36.84 25.18
N THR A 214 11.95 38.02 24.83
CA THR A 214 10.83 38.09 23.91
C THR A 214 11.20 37.71 22.48
N GLN A 215 12.48 37.72 22.13
CA GLN A 215 12.93 37.10 20.90
C GLN A 215 13.01 35.59 21.04
N THR A 216 13.40 35.11 22.22
CA THR A 216 13.65 33.69 22.39
C THR A 216 12.35 32.90 22.40
N VAL A 217 11.27 33.48 22.92
CA VAL A 217 9.98 32.81 22.88
C VAL A 217 9.48 32.68 21.43
N TYR A 218 9.66 33.75 20.65
CA TYR A 218 9.28 33.74 19.24
C TYR A 218 10.13 32.74 18.46
N THR A 219 11.39 32.62 18.85
CA THR A 219 12.28 31.65 18.21
C THR A 219 11.89 30.22 18.53
N ILE A 220 11.46 29.95 19.77
CA ILE A 220 11.03 28.60 20.13
C ILE A 220 9.77 28.22 19.35
N VAL A 221 8.81 29.15 19.27
CA VAL A 221 7.55 28.79 18.61
C VAL A 221 7.73 28.66 17.09
N ILE A 222 8.64 29.42 16.49
CA ILE A 222 8.82 29.15 15.06
C ILE A 222 9.83 28.05 14.79
N GLU A 223 10.63 27.61 15.77
CA GLU A 223 11.34 26.34 15.61
C GLU A 223 10.38 25.19 15.56
N LEU A 224 9.34 25.22 16.40
CA LEU A 224 8.29 24.21 16.31
C LEU A 224 7.58 24.27 14.97
N LEU A 225 7.29 25.49 14.48
CA LEU A 225 6.65 25.59 13.16
C LEU A 225 7.56 25.14 12.04
N GLY A 226 8.88 25.36 12.15
CA GLY A 226 9.80 24.93 11.14
C GLY A 226 9.92 23.43 11.07
N ALA A 227 9.99 22.78 12.24
CA ALA A 227 10.01 21.32 12.28
C ALA A 227 8.71 20.74 11.73
N ALA A 228 7.58 21.40 12.01
CA ALA A 228 6.30 20.93 11.48
C ALA A 228 6.23 21.04 9.97
N MET A 229 6.60 22.20 9.42
CA MET A 229 6.52 22.41 7.98
C MET A 229 7.51 21.52 7.22
N TYR A 230 8.69 21.32 7.78
CA TYR A 230 9.66 20.48 7.09
C TYR A 230 9.30 19.00 7.20
N GLY A 231 8.65 18.59 8.29
CA GLY A 231 8.11 17.25 8.35
C GLY A 231 6.98 17.04 7.35
N LEU A 232 6.15 18.08 7.15
CA LEU A 232 5.10 17.97 6.15
C LEU A 232 5.65 17.90 4.74
N VAL A 233 6.73 18.63 4.46
CA VAL A 233 7.35 18.56 3.14
C VAL A 233 7.94 17.17 2.88
N ILE A 234 8.64 16.61 3.87
CA ILE A 234 9.23 15.28 3.68
C ILE A 234 8.14 14.21 3.58
N GLY A 235 7.04 14.37 4.32
CA GLY A 235 5.94 13.43 4.22
C GLY A 235 5.24 13.50 2.88
N ASN A 236 5.08 14.70 2.32
CA ASN A 236 4.44 14.80 1.02
C ASN A 236 5.33 14.33 -0.11
N ILE A 237 6.65 14.55 -0.01
CA ILE A 237 7.55 14.02 -1.02
C ILE A 237 7.60 12.50 -0.95
N ALA A 238 7.59 11.94 0.27
CA ALA A 238 7.54 10.50 0.43
C ALA A 238 6.25 9.89 -0.08
N SER A 239 5.12 10.53 0.13
CA SER A 239 3.86 10.04 -0.43
C SER A 239 3.77 10.27 -1.92
N LEU A 240 4.56 11.18 -2.48
CA LEU A 240 4.54 11.42 -3.91
C LEU A 240 5.40 10.42 -4.65
N VAL A 241 6.57 10.06 -4.12
CA VAL A 241 7.45 9.12 -4.83
C VAL A 241 7.22 7.67 -4.42
N SER A 242 6.28 7.41 -3.52
CA SER A 242 5.98 6.02 -3.19
C SER A 242 5.04 5.39 -4.19
N LYS A 243 4.01 6.12 -4.62
CA LYS A 243 3.05 5.64 -5.59
C LYS A 243 3.41 6.11 -7.00
N LEU A 244 4.67 6.45 -7.22
CA LEU A 244 5.08 7.04 -8.49
C LEU A 244 5.14 5.98 -9.59
N ASP A 245 5.60 4.78 -9.28
CA ASP A 245 5.60 3.67 -10.21
C ASP A 245 4.87 2.50 -9.57
N ALA A 246 3.59 2.35 -9.88
CA ALA A 246 2.79 1.25 -9.38
C ALA A 246 2.54 0.20 -10.44
N ALA A 247 2.22 0.63 -11.66
CA ALA A 247 2.03 -0.30 -12.76
C ALA A 247 3.30 -1.04 -13.11
N LYS A 248 4.45 -0.43 -12.91
CA LYS A 248 5.73 -1.01 -13.28
C LYS A 248 6.33 -1.82 -12.14
N LEU A 249 5.82 -1.66 -10.93
CA LEU A 249 6.29 -2.40 -9.78
C LEU A 249 5.39 -3.58 -9.46
N LEU A 250 4.10 -3.46 -9.74
CA LEU A 250 3.19 -4.59 -9.58
C LEU A 250 3.49 -5.68 -10.60
N HIS A 251 3.78 -5.29 -11.84
CA HIS A 251 4.23 -6.22 -12.86
C HIS A 251 5.53 -6.89 -12.50
N ARG A 252 6.46 -6.17 -11.91
CA ARG A 252 7.71 -6.75 -11.47
C ARG A 252 7.52 -7.71 -10.31
N GLU A 253 6.59 -7.43 -9.41
CA GLU A 253 6.28 -8.36 -8.34
C GLU A 253 5.62 -9.64 -8.82
N ARG A 254 4.72 -9.55 -9.80
CA ARG A 254 4.06 -10.74 -10.35
C ARG A 254 5.01 -11.70 -11.04
N VAL A 255 5.96 -11.19 -11.82
CA VAL A 255 6.96 -12.04 -12.45
C VAL A 255 7.88 -12.72 -11.44
N GLU A 256 8.32 -11.99 -10.42
CA GLU A 256 9.11 -12.55 -9.35
C GLU A 256 8.36 -13.60 -8.55
N ARG A 257 7.04 -13.43 -8.39
CA ARG A 257 6.17 -14.46 -7.82
C ARG A 257 6.09 -15.72 -8.65
N VAL A 258 5.79 -15.60 -9.94
CA VAL A 258 5.71 -16.76 -10.83
C VAL A 258 7.03 -17.49 -10.95
N THR A 259 8.15 -16.78 -11.06
CA THR A 259 9.47 -17.38 -11.15
C THR A 259 9.85 -18.14 -9.89
N ALA A 260 9.63 -17.53 -8.72
CA ALA A 260 9.98 -18.19 -7.46
C ALA A 260 9.03 -19.34 -7.16
N PHE A 261 7.84 -19.34 -7.74
CA PHE A 261 7.03 -20.54 -7.60
C PHE A 261 7.51 -21.64 -8.52
N LEU A 262 7.78 -21.33 -9.79
CA LEU A 262 8.16 -22.37 -10.74
C LEU A 262 9.57 -22.90 -10.54
N SER A 263 10.41 -22.20 -9.80
CA SER A 263 11.68 -22.81 -9.45
C SER A 263 11.51 -23.88 -8.39
N TYR A 264 10.45 -23.79 -7.58
CA TYR A 264 10.18 -24.85 -6.60
C TYR A 264 9.75 -26.14 -7.28
N LYS A 265 8.98 -26.04 -8.36
CA LYS A 265 8.51 -27.24 -9.05
C LYS A 265 9.58 -27.89 -9.91
N ARG A 266 10.80 -27.34 -9.92
CA ARG A 266 11.96 -27.87 -10.65
C ARG A 266 11.66 -27.97 -12.15
N ILE A 267 11.34 -26.82 -12.70
CA ILE A 267 10.86 -26.70 -14.06
C ILE A 267 12.06 -26.51 -14.97
N SER A 268 11.87 -26.72 -16.27
CA SER A 268 12.97 -26.61 -17.20
C SER A 268 13.34 -25.14 -17.42
N PRO A 269 14.61 -24.83 -17.66
CA PRO A 269 15.01 -23.43 -17.87
C PRO A 269 14.58 -22.84 -19.20
N GLU A 270 14.39 -23.67 -20.23
CA GLU A 270 13.95 -23.16 -21.53
C GLU A 270 12.54 -22.61 -21.46
N LEU A 271 11.63 -23.37 -20.86
CA LEU A 271 10.26 -22.92 -20.70
C LEU A 271 10.17 -21.73 -19.76
N GLN A 272 11.04 -21.68 -18.75
CA GLN A 272 11.05 -20.54 -17.85
C GLN A 272 11.53 -19.27 -18.56
N ARG A 273 12.50 -19.41 -19.47
CA ARG A 273 12.90 -18.28 -20.30
C ARG A 273 11.77 -17.85 -21.23
N ARG A 274 10.99 -18.81 -21.72
CA ARG A 274 9.86 -18.46 -22.57
C ARG A 274 8.76 -17.73 -21.79
N ILE A 275 8.55 -18.09 -20.52
CA ILE A 275 7.57 -17.36 -19.70
C ILE A 275 8.06 -15.95 -19.41
N ILE A 276 9.36 -15.79 -19.15
CA ILE A 276 9.89 -14.46 -18.88
C ILE A 276 9.81 -13.57 -20.12
N GLU A 277 10.03 -14.12 -21.31
CA GLU A 277 9.87 -13.29 -22.49
C GLU A 277 8.40 -13.03 -22.83
N TYR A 278 7.49 -13.91 -22.42
CA TYR A 278 6.07 -13.60 -22.50
C TYR A 278 5.70 -12.40 -21.64
N PHE A 279 6.21 -12.37 -20.41
CA PHE A 279 5.92 -11.22 -19.56
C PHE A 279 6.60 -9.95 -20.05
N ASP A 280 7.73 -10.08 -20.76
CA ASP A 280 8.34 -8.90 -21.36
C ASP A 280 7.49 -8.34 -22.50
N TYR A 281 6.93 -9.22 -23.33
CA TYR A 281 6.02 -8.78 -24.40
C TYR A 281 4.76 -8.13 -23.82
N LEU A 282 4.17 -8.77 -22.82
CA LEU A 282 2.96 -8.25 -22.22
C LEU A 282 3.20 -6.97 -21.44
N TRP A 283 4.42 -6.73 -20.96
CA TRP A 283 4.69 -5.41 -20.43
C TRP A 283 4.86 -4.38 -21.54
N GLU A 284 5.71 -4.67 -22.53
CA GLU A 284 6.03 -3.61 -23.46
C GLU A 284 4.97 -3.37 -24.53
N THR A 285 3.84 -4.09 -24.51
CA THR A 285 2.74 -3.71 -25.38
C THR A 285 1.59 -3.04 -24.63
N ARG A 286 0.99 -3.69 -23.63
CA ARG A 286 -0.20 -3.13 -23.00
C ARG A 286 0.00 -2.82 -21.53
N ARG A 287 1.26 -2.67 -21.10
CA ARG A 287 1.65 -2.25 -19.76
C ARG A 287 1.13 -3.18 -18.68
N GLY A 288 1.31 -4.48 -18.87
CA GLY A 288 1.12 -5.44 -17.82
C GLY A 288 -0.30 -5.89 -17.58
N TYR A 289 -1.29 -5.11 -18.00
CA TYR A 289 -2.65 -5.36 -17.56
C TYR A 289 -3.28 -6.48 -18.37
N GLU A 290 -3.99 -7.37 -17.69
CA GLU A 290 -4.66 -8.48 -18.35
C GLU A 290 -5.90 -7.96 -19.05
N GLU A 291 -6.26 -8.60 -20.17
CA GLU A 291 -7.35 -8.11 -21.01
C GLU A 291 -8.70 -8.19 -20.34
N ARG A 292 -9.04 -9.32 -19.72
CA ARG A 292 -10.39 -9.55 -19.26
C ARG A 292 -10.67 -8.97 -17.88
N GLU A 293 -9.64 -8.50 -17.18
CA GLU A 293 -9.86 -7.76 -15.94
C GLU A 293 -9.96 -6.27 -16.15
N VAL A 294 -9.57 -5.75 -17.32
CA VAL A 294 -9.73 -4.32 -17.57
C VAL A 294 -11.15 -4.01 -18.01
N LEU A 295 -11.63 -4.65 -19.07
CA LEU A 295 -12.99 -4.37 -19.49
C LEU A 295 -14.00 -5.26 -18.79
N LYS A 296 -13.86 -5.38 -17.47
CA LYS A 296 -14.91 -5.86 -16.60
C LYS A 296 -15.44 -4.72 -15.75
N GLU A 297 -14.75 -3.59 -15.73
CA GLU A 297 -15.13 -2.41 -14.97
C GLU A 297 -15.96 -1.44 -15.78
N LEU A 298 -16.17 -1.71 -17.05
CA LEU A 298 -17.06 -0.91 -17.86
C LEU A 298 -18.48 -1.44 -17.71
N PRO A 299 -19.48 -0.61 -17.87
CA PRO A 299 -20.85 -1.12 -17.82
C PRO A 299 -21.21 -1.77 -19.13
N HIS A 300 -22.38 -2.38 -19.21
CA HIS A 300 -22.79 -3.12 -20.40
C HIS A 300 -22.85 -2.35 -21.72
N PRO A 301 -23.38 -1.10 -21.81
CA PRO A 301 -23.37 -0.46 -23.12
C PRO A 301 -21.99 -0.03 -23.57
N LEU A 302 -21.13 0.39 -22.66
CA LEU A 302 -19.78 0.77 -23.06
C LEU A 302 -18.94 -0.45 -23.42
N ARG A 303 -19.14 -1.55 -22.70
CA ARG A 303 -18.41 -2.77 -23.02
C ARG A 303 -18.85 -3.34 -24.35
N LEU A 304 -20.16 -3.27 -24.63
CA LEU A 304 -20.68 -3.64 -25.94
C LEU A 304 -20.10 -2.76 -27.04
N ALA A 305 -20.01 -1.45 -26.80
CA ALA A 305 -19.50 -0.56 -27.83
C ALA A 305 -18.01 -0.75 -28.08
N VAL A 306 -17.24 -1.06 -27.03
CA VAL A 306 -15.82 -1.33 -27.20
C VAL A 306 -15.60 -2.61 -27.97
N ALA A 307 -16.34 -3.67 -27.62
CA ALA A 307 -16.22 -4.93 -28.37
C ALA A 307 -16.70 -4.77 -29.81
N MET A 308 -17.66 -3.88 -30.04
CA MET A 308 -18.11 -3.60 -31.39
C MET A 308 -17.06 -2.86 -32.19
N GLU A 309 -16.35 -1.92 -31.57
CA GLU A 309 -15.32 -1.20 -32.30
C GLU A 309 -14.11 -2.07 -32.56
N ILE A 310 -13.85 -3.05 -31.70
CA ILE A 310 -12.74 -3.96 -31.94
C ILE A 310 -13.09 -4.96 -33.04
N HIS A 311 -14.16 -5.72 -32.85
CA HIS A 311 -14.48 -6.80 -33.77
C HIS A 311 -15.50 -6.36 -34.81
N GLY A 312 -15.15 -5.32 -35.56
CA GLY A 312 -16.07 -4.83 -36.58
C GLY A 312 -15.77 -5.42 -37.94
N ASP A 313 -14.52 -5.30 -38.38
CA ASP A 313 -14.09 -5.82 -39.66
C ASP A 313 -13.77 -7.32 -39.62
N VAL A 314 -13.79 -7.90 -38.43
CA VAL A 314 -13.39 -9.29 -38.25
C VAL A 314 -14.57 -10.23 -38.44
N ILE A 315 -15.77 -9.80 -38.07
CA ILE A 315 -16.91 -10.70 -38.08
C ILE A 315 -17.77 -10.54 -39.34
N GLU A 316 -17.52 -9.51 -40.14
CA GLU A 316 -18.15 -9.41 -41.46
C GLU A 316 -17.23 -9.98 -42.54
N LYS A 317 -16.76 -11.20 -42.29
CA LYS A 317 -16.01 -11.96 -43.28
C LYS A 317 -16.40 -13.42 -43.38
N VAL A 318 -16.98 -14.01 -42.33
CA VAL A 318 -17.23 -15.45 -42.29
C VAL A 318 -18.40 -15.83 -43.18
N PRO A 319 -18.35 -16.97 -43.87
CA PRO A 319 -19.50 -17.41 -44.65
C PRO A 319 -20.48 -18.25 -43.87
N LEU A 320 -20.77 -17.87 -42.65
CA LEU A 320 -21.85 -18.48 -41.87
C LEU A 320 -22.73 -17.44 -41.24
N PHE A 321 -22.19 -16.27 -40.92
CA PHE A 321 -22.94 -15.22 -40.25
C PHE A 321 -23.43 -14.20 -41.26
N LYS A 322 -23.24 -14.48 -42.54
CA LYS A 322 -23.58 -13.56 -43.62
C LYS A 322 -25.09 -13.54 -43.81
N GLY A 323 -25.66 -12.34 -43.70
CA GLY A 323 -27.10 -12.18 -43.73
C GLY A 323 -27.78 -12.42 -42.40
N ALA A 324 -27.05 -12.83 -41.38
CA ALA A 324 -27.64 -13.00 -40.06
C ALA A 324 -27.91 -11.63 -39.45
N GLY A 325 -28.80 -11.62 -38.47
CA GLY A 325 -29.28 -10.38 -37.89
C GLY A 325 -28.23 -9.68 -37.06
N GLU A 326 -28.58 -8.45 -36.66
CA GLU A 326 -27.69 -7.66 -35.83
C GLU A 326 -27.63 -8.17 -34.40
N GLU A 327 -28.73 -8.67 -33.85
CA GLU A 327 -28.76 -9.15 -32.48
C GLU A 327 -28.15 -10.54 -32.32
N PHE A 328 -27.67 -11.14 -33.39
CA PHE A 328 -26.85 -12.34 -33.29
C PHE A 328 -25.37 -12.01 -33.23
N ILE A 329 -24.96 -11.00 -33.98
CA ILE A 329 -23.59 -10.51 -33.91
C ILE A 329 -23.31 -9.93 -32.54
N ARG A 330 -24.26 -9.17 -32.00
CA ARG A 330 -24.09 -8.56 -30.68
C ARG A 330 -24.19 -9.57 -29.55
N ASP A 331 -24.55 -10.81 -29.85
CA ASP A 331 -24.46 -11.85 -28.84
C ASP A 331 -23.23 -12.72 -28.98
N ILE A 332 -22.73 -12.96 -30.20
CA ILE A 332 -21.48 -13.70 -30.30
C ILE A 332 -20.27 -12.80 -30.04
N ILE A 333 -20.43 -11.48 -30.11
CA ILE A 333 -19.28 -10.59 -29.99
C ILE A 333 -18.93 -10.32 -28.54
N LEU A 334 -19.81 -10.67 -27.61
CA LEU A 334 -19.53 -10.51 -26.20
C LEU A 334 -18.98 -11.76 -25.56
N HIS A 335 -18.89 -12.87 -26.29
CA HIS A 335 -18.43 -14.13 -25.74
C HIS A 335 -17.11 -14.58 -26.33
N LEU A 336 -16.37 -13.69 -26.96
CA LEU A 336 -15.03 -14.03 -27.45
C LEU A 336 -14.05 -13.94 -26.29
N GLU A 337 -13.07 -14.82 -26.29
CA GLU A 337 -12.11 -14.91 -25.20
C GLU A 337 -10.70 -14.74 -25.73
N PRO A 338 -9.92 -13.81 -25.18
CA PRO A 338 -8.56 -13.60 -25.69
C PRO A 338 -7.53 -14.58 -25.16
N VAL A 339 -6.71 -15.09 -26.07
CA VAL A 339 -5.54 -15.89 -25.71
C VAL A 339 -4.36 -15.36 -26.49
N ILE A 340 -3.16 -15.66 -26.01
CA ILE A 340 -1.93 -15.13 -26.59
C ILE A 340 -0.96 -16.28 -26.76
N TYR A 341 -0.55 -16.55 -27.99
CA TYR A 341 0.39 -17.61 -28.29
C TYR A 341 1.76 -17.01 -28.59
N GLY A 342 2.80 -17.64 -28.03
CA GLY A 342 4.15 -17.21 -28.30
C GLY A 342 4.62 -17.67 -29.66
N PRO A 343 5.84 -17.24 -30.04
CA PRO A 343 6.35 -17.60 -31.36
C PRO A 343 6.78 -19.06 -31.45
N GLY A 344 6.10 -19.83 -32.29
CA GLY A 344 6.39 -21.24 -32.46
C GLY A 344 5.44 -22.16 -31.72
N GLU A 345 4.45 -21.62 -31.01
CA GLU A 345 3.46 -22.47 -30.36
C GLU A 345 2.59 -23.17 -31.40
N TYR A 346 2.08 -24.33 -31.02
CA TYR A 346 1.12 -25.04 -31.85
C TYR A 346 -0.27 -24.59 -31.44
N ILE A 347 -0.93 -23.83 -32.30
CA ILE A 347 -2.32 -23.48 -32.05
C ILE A 347 -3.22 -24.68 -32.32
N ILE A 348 -3.15 -25.22 -33.53
CA ILE A 348 -3.92 -26.39 -33.93
C ILE A 348 -2.94 -27.44 -34.43
N ARG A 349 -3.07 -28.66 -33.93
CA ARG A 349 -2.35 -29.79 -34.48
C ARG A 349 -3.29 -30.60 -35.36
N ALA A 350 -2.84 -30.95 -36.55
CA ALA A 350 -3.67 -31.74 -37.46
C ALA A 350 -3.78 -33.16 -36.94
N GLY A 351 -5.01 -33.64 -36.84
CA GLY A 351 -5.30 -34.91 -36.23
C GLY A 351 -5.99 -34.82 -34.89
N GLU A 352 -6.00 -33.66 -34.27
CA GLU A 352 -6.75 -33.43 -33.05
C GLU A 352 -8.23 -33.35 -33.37
N MET A 353 -9.06 -33.39 -32.34
CA MET A 353 -10.50 -33.29 -32.56
C MET A 353 -10.88 -31.90 -33.01
N GLY A 354 -10.51 -30.88 -32.23
CA GLY A 354 -10.71 -29.51 -32.64
C GLY A 354 -12.12 -29.03 -32.33
N SER A 355 -12.23 -27.94 -31.58
CA SER A 355 -13.56 -27.52 -31.15
C SER A 355 -13.77 -26.01 -31.25
N ASP A 356 -12.73 -25.25 -31.53
CA ASP A 356 -12.84 -23.80 -31.45
C ASP A 356 -12.35 -23.12 -32.72
N VAL A 357 -12.83 -21.90 -32.94
CA VAL A 357 -12.49 -21.06 -34.08
C VAL A 357 -11.78 -19.81 -33.59
N TYR A 358 -10.70 -19.44 -34.28
CA TYR A 358 -9.79 -18.39 -33.83
C TYR A 358 -9.85 -17.20 -34.76
N PHE A 359 -10.01 -16.01 -34.19
CA PHE A 359 -9.97 -14.75 -34.95
C PHE A 359 -8.68 -14.04 -34.59
N ILE A 360 -7.93 -13.59 -35.60
CA ILE A 360 -6.65 -12.94 -35.36
C ILE A 360 -6.85 -11.44 -35.26
N ASN A 361 -6.27 -10.83 -34.22
CA ASN A 361 -6.37 -9.40 -34.03
C ASN A 361 -5.06 -8.67 -34.31
N ARG A 362 -3.93 -9.19 -33.86
CA ARG A 362 -2.73 -8.38 -33.96
C ARG A 362 -1.55 -9.05 -34.64
N GLY A 363 -1.31 -10.33 -34.38
CA GLY A 363 -0.10 -10.98 -34.85
C GLY A 363 -0.21 -11.50 -36.27
N SER A 364 0.67 -12.43 -36.59
CA SER A 364 0.62 -13.21 -37.82
C SER A 364 0.75 -14.68 -37.47
N VAL A 365 0.39 -15.53 -38.43
CA VAL A 365 0.36 -16.97 -38.19
C VAL A 365 0.59 -17.66 -39.53
N GLU A 366 1.01 -18.92 -39.46
CA GLU A 366 1.31 -19.70 -40.66
C GLU A 366 0.60 -21.03 -40.60
N VAL A 367 0.20 -21.52 -41.77
CA VAL A 367 -0.60 -22.73 -41.89
C VAL A 367 0.26 -23.79 -42.55
N LEU A 368 0.41 -24.94 -41.89
CA LEU A 368 1.27 -25.99 -42.39
C LEU A 368 0.46 -27.26 -42.63
N SER A 369 1.10 -28.21 -43.31
CA SER A 369 0.48 -29.50 -43.60
C SER A 369 0.64 -30.43 -42.39
N ALA A 370 0.25 -31.69 -42.58
CA ALA A 370 0.24 -32.62 -41.46
C ALA A 370 1.65 -33.06 -41.07
N ASP A 371 2.62 -32.93 -41.98
CA ASP A 371 4.00 -33.27 -41.66
C ASP A 371 4.82 -32.06 -41.24
N GLU A 372 4.21 -30.87 -41.20
CA GLU A 372 4.85 -29.59 -40.87
C GLU A 372 6.04 -29.29 -41.78
N LYS A 373 5.88 -29.60 -43.05
CA LYS A 373 6.95 -29.41 -44.03
C LYS A 373 6.56 -28.51 -45.20
N THR A 374 5.34 -28.62 -45.69
CA THR A 374 4.90 -27.88 -46.86
C THR A 374 3.90 -26.82 -46.45
N ARG A 375 4.31 -25.55 -46.56
CA ARG A 375 3.49 -24.43 -46.14
C ARG A 375 2.31 -24.25 -47.09
N TYR A 376 1.10 -24.11 -46.55
CA TYR A 376 -0.05 -23.82 -47.39
C TYR A 376 -0.13 -22.32 -47.69
N ALA A 377 -0.29 -21.51 -46.65
CA ALA A 377 -0.40 -20.06 -46.81
C ALA A 377 -0.04 -19.39 -45.48
N ILE A 378 -0.22 -18.07 -45.43
CA ILE A 378 0.11 -17.27 -44.26
C ILE A 378 -1.08 -16.34 -43.99
N LEU A 379 -1.47 -16.23 -42.74
CA LEU A 379 -2.60 -15.42 -42.33
C LEU A 379 -2.12 -14.29 -41.42
N SER A 380 -2.69 -13.11 -41.61
CA SER A 380 -2.28 -11.94 -40.85
C SER A 380 -3.52 -11.41 -40.14
N GLU A 381 -3.40 -10.21 -39.57
CA GLU A 381 -4.48 -9.66 -38.77
C GLU A 381 -5.66 -9.25 -39.66
N GLY A 382 -6.85 -9.33 -39.07
CA GLY A 382 -8.06 -9.10 -39.80
C GLY A 382 -8.74 -10.35 -40.31
N GLN A 383 -8.06 -11.48 -40.32
CA GLN A 383 -8.59 -12.71 -40.86
C GLN A 383 -8.73 -13.75 -39.77
N PHE A 384 -9.17 -14.94 -40.16
CA PHE A 384 -9.55 -15.98 -39.21
C PHE A 384 -9.17 -17.33 -39.77
N PHE A 385 -9.29 -18.36 -38.93
CA PHE A 385 -9.08 -19.73 -39.36
C PHE A 385 -9.83 -20.66 -38.41
N GLY A 386 -9.81 -21.95 -38.73
CA GLY A 386 -10.44 -22.94 -37.88
C GLY A 386 -11.94 -22.88 -37.81
N GLU A 387 -12.59 -22.27 -38.81
CA GLU A 387 -14.02 -22.03 -38.72
C GLU A 387 -14.86 -23.26 -39.00
N MET A 388 -14.25 -24.33 -39.50
CA MET A 388 -14.98 -25.54 -39.87
C MET A 388 -15.08 -26.48 -38.68
N ALA A 389 -15.49 -25.93 -37.54
CA ALA A 389 -15.71 -26.73 -36.34
C ALA A 389 -16.98 -26.37 -35.62
N LEU A 390 -17.61 -25.23 -35.94
CA LEU A 390 -18.85 -24.85 -35.28
C LEU A 390 -20.00 -25.73 -35.75
N ILE A 391 -20.02 -26.04 -37.04
CA ILE A 391 -21.07 -26.87 -37.63
C ILE A 391 -20.75 -28.36 -37.63
N LEU A 392 -19.49 -28.73 -37.41
CA LEU A 392 -19.06 -30.08 -37.75
C LEU A 392 -18.21 -30.64 -36.60
N ARG A 393 -18.19 -31.96 -36.50
CA ARG A 393 -17.50 -32.68 -35.44
C ARG A 393 -16.14 -33.21 -35.90
N ALA A 394 -15.74 -32.87 -37.13
CA ALA A 394 -14.63 -33.52 -37.81
C ALA A 394 -13.29 -33.15 -37.19
N PRO A 395 -12.33 -34.08 -37.24
CA PRO A 395 -10.99 -33.84 -36.70
C PRO A 395 -10.25 -32.85 -37.58
N ARG A 396 -9.35 -32.06 -37.01
CA ARG A 396 -8.61 -31.05 -37.76
C ARG A 396 -7.82 -31.61 -38.94
N THR A 397 -7.68 -30.79 -39.98
CA THR A 397 -6.99 -31.22 -41.20
C THR A 397 -5.68 -30.50 -41.53
N ALA A 398 -5.24 -29.60 -40.67
CA ALA A 398 -3.99 -28.88 -40.90
C ALA A 398 -3.34 -28.46 -39.59
N THR A 399 -2.07 -28.08 -39.63
CA THR A 399 -1.38 -27.64 -38.44
C THR A 399 -1.02 -26.17 -38.54
N VAL A 400 -1.42 -25.38 -37.55
CA VAL A 400 -1.27 -23.94 -37.58
C VAL A 400 -0.31 -23.53 -36.47
N ARG A 401 0.91 -23.14 -36.85
CA ARG A 401 1.91 -22.67 -35.91
C ARG A 401 1.93 -21.15 -35.92
N ALA A 402 2.18 -20.57 -34.75
CA ALA A 402 2.34 -19.13 -34.67
C ALA A 402 3.67 -18.70 -35.26
N ARG A 403 3.75 -17.43 -35.65
CA ARG A 403 4.99 -16.87 -36.16
C ARG A 403 5.62 -15.89 -35.20
N ALA A 404 4.89 -14.86 -34.80
CA ALA A 404 5.26 -13.96 -33.71
C ALA A 404 4.19 -14.06 -32.64
N PHE A 405 4.22 -13.15 -31.68
CA PHE A 405 3.13 -13.08 -30.70
C PHE A 405 1.84 -12.65 -31.37
N CYS A 406 0.77 -13.37 -31.07
CA CYS A 406 -0.42 -13.35 -31.92
C CYS A 406 -1.51 -12.40 -31.47
N ASP A 407 -1.93 -12.46 -30.20
CA ASP A 407 -3.08 -11.75 -29.64
C ASP A 407 -4.36 -12.08 -30.42
N LEU A 408 -4.77 -13.34 -30.33
CA LEU A 408 -5.93 -13.78 -31.09
C LEU A 408 -7.07 -14.21 -30.18
N TYR A 409 -8.29 -13.87 -30.59
CA TYR A 409 -9.51 -14.17 -29.87
C TYR A 409 -10.10 -15.48 -30.37
N ARG A 410 -10.70 -16.26 -29.48
CA ARG A 410 -11.28 -17.53 -29.87
C ARG A 410 -12.73 -17.62 -29.42
N LEU A 411 -13.45 -18.53 -30.07
CA LEU A 411 -14.84 -18.81 -29.77
C LEU A 411 -15.01 -20.32 -29.66
N ASP A 412 -15.66 -20.76 -28.59
CA ASP A 412 -15.86 -22.18 -28.37
C ASP A 412 -17.05 -22.68 -29.18
N LYS A 413 -17.27 -23.99 -29.11
CA LYS A 413 -18.42 -24.59 -29.77
C LYS A 413 -19.58 -24.81 -28.80
N GLU A 414 -19.27 -25.09 -27.54
CA GLU A 414 -20.30 -25.21 -26.52
C GLU A 414 -20.98 -23.87 -26.29
N THR A 415 -20.20 -22.79 -26.23
CA THR A 415 -20.76 -21.45 -26.06
C THR A 415 -21.54 -21.03 -27.30
N PHE A 416 -21.05 -21.41 -28.48
CA PHE A 416 -21.73 -21.11 -29.73
C PHE A 416 -23.09 -21.80 -29.80
N ASP A 417 -23.15 -23.10 -29.55
CA ASP A 417 -24.42 -23.79 -29.54
C ASP A 417 -25.30 -23.39 -28.37
N ARG A 418 -24.73 -22.90 -27.28
CA ARG A 418 -25.55 -22.46 -26.15
C ARG A 418 -26.27 -21.16 -26.46
N ILE A 419 -25.62 -20.23 -27.14
CA ILE A 419 -26.31 -18.98 -27.44
C ILE A 419 -26.91 -19.04 -28.84
N LEU A 420 -26.74 -20.16 -29.52
CA LEU A 420 -27.38 -20.41 -30.80
C LEU A 420 -28.77 -21.02 -30.64
N SER A 421 -29.07 -21.55 -29.45
CA SER A 421 -30.33 -22.26 -29.23
C SER A 421 -31.53 -21.32 -29.29
N ARG A 422 -31.42 -20.16 -28.67
CA ARG A 422 -32.54 -19.23 -28.56
C ARG A 422 -32.82 -18.47 -29.85
N TYR A 423 -32.00 -18.63 -30.89
CA TYR A 423 -32.28 -18.05 -32.19
C TYR A 423 -32.52 -19.19 -33.17
N PRO A 424 -33.78 -19.54 -33.47
CA PRO A 424 -34.02 -20.76 -34.26
C PRO A 424 -33.73 -20.61 -35.74
N GLU A 425 -33.71 -19.38 -36.25
CA GLU A 425 -33.53 -19.18 -37.68
C GLU A 425 -32.11 -19.50 -38.12
N ILE A 426 -31.11 -19.07 -37.34
CA ILE A 426 -29.74 -19.46 -37.62
C ILE A 426 -29.52 -20.93 -37.25
N ALA A 427 -30.28 -21.44 -36.27
CA ALA A 427 -30.22 -22.85 -35.92
C ALA A 427 -30.68 -23.75 -37.05
N ALA A 428 -31.60 -23.29 -37.90
CA ALA A 428 -31.96 -24.03 -39.10
C ALA A 428 -31.10 -23.65 -40.29
N GLN A 429 -30.51 -22.44 -40.29
CA GLN A 429 -29.60 -22.05 -41.35
C GLN A 429 -28.31 -22.87 -41.34
N ILE A 430 -27.82 -23.22 -40.15
CA ILE A 430 -26.55 -23.95 -40.09
C ILE A 430 -26.67 -25.44 -40.42
N GLN A 431 -27.89 -25.99 -40.38
CA GLN A 431 -28.06 -27.42 -40.64
C GLN A 431 -27.84 -27.79 -42.09
N GLU A 432 -28.22 -26.90 -43.01
CA GLU A 432 -28.00 -27.18 -44.43
C GLU A 432 -26.53 -27.11 -44.80
N LEU A 433 -25.72 -26.38 -44.02
CA LEU A 433 -24.28 -26.50 -44.20
C LEU A 433 -23.72 -27.68 -43.40
N ALA A 434 -24.45 -28.12 -42.38
CA ALA A 434 -24.00 -29.26 -41.57
C ALA A 434 -24.12 -30.58 -42.33
N THR B 29 24.48 -4.61 -28.91
CA THR B 29 25.61 -4.52 -28.02
C THR B 29 26.73 -3.60 -28.51
N TYR B 30 26.59 -2.95 -29.66
CA TYR B 30 27.59 -1.98 -30.07
C TYR B 30 27.10 -0.55 -29.91
N THR B 31 25.83 -0.33 -29.61
CA THR B 31 25.36 0.98 -29.20
C THR B 31 25.45 1.18 -27.69
N LEU B 32 25.63 0.10 -26.93
CA LEU B 32 25.80 0.20 -25.48
C LEU B 32 27.10 0.89 -25.12
N VAL B 33 28.20 0.56 -25.81
CA VAL B 33 29.45 1.28 -25.61
C VAL B 33 29.34 2.72 -26.08
N TRP B 34 28.47 3.01 -27.06
CA TRP B 34 28.29 4.39 -27.48
C TRP B 34 27.50 5.18 -26.44
N LYS B 35 26.50 4.55 -25.81
CA LYS B 35 25.79 5.22 -24.73
C LYS B 35 26.69 5.46 -23.53
N VAL B 36 27.60 4.51 -23.25
CA VAL B 36 28.56 4.71 -22.17
C VAL B 36 29.53 5.84 -22.52
N TRP B 37 29.93 5.95 -23.78
CA TRP B 37 30.78 7.05 -24.21
C TRP B 37 30.08 8.40 -24.10
N ILE B 38 28.80 8.44 -24.46
CA ILE B 38 28.00 9.67 -24.35
C ILE B 38 27.84 10.07 -22.89
N LEU B 39 27.59 9.09 -22.01
CA LEU B 39 27.49 9.35 -20.58
C LEU B 39 28.81 9.87 -20.02
N ALA B 40 29.94 9.32 -20.46
CA ALA B 40 31.24 9.82 -20.06
C ALA B 40 31.50 11.24 -20.55
N VAL B 41 31.10 11.56 -21.78
CA VAL B 41 31.32 12.90 -22.32
C VAL B 41 30.49 13.94 -21.57
N THR B 42 29.23 13.62 -21.29
CA THR B 42 28.41 14.63 -20.61
C THR B 42 28.75 14.72 -19.14
N LEU B 43 29.26 13.64 -18.54
CA LEU B 43 29.77 13.70 -17.18
C LEU B 43 31.04 14.55 -17.12
N TYR B 44 31.83 14.47 -18.20
CA TYR B 44 33.01 15.31 -18.33
C TYR B 44 32.65 16.78 -18.46
N TYR B 45 31.63 17.10 -19.26
CA TYR B 45 31.18 18.50 -19.34
C TYR B 45 30.61 18.99 -18.02
N ALA B 46 29.85 18.14 -17.33
CA ALA B 46 29.27 18.51 -16.05
C ALA B 46 30.33 18.75 -14.99
N ILE B 47 31.46 18.04 -15.06
CA ILE B 47 32.55 18.34 -14.14
C ILE B 47 33.39 19.53 -14.58
N ARG B 48 33.57 19.74 -15.89
CA ARG B 48 34.53 20.74 -16.34
C ARG B 48 33.97 22.15 -16.44
N ILE B 49 32.74 22.31 -16.97
CA ILE B 49 32.26 23.65 -17.34
C ILE B 49 32.16 24.64 -16.18
N PRO B 50 31.55 24.31 -15.02
CA PRO B 50 31.57 25.31 -13.92
C PRO B 50 32.93 25.45 -13.27
N LEU B 51 33.85 24.53 -13.50
CA LEU B 51 35.17 24.69 -12.92
C LEU B 51 36.01 25.64 -13.75
N THR B 52 35.76 25.71 -15.06
CA THR B 52 36.47 26.64 -15.93
C THR B 52 35.77 27.98 -16.06
N LEU B 53 34.49 28.07 -15.68
CA LEU B 53 33.88 29.39 -15.58
C LEU B 53 34.48 30.20 -14.44
N VAL B 54 35.01 29.52 -13.42
CA VAL B 54 35.64 30.24 -12.32
C VAL B 54 37.09 30.55 -12.66
N PHE B 55 37.81 29.56 -13.20
CA PHE B 55 39.23 29.75 -13.48
C PHE B 55 39.44 30.00 -14.95
N PRO B 56 39.85 31.20 -15.36
CA PRO B 56 40.14 31.46 -16.77
C PRO B 56 41.45 30.83 -17.24
N SER B 57 42.35 30.48 -16.32
CA SER B 57 43.65 29.93 -16.68
C SER B 57 43.54 28.51 -17.23
N LEU B 58 42.40 27.86 -17.07
CA LEU B 58 42.17 26.59 -17.75
C LEU B 58 41.67 26.85 -19.16
N PHE B 59 41.18 25.77 -19.79
CA PHE B 59 40.60 25.63 -21.13
C PHE B 59 41.62 25.75 -22.25
N SER B 60 42.75 26.42 -22.01
CA SER B 60 43.70 26.58 -23.08
C SER B 60 44.59 25.36 -23.21
N PRO B 61 45.22 24.78 -22.12
CA PRO B 61 45.90 23.50 -22.34
C PRO B 61 44.98 22.32 -22.15
N LEU B 62 43.72 22.46 -22.54
CA LEU B 62 42.80 21.35 -22.45
C LEU B 62 41.73 21.41 -23.55
N LEU B 63 41.82 22.39 -24.46
CA LEU B 63 40.99 22.46 -25.66
C LEU B 63 40.83 21.22 -26.55
N PRO B 64 41.83 20.33 -26.76
CA PRO B 64 41.56 19.16 -27.63
C PRO B 64 40.48 18.21 -27.14
N LEU B 65 40.29 18.07 -25.83
CA LEU B 65 39.16 17.28 -25.38
C LEU B 65 37.84 18.01 -25.57
N ASP B 66 37.85 19.36 -25.57
CA ASP B 66 36.67 20.10 -25.99
C ASP B 66 36.32 19.81 -27.44
N ILE B 67 37.34 19.74 -28.30
CA ILE B 67 37.10 19.45 -29.72
C ILE B 67 36.52 18.05 -29.88
N LEU B 68 37.17 17.06 -29.26
CA LEU B 68 36.71 15.67 -29.34
C LEU B 68 35.31 15.51 -28.75
N ALA B 69 35.02 16.23 -27.67
CA ALA B 69 33.77 16.01 -26.97
C ALA B 69 32.61 16.71 -27.66
N SER B 70 32.85 17.91 -28.21
CA SER B 70 31.79 18.57 -28.97
C SER B 70 31.53 17.85 -30.29
N LEU B 71 32.58 17.26 -30.88
CA LEU B 71 32.35 16.41 -32.05
C LEU B 71 31.54 15.17 -31.69
N ALA B 72 31.79 14.60 -30.50
CA ALA B 72 30.98 13.47 -30.04
C ALA B 72 29.53 13.86 -29.84
N LEU B 73 29.29 15.03 -29.25
CA LEU B 73 27.92 15.47 -29.01
C LEU B 73 27.20 15.81 -30.31
N ILE B 74 27.89 16.40 -31.29
CA ILE B 74 27.22 16.72 -32.54
C ILE B 74 27.07 15.48 -33.43
N ALA B 75 27.90 14.45 -33.23
CA ALA B 75 27.75 13.21 -33.96
C ALA B 75 26.79 12.25 -33.29
N ASP B 76 26.36 12.55 -32.06
CA ASP B 76 25.41 11.66 -31.40
C ASP B 76 24.03 11.73 -32.03
N ILE B 77 23.62 12.91 -32.49
CA ILE B 77 22.25 13.08 -33.00
C ILE B 77 21.96 12.34 -34.31
N PRO B 78 22.91 12.09 -35.25
CA PRO B 78 22.56 11.11 -36.29
C PRO B 78 22.43 9.70 -35.78
N LEU B 79 23.23 9.29 -34.80
CA LEU B 79 23.00 7.99 -34.20
C LEU B 79 21.85 8.02 -33.20
N ASP B 80 21.45 9.20 -32.74
CA ASP B 80 20.20 9.31 -32.00
C ASP B 80 18.99 9.16 -32.91
N LEU B 81 19.11 9.51 -34.19
CA LEU B 81 18.02 9.21 -35.13
C LEU B 81 18.10 7.76 -35.63
N ALA B 82 19.14 7.45 -36.40
CA ALA B 82 19.27 6.15 -37.01
C ALA B 82 19.89 5.17 -36.03
N PHE B 83 19.43 3.91 -36.10
CA PHE B 83 19.70 2.83 -35.16
C PHE B 83 19.25 3.13 -33.73
N GLU B 84 18.43 4.14 -33.53
CA GLU B 84 17.88 4.40 -32.21
C GLU B 84 16.38 4.65 -32.22
N SER B 99 10.28 16.08 -26.52
CA SER B 99 11.20 15.21 -25.80
C SER B 99 12.42 14.89 -26.66
N ARG B 100 12.83 15.82 -27.52
CA ARG B 100 13.99 15.64 -28.38
C ARG B 100 14.90 16.85 -28.27
N LEU B 101 14.30 18.01 -28.01
CA LEU B 101 15.00 19.28 -27.88
C LEU B 101 16.09 19.43 -26.81
N PRO B 102 16.16 18.65 -25.71
CA PRO B 102 17.38 18.73 -24.88
C PRO B 102 18.65 18.32 -25.62
N ASP B 103 18.59 17.23 -26.40
CA ASP B 103 19.74 16.83 -27.19
C ASP B 103 20.02 17.84 -28.30
N LEU B 104 18.97 18.45 -28.86
CA LEU B 104 19.14 19.42 -29.92
C LEU B 104 19.77 20.71 -29.38
N LEU B 105 19.42 21.10 -28.16
CA LEU B 105 20.02 22.29 -27.56
C LEU B 105 21.40 22.00 -27.00
N ALA B 106 21.68 20.76 -26.60
CA ALA B 106 23.05 20.44 -26.21
C ALA B 106 23.93 20.15 -27.40
N ALA B 107 23.35 20.02 -28.59
CA ALA B 107 24.12 19.63 -29.76
C ALA B 107 24.99 20.76 -30.28
N LEU B 108 24.50 22.01 -30.22
CA LEU B 108 25.26 23.05 -30.90
C LEU B 108 26.43 23.50 -30.05
N PRO B 109 27.52 23.94 -30.68
CA PRO B 109 28.62 24.54 -29.91
C PRO B 109 28.32 25.96 -29.45
N LEU B 110 27.39 26.08 -28.51
CA LEU B 110 27.15 27.35 -27.86
C LEU B 110 28.32 27.75 -26.97
N ASP B 111 29.03 26.77 -26.43
CA ASP B 111 30.30 27.00 -25.78
C ASP B 111 31.41 27.14 -26.84
N LEU B 112 32.64 27.33 -26.35
CA LEU B 112 33.92 27.66 -27.00
C LEU B 112 33.95 29.10 -27.49
N LEU B 113 32.77 29.71 -27.61
CA LEU B 113 32.67 31.10 -28.04
C LEU B 113 32.87 32.02 -26.85
N VAL B 114 32.26 31.67 -25.72
CA VAL B 114 32.49 32.35 -24.47
C VAL B 114 33.94 32.21 -24.04
N PHE B 115 34.48 30.99 -24.16
CA PHE B 115 35.82 30.71 -23.68
C PHE B 115 36.91 31.22 -24.60
N ALA B 116 36.60 31.50 -25.88
CA ALA B 116 37.58 32.16 -26.75
C ALA B 116 37.46 33.67 -26.74
N LEU B 117 36.26 34.21 -26.95
CA LEU B 117 36.08 35.66 -27.03
C LEU B 117 36.01 36.33 -25.66
N HIS B 118 36.08 35.56 -24.58
CA HIS B 118 36.23 36.05 -23.21
C HIS B 118 35.03 36.92 -22.80
N LEU B 119 33.85 36.34 -22.93
CA LEU B 119 32.61 37.03 -22.62
C LEU B 119 32.49 37.27 -21.12
N PRO B 120 31.90 38.40 -20.71
CA PRO B 120 31.78 38.70 -19.28
C PRO B 120 30.76 37.83 -18.55
N SER B 121 30.66 38.02 -17.25
CA SER B 121 30.00 37.12 -16.31
C SER B 121 28.50 36.87 -16.51
N PRO B 122 27.61 37.87 -16.67
CA PRO B 122 26.19 37.53 -16.85
C PRO B 122 25.85 36.99 -18.22
N LEU B 123 26.79 37.03 -19.16
CA LEU B 123 26.58 36.48 -20.48
C LEU B 123 27.33 35.18 -20.70
N SER B 124 28.28 34.85 -19.84
CA SER B 124 29.01 33.58 -19.95
C SER B 124 28.16 32.38 -19.58
N LEU B 125 27.15 32.59 -18.74
CA LEU B 125 26.42 31.50 -18.11
C LEU B 125 25.59 30.68 -19.09
N LEU B 126 25.38 31.18 -20.32
CA LEU B 126 24.74 30.35 -21.34
C LEU B 126 25.58 29.17 -21.78
N SER B 127 26.88 29.13 -21.43
CA SER B 127 27.65 27.90 -21.61
C SER B 127 27.15 26.74 -20.75
N LEU B 128 26.26 26.98 -19.79
CA LEU B 128 25.55 25.95 -19.06
C LEU B 128 24.53 25.18 -19.90
N VAL B 129 24.26 25.60 -21.14
CA VAL B 129 23.27 24.92 -21.98
C VAL B 129 23.68 23.49 -22.28
N ARG B 130 24.98 23.21 -22.34
CA ARG B 130 25.48 21.84 -22.48
C ARG B 130 25.04 20.94 -21.34
N LEU B 131 24.83 21.50 -20.15
CA LEU B 131 24.33 20.76 -19.00
C LEU B 131 22.91 20.25 -19.17
N LEU B 132 22.20 20.65 -20.23
CA LEU B 132 20.89 20.06 -20.51
C LEU B 132 21.00 18.67 -21.11
N LYS B 133 22.22 18.21 -21.39
CA LYS B 133 22.41 16.89 -21.98
C LYS B 133 22.02 15.77 -21.01
N LEU B 134 22.10 16.04 -19.70
CA LEU B 134 21.82 15.03 -18.68
C LEU B 134 20.38 14.54 -18.68
N ILE B 135 19.46 15.31 -19.25
CA ILE B 135 18.09 14.83 -19.41
C ILE B 135 18.05 13.68 -20.40
N SER B 136 18.82 13.80 -21.49
CA SER B 136 18.86 12.75 -22.51
C SER B 136 19.50 11.48 -21.98
N VAL B 137 20.60 11.62 -21.23
CA VAL B 137 21.28 10.47 -20.66
C VAL B 137 20.43 9.83 -19.57
N GLN B 138 19.69 10.65 -18.82
CA GLN B 138 18.75 10.13 -17.83
C GLN B 138 17.63 9.33 -18.50
N ARG B 139 17.06 9.87 -19.57
CA ARG B 139 15.98 9.16 -20.25
C ARG B 139 16.46 7.95 -21.02
N SER B 140 17.74 7.88 -21.38
CA SER B 140 18.24 6.67 -22.00
C SER B 140 18.53 5.58 -20.96
N ALA B 141 19.20 5.95 -19.88
CA ALA B 141 19.57 4.99 -18.84
C ALA B 141 18.39 4.55 -17.99
N THR B 142 17.28 5.29 -17.99
CA THR B 142 16.11 4.84 -17.26
C THR B 142 15.29 3.81 -18.03
N ARG B 143 15.70 3.44 -19.24
CA ARG B 143 15.02 2.41 -19.99
C ARG B 143 15.94 1.33 -20.54
N ILE B 144 17.23 1.59 -20.71
CA ILE B 144 18.09 0.51 -21.21
C ILE B 144 18.38 -0.54 -20.15
N LEU B 145 18.18 -0.22 -18.87
CA LEU B 145 18.36 -1.20 -17.82
C LEU B 145 17.24 -1.08 -16.79
N SER B 146 16.01 -0.88 -17.28
CA SER B 146 14.88 -0.63 -16.41
C SER B 146 14.28 -1.93 -15.87
N TYR B 147 14.82 -3.09 -16.27
CA TYR B 147 14.34 -4.34 -15.68
C TYR B 147 15.46 -5.25 -15.24
N ARG B 148 16.69 -4.76 -15.21
CA ARG B 148 17.75 -5.48 -14.50
C ARG B 148 17.58 -5.31 -13.00
N ILE B 149 17.33 -4.08 -12.56
CA ILE B 149 17.29 -3.77 -11.15
C ILE B 149 15.94 -3.14 -10.78
N ASN B 150 15.72 -2.95 -9.50
CA ASN B 150 14.53 -2.35 -8.92
C ASN B 150 14.45 -0.89 -9.37
N PRO B 151 13.32 -0.44 -9.92
CA PRO B 151 13.20 0.96 -10.36
C PRO B 151 13.24 2.00 -9.26
N ALA B 152 13.08 1.62 -7.99
CA ALA B 152 13.29 2.57 -6.91
C ALA B 152 14.77 2.81 -6.63
N LEU B 153 15.57 1.73 -6.64
CA LEU B 153 17.00 1.85 -6.46
C LEU B 153 17.64 2.64 -7.59
N LEU B 154 17.11 2.53 -8.80
CA LEU B 154 17.65 3.27 -9.94
C LEU B 154 17.41 4.78 -9.76
N ARG B 155 16.22 5.16 -9.30
CA ARG B 155 15.93 6.56 -9.08
C ARG B 155 16.74 7.12 -7.93
N LEU B 156 16.98 6.31 -6.90
CA LEU B 156 17.82 6.75 -5.79
C LEU B 156 19.27 6.96 -6.21
N LEU B 157 19.82 6.03 -7.00
CA LEU B 157 21.19 6.20 -7.48
C LEU B 157 21.33 7.37 -8.43
N SER B 158 20.31 7.59 -9.28
CA SER B 158 20.33 8.75 -10.16
C SER B 158 20.26 10.04 -9.38
N LEU B 159 19.51 10.06 -8.28
CA LEU B 159 19.41 11.26 -7.46
C LEU B 159 20.71 11.55 -6.73
N VAL B 160 21.38 10.51 -6.23
CA VAL B 160 22.68 10.70 -5.59
C VAL B 160 23.71 11.20 -6.58
N GLY B 161 23.66 10.69 -7.82
CA GLY B 161 24.55 11.17 -8.86
C GLY B 161 24.33 12.63 -9.20
N PHE B 162 23.07 13.03 -9.38
CA PHE B 162 22.78 14.44 -9.65
C PHE B 162 23.08 15.35 -8.47
N ILE B 163 22.96 14.86 -7.24
CA ILE B 163 23.23 15.68 -6.08
C ILE B 163 24.72 15.96 -5.93
N LEU B 164 25.57 14.95 -6.14
CA LEU B 164 27.00 15.22 -6.12
C LEU B 164 27.42 16.09 -7.29
N LEU B 165 26.87 15.81 -8.48
CA LEU B 165 27.25 16.52 -9.68
C LEU B 165 26.74 17.96 -9.68
N ALA B 166 25.70 18.25 -8.89
CA ALA B 166 25.21 19.60 -8.70
C ALA B 166 25.82 20.30 -7.51
N ALA B 167 26.28 19.54 -6.51
CA ALA B 167 27.05 20.13 -5.43
C ALA B 167 28.37 20.69 -5.94
N HIS B 168 28.94 20.04 -6.96
CA HIS B 168 30.12 20.62 -7.61
C HIS B 168 29.82 21.97 -8.24
N GLY B 169 28.68 22.09 -8.93
CA GLY B 169 28.35 23.36 -9.57
C GLY B 169 28.01 24.45 -8.56
N ILE B 170 27.31 24.09 -7.49
CA ILE B 170 27.00 25.06 -6.45
C ILE B 170 28.27 25.51 -5.73
N ALA B 171 29.23 24.60 -5.54
CA ALA B 171 30.49 24.98 -4.93
C ALA B 171 31.29 25.90 -5.84
N CYS B 172 31.22 25.67 -7.15
CA CYS B 172 31.88 26.57 -8.09
C CYS B 172 31.23 27.95 -8.08
N GLY B 173 29.91 28.02 -7.93
CA GLY B 173 29.25 29.32 -7.85
C GLY B 173 29.60 30.07 -6.58
N TRP B 174 29.67 29.37 -5.46
CA TRP B 174 30.08 29.98 -4.20
C TRP B 174 31.51 30.48 -4.25
N MET B 175 32.40 29.69 -4.83
CA MET B 175 33.77 30.11 -5.03
C MET B 175 33.88 31.27 -6.01
N SER B 176 32.93 31.36 -6.94
CA SER B 176 32.91 32.47 -7.89
C SER B 176 32.59 33.79 -7.22
N LEU B 177 31.54 33.82 -6.41
CA LEU B 177 31.21 35.11 -5.79
C LEU B 177 31.83 35.29 -4.41
N GLN B 178 33.12 35.04 -4.32
CA GLN B 178 33.97 35.37 -3.18
C GLN B 178 34.76 36.65 -3.45
N PRO B 179 35.16 37.37 -2.41
CA PRO B 179 36.14 38.43 -2.60
C PRO B 179 37.48 37.87 -2.99
N PRO B 180 38.08 38.35 -4.09
CA PRO B 180 39.32 37.74 -4.61
C PRO B 180 40.51 38.06 -3.73
N SER B 181 41.36 37.06 -3.51
CA SER B 181 42.59 37.22 -2.75
C SER B 181 43.56 36.13 -3.14
N GLU B 182 44.77 36.22 -2.58
CA GLU B 182 45.82 35.25 -2.87
C GLU B 182 45.55 33.98 -2.09
N ASN B 183 45.21 32.92 -2.80
CA ASN B 183 44.72 31.69 -2.22
C ASN B 183 44.87 30.60 -3.26
N PRO B 184 45.52 29.48 -2.96
CA PRO B 184 45.69 28.42 -3.96
C PRO B 184 44.37 27.77 -4.33
N ALA B 185 44.29 27.28 -5.55
CA ALA B 185 43.05 26.77 -6.11
C ALA B 185 42.66 25.40 -5.58
N GLY B 186 43.37 24.87 -4.59
CA GLY B 186 42.91 23.68 -3.90
C GLY B 186 42.16 24.06 -2.64
N THR B 187 42.75 24.94 -1.83
CA THR B 187 42.15 25.28 -0.56
C THR B 187 41.08 26.36 -0.66
N ARG B 188 40.81 26.89 -1.85
CA ARG B 188 39.63 27.71 -2.04
C ARG B 188 38.48 26.94 -2.65
N TYR B 189 38.76 25.82 -3.31
CA TYR B 189 37.71 24.90 -3.73
C TYR B 189 37.28 23.96 -2.63
N LEU B 190 38.22 23.59 -1.75
CA LEU B 190 37.90 22.60 -0.72
C LEU B 190 36.99 23.21 0.33
N SER B 191 37.19 24.49 0.67
CA SER B 191 36.28 25.15 1.59
C SER B 191 34.91 25.37 0.99
N ALA B 192 34.83 25.64 -0.32
CA ALA B 192 33.53 25.83 -0.94
C ALA B 192 32.77 24.53 -1.04
N PHE B 193 33.47 23.42 -1.28
CA PHE B 193 32.77 22.14 -1.33
C PHE B 193 32.35 21.70 0.06
N TYR B 194 33.17 21.98 1.07
CA TYR B 194 32.79 21.76 2.46
C TYR B 194 31.55 22.55 2.84
N TRP B 195 31.45 23.79 2.37
CA TRP B 195 30.28 24.60 2.68
C TRP B 195 29.03 24.07 1.97
N THR B 196 29.14 23.72 0.70
CA THR B 196 27.96 23.25 0.00
C THR B 196 27.59 21.83 0.34
N ILE B 197 28.42 21.10 1.09
CA ILE B 197 27.94 19.84 1.66
C ILE B 197 27.32 20.05 3.04
N THR B 198 27.89 20.95 3.84
CA THR B 198 27.31 21.31 5.14
C THR B 198 25.93 21.94 4.99
N THR B 199 25.67 22.66 3.90
CA THR B 199 24.35 23.27 3.72
C THR B 199 23.34 22.30 3.13
N LEU B 200 23.72 21.51 2.13
CA LEU B 200 22.76 20.62 1.48
C LEU B 200 22.37 19.43 2.36
N THR B 201 23.23 19.01 3.25
CA THR B 201 22.88 17.89 4.10
C THR B 201 22.30 18.40 5.40
N THR B 202 21.85 19.65 5.39
CA THR B 202 21.27 20.32 6.55
C THR B 202 21.94 20.11 7.90
N ILE B 203 23.27 20.16 7.94
CA ILE B 203 23.94 20.02 9.22
C ILE B 203 24.09 21.46 9.66
N GLY B 204 24.79 22.25 8.86
CA GLY B 204 24.91 23.65 9.17
C GLY B 204 25.76 23.92 10.39
N TYR B 205 27.07 23.73 10.28
CA TYR B 205 27.94 24.10 11.39
C TYR B 205 27.91 25.59 11.64
N GLY B 206 28.18 26.38 10.61
CA GLY B 206 28.13 27.82 10.78
C GLY B 206 29.47 28.46 11.01
N ASP B 207 30.55 27.75 10.68
CA ASP B 207 31.88 28.31 10.84
C ASP B 207 32.23 29.31 9.75
N ILE B 208 31.83 29.06 8.51
CA ILE B 208 31.98 30.04 7.45
C ILE B 208 30.61 30.29 6.82
N THR B 209 30.22 31.57 6.79
CA THR B 209 28.87 32.09 6.63
C THR B 209 28.86 33.16 5.55
N PRO B 210 27.70 33.60 5.05
CA PRO B 210 27.67 34.74 4.14
C PRO B 210 28.11 36.04 4.78
N SER B 211 28.69 36.92 3.97
CA SER B 211 29.09 38.26 4.39
C SER B 211 28.31 39.35 3.69
N THR B 212 28.31 39.39 2.37
CA THR B 212 27.66 40.39 1.56
C THR B 212 26.21 40.00 1.28
N PRO B 213 25.36 40.95 0.88
CA PRO B 213 23.99 40.57 0.48
C PRO B 213 23.92 39.66 -0.73
N THR B 214 24.81 39.83 -1.70
CA THR B 214 24.78 38.96 -2.86
C THR B 214 25.23 37.54 -2.55
N GLN B 215 25.94 37.33 -1.46
CA GLN B 215 26.16 35.98 -0.95
C GLN B 215 24.94 35.45 -0.24
N THR B 216 24.22 36.32 0.46
CA THR B 216 23.12 35.87 1.30
C THR B 216 21.93 35.43 0.46
N VAL B 217 21.71 36.08 -0.69
CA VAL B 217 20.64 35.65 -1.58
C VAL B 217 20.95 34.27 -2.16
N TYR B 218 22.21 34.05 -2.55
CA TYR B 218 22.63 32.75 -3.07
C TYR B 218 22.54 31.67 -1.99
N THR B 219 22.81 32.06 -0.75
CA THR B 219 22.70 31.13 0.36
C THR B 219 21.26 30.75 0.64
N ILE B 220 20.33 31.71 0.53
CA ILE B 220 18.91 31.41 0.75
C ILE B 220 18.40 30.45 -0.34
N VAL B 221 18.77 30.72 -1.59
CA VAL B 221 18.22 29.88 -2.66
C VAL B 221 18.84 28.48 -2.63
N ILE B 222 20.10 28.34 -2.22
CA ILE B 222 20.57 26.96 -2.14
C ILE B 222 20.23 26.30 -0.80
N GLU B 223 19.81 27.05 0.22
CA GLU B 223 19.18 26.40 1.37
C GLU B 223 17.86 25.77 0.98
N LEU B 224 17.09 26.46 0.14
CA LEU B 224 15.87 25.86 -0.40
C LEU B 224 16.19 24.64 -1.25
N LEU B 225 17.24 24.72 -2.07
CA LEU B 225 17.61 23.53 -2.86
C LEU B 225 18.12 22.39 -2.00
N GLY B 226 18.81 22.69 -0.90
CA GLY B 226 19.30 21.66 -0.01
C GLY B 226 18.18 20.95 0.70
N ALA B 227 17.19 21.72 1.19
CA ALA B 227 16.03 21.11 1.81
C ALA B 227 15.24 20.26 0.81
N ALA B 228 15.17 20.72 -0.45
CA ALA B 228 14.47 19.95 -1.47
C ALA B 228 15.18 18.64 -1.78
N MET B 229 16.49 18.68 -2.00
CA MET B 229 17.24 17.49 -2.34
C MET B 229 17.27 16.49 -1.19
N TYR B 230 17.38 16.98 0.04
CA TYR B 230 17.43 16.06 1.16
C TYR B 230 16.05 15.48 1.47
N GLY B 231 14.98 16.23 1.19
CA GLY B 231 13.65 15.65 1.27
C GLY B 231 13.43 14.59 0.21
N LEU B 232 13.98 14.81 -1.00
CA LEU B 232 13.87 13.79 -2.03
C LEU B 232 14.65 12.53 -1.69
N VAL B 233 15.82 12.68 -1.05
CA VAL B 233 16.59 11.52 -0.64
C VAL B 233 15.85 10.72 0.43
N ILE B 234 15.27 11.41 1.42
CA ILE B 234 14.55 10.70 2.48
C ILE B 234 13.28 10.05 1.92
N GLY B 235 12.62 10.71 0.97
CA GLY B 235 11.45 10.12 0.35
C GLY B 235 11.76 8.90 -0.49
N ASN B 236 12.89 8.92 -1.19
CA ASN B 236 13.26 7.75 -1.99
C ASN B 236 13.74 6.60 -1.13
N ILE B 237 14.44 6.88 -0.03
CA ILE B 237 14.83 5.81 0.87
C ILE B 237 13.61 5.21 1.56
N ALA B 238 12.65 6.05 1.93
CA ALA B 238 11.41 5.56 2.50
C ALA B 238 10.59 4.74 1.53
N SER B 239 10.53 5.13 0.27
CA SER B 239 9.84 4.32 -0.73
C SER B 239 10.61 3.08 -1.10
N LEU B 240 11.91 3.04 -0.84
CA LEU B 240 12.71 1.86 -1.14
C LEU B 240 12.60 0.82 -0.04
N VAL B 241 12.59 1.22 1.23
CA VAL B 241 12.52 0.23 2.30
C VAL B 241 11.09 -0.06 2.75
N SER B 242 10.09 0.56 2.13
CA SER B 242 8.72 0.23 2.49
C SER B 242 8.24 -1.01 1.76
N LYS B 243 8.57 -1.14 0.48
CA LYS B 243 8.19 -2.30 -0.32
C LYS B 243 9.31 -3.33 -0.38
N LEU B 244 10.21 -3.28 0.59
CA LEU B 244 11.40 -4.13 0.55
C LEU B 244 11.06 -5.58 0.90
N ASP B 245 10.17 -5.79 1.85
CA ASP B 245 9.67 -7.11 2.19
C ASP B 245 8.16 -7.11 2.10
N ALA B 246 7.63 -7.55 0.96
CA ALA B 246 6.19 -7.64 0.77
C ALA B 246 5.70 -9.06 0.84
N ALA B 247 6.42 -9.99 0.22
CA ALA B 247 6.08 -11.40 0.27
C ALA B 247 6.17 -11.95 1.69
N LYS B 248 7.07 -11.42 2.49
CA LYS B 248 7.32 -11.92 3.83
C LYS B 248 6.45 -11.21 4.86
N LEU B 249 5.84 -10.09 4.49
CA LEU B 249 4.95 -9.35 5.38
C LEU B 249 3.49 -9.66 5.10
N LEU B 250 3.15 -9.94 3.84
CA LEU B 250 1.80 -10.37 3.52
C LEU B 250 1.49 -11.74 4.10
N HIS B 251 2.46 -12.66 4.03
CA HIS B 251 2.35 -13.95 4.69
C HIS B 251 2.22 -13.82 6.19
N ARG B 252 2.93 -12.91 6.81
CA ARG B 252 2.82 -12.69 8.24
C ARG B 252 1.48 -12.08 8.61
N GLU B 253 0.92 -11.22 7.77
CA GLU B 253 -0.41 -10.69 8.02
C GLU B 253 -1.51 -11.74 7.89
N ARG B 254 -1.40 -12.64 6.92
CA ARG B 254 -2.40 -13.70 6.74
C ARG B 254 -2.47 -14.67 7.90
N VAL B 255 -1.32 -15.08 8.44
CA VAL B 255 -1.30 -15.95 9.61
C VAL B 255 -1.88 -15.27 10.85
N GLU B 256 -1.54 -14.01 11.09
CA GLU B 256 -2.11 -13.24 12.17
C GLU B 256 -3.61 -13.05 12.03
N ARG B 257 -4.11 -12.92 10.80
CA ARG B 257 -5.54 -12.92 10.51
C ARG B 257 -6.22 -14.23 10.85
N VAL B 258 -5.71 -15.36 10.36
CA VAL B 258 -6.28 -16.67 10.65
C VAL B 258 -6.26 -17.00 12.13
N THR B 259 -5.16 -16.70 12.83
CA THR B 259 -5.03 -16.96 14.25
C THR B 259 -6.02 -16.13 15.08
N ALA B 260 -6.12 -14.83 14.78
CA ALA B 260 -7.03 -13.98 15.53
C ALA B 260 -8.48 -14.28 15.19
N PHE B 261 -8.74 -14.88 14.04
CA PHE B 261 -10.11 -15.35 13.83
C PHE B 261 -10.39 -16.62 14.60
N LEU B 262 -9.49 -17.60 14.54
CA LEU B 262 -9.74 -18.88 15.19
C LEU B 262 -9.65 -18.84 16.70
N SER B 263 -9.04 -17.80 17.28
CA SER B 263 -9.14 -17.66 18.72
C SER B 263 -10.52 -17.20 19.15
N TYR B 264 -11.25 -16.51 18.27
CA TYR B 264 -12.62 -16.13 18.58
C TYR B 264 -13.55 -17.33 18.64
N LYS B 265 -13.33 -18.31 17.76
CA LYS B 265 -14.20 -19.49 17.75
C LYS B 265 -13.89 -20.47 18.86
N ARG B 266 -12.92 -20.15 19.74
CA ARG B 266 -12.54 -20.95 20.91
C ARG B 266 -12.11 -22.35 20.47
N ILE B 267 -11.09 -22.37 19.64
CA ILE B 267 -10.62 -23.57 18.98
C ILE B 267 -9.57 -24.21 19.87
N SER B 268 -9.26 -25.48 19.61
CA SER B 268 -8.30 -26.19 20.43
C SER B 268 -6.88 -25.70 20.13
N PRO B 269 -5.99 -25.69 21.12
CA PRO B 269 -4.62 -25.24 20.86
C PRO B 269 -3.76 -26.20 20.07
N GLU B 270 -4.07 -27.50 20.10
CA GLU B 270 -3.29 -28.47 19.32
C GLU B 270 -3.48 -28.27 17.83
N LEU B 271 -4.74 -28.13 17.40
CA LEU B 271 -5.03 -27.88 16.01
C LEU B 271 -4.53 -26.52 15.56
N GLN B 272 -4.54 -25.54 16.45
CA GLN B 272 -4.01 -24.23 16.11
C GLN B 272 -2.50 -24.27 15.93
N ARG B 273 -1.80 -25.07 16.73
CA ARG B 273 -0.37 -25.29 16.51
C ARG B 273 -0.12 -26.02 15.20
N ARG B 274 -1.02 -26.93 14.83
CA ARG B 274 -0.85 -27.62 13.55
C ARG B 274 -1.07 -26.68 12.37
N ILE B 275 -1.99 -25.72 12.49
CA ILE B 275 -2.18 -24.74 11.43
C ILE B 275 -0.97 -23.82 11.31
N ILE B 276 -0.40 -23.42 12.45
CA ILE B 276 0.77 -22.55 12.41
C ILE B 276 1.98 -23.28 11.80
N GLU B 277 2.14 -24.57 12.09
CA GLU B 277 3.24 -25.27 11.43
C GLU B 277 2.96 -25.56 9.96
N TYR B 278 1.69 -25.65 9.56
CA TYR B 278 1.37 -25.69 8.13
C TYR B 278 1.80 -24.42 7.43
N PHE B 279 1.52 -23.27 8.03
CA PHE B 279 1.95 -22.02 7.40
C PHE B 279 3.46 -21.85 7.43
N ASP B 280 4.14 -22.46 8.41
CA ASP B 280 5.60 -22.43 8.39
C ASP B 280 6.16 -23.27 7.24
N TYR B 281 5.58 -24.44 7.00
CA TYR B 281 5.99 -25.27 5.85
C TYR B 281 5.73 -24.55 4.53
N LEU B 282 4.54 -23.98 4.39
CA LEU B 282 4.17 -23.30 3.16
C LEU B 282 4.97 -22.02 2.95
N TRP B 283 5.47 -21.40 4.02
CA TRP B 283 6.42 -20.32 3.78
C TRP B 283 7.78 -20.85 3.37
N GLU B 284 8.34 -21.81 4.12
CA GLU B 284 9.72 -22.15 3.84
C GLU B 284 9.91 -23.07 2.66
N THR B 285 8.85 -23.45 1.94
CA THR B 285 9.05 -24.14 0.67
C THR B 285 8.77 -23.26 -0.54
N ARG B 286 7.58 -22.70 -0.69
CA ARG B 286 7.24 -21.97 -1.91
C ARG B 286 6.94 -20.50 -1.66
N ARG B 287 7.42 -19.97 -0.54
CA ARG B 287 7.35 -18.55 -0.18
C ARG B 287 5.92 -18.03 -0.12
N GLY B 288 5.05 -18.76 0.55
CA GLY B 288 3.75 -18.26 0.92
C GLY B 288 2.69 -18.34 -0.14
N TYR B 289 3.06 -18.45 -1.41
CA TYR B 289 2.09 -18.26 -2.48
C TYR B 289 1.28 -19.53 -2.69
N GLU B 290 -0.03 -19.36 -2.87
CA GLU B 290 -0.91 -20.49 -3.10
C GLU B 290 -0.73 -20.98 -4.52
N GLU B 291 -0.92 -22.29 -4.74
CA GLU B 291 -0.63 -22.90 -6.03
C GLU B 291 -1.57 -22.44 -7.12
N ARG B 292 -2.88 -22.40 -6.87
CA ARG B 292 -3.83 -22.19 -7.94
C ARG B 292 -4.08 -20.72 -8.25
N GLU B 293 -3.56 -19.81 -7.43
CA GLU B 293 -3.60 -18.40 -7.77
C GLU B 293 -2.37 -17.93 -8.50
N VAL B 294 -1.28 -18.72 -8.52
CA VAL B 294 -0.11 -18.33 -9.28
C VAL B 294 -0.28 -18.68 -10.75
N LEU B 295 -0.54 -19.95 -11.05
CA LEU B 295 -0.72 -20.30 -12.45
C LEU B 295 -2.17 -20.14 -12.91
N LYS B 296 -2.76 -19.00 -12.56
CA LYS B 296 -3.96 -18.51 -13.19
C LYS B 296 -3.64 -17.29 -14.03
N GLU B 297 -2.46 -16.72 -13.87
CA GLU B 297 -2.01 -15.54 -14.60
C GLU B 297 -1.24 -15.90 -15.86
N LEU B 298 -1.00 -17.17 -16.11
CA LEU B 298 -0.40 -17.61 -17.34
C LEU B 298 -1.50 -17.81 -18.38
N PRO B 299 -1.19 -17.66 -19.65
CA PRO B 299 -2.21 -17.94 -20.67
C PRO B 299 -2.32 -19.43 -20.89
N HIS B 300 -3.27 -19.85 -21.70
CA HIS B 300 -3.53 -21.27 -21.92
C HIS B 300 -2.37 -22.11 -22.47
N PRO B 301 -1.58 -21.68 -23.47
CA PRO B 301 -0.50 -22.57 -23.90
C PRO B 301 0.63 -22.69 -22.89
N LEU B 302 0.95 -21.63 -22.17
CA LEU B 302 2.00 -21.72 -21.17
C LEU B 302 1.53 -22.51 -19.96
N ARG B 303 0.26 -22.37 -19.57
CA ARG B 303 -0.26 -23.15 -18.46
C ARG B 303 -0.34 -24.61 -18.80
N LEU B 304 -0.72 -24.93 -20.04
CA LEU B 304 -0.68 -26.30 -20.54
C LEU B 304 0.74 -26.86 -20.52
N ALA B 305 1.72 -26.06 -20.94
CA ALA B 305 3.09 -26.55 -20.99
C ALA B 305 3.68 -26.75 -19.59
N VAL B 306 3.32 -25.89 -18.64
CA VAL B 306 3.79 -26.06 -17.27
C VAL B 306 3.18 -27.30 -16.64
N ALA B 307 1.87 -27.51 -16.83
CA ALA B 307 1.24 -28.73 -16.30
C ALA B 307 1.77 -29.97 -16.98
N MET B 308 2.17 -29.85 -18.25
CA MET B 308 2.78 -30.97 -18.95
C MET B 308 4.16 -31.29 -18.41
N GLU B 309 4.95 -30.27 -18.08
CA GLU B 309 6.28 -30.53 -17.55
C GLU B 309 6.21 -31.06 -16.13
N ILE B 310 5.17 -30.71 -15.38
CA ILE B 310 5.03 -31.24 -14.03
C ILE B 310 4.56 -32.69 -14.08
N HIS B 311 3.41 -32.93 -14.71
CA HIS B 311 2.80 -34.25 -14.66
C HIS B 311 3.16 -35.07 -15.90
N GLY B 312 4.46 -35.25 -16.12
CA GLY B 312 4.88 -36.02 -17.27
C GLY B 312 5.13 -37.47 -16.95
N ASP B 313 5.95 -37.72 -15.93
CA ASP B 313 6.26 -39.06 -15.50
C ASP B 313 5.19 -39.66 -14.58
N VAL B 314 4.20 -38.86 -14.19
CA VAL B 314 3.20 -39.28 -13.24
C VAL B 314 2.02 -39.96 -13.93
N ILE B 315 1.70 -39.51 -15.15
CA ILE B 315 0.49 -40.00 -15.81
C ILE B 315 0.79 -41.12 -16.81
N GLU B 316 2.06 -41.37 -17.13
CA GLU B 316 2.43 -42.55 -17.90
C GLU B 316 2.83 -43.70 -16.98
N LYS B 317 1.95 -43.98 -16.02
CA LYS B 317 2.10 -45.14 -15.16
C LYS B 317 0.80 -45.91 -14.91
N VAL B 318 -0.36 -45.28 -15.06
CA VAL B 318 -1.63 -45.89 -14.68
C VAL B 318 -2.06 -46.93 -15.70
N PRO B 319 -2.65 -48.05 -15.26
CA PRO B 319 -3.15 -49.03 -16.23
C PRO B 319 -4.58 -48.77 -16.67
N LEU B 320 -4.92 -47.53 -16.92
CA LEU B 320 -6.20 -47.18 -17.54
C LEU B 320 -6.02 -46.22 -18.68
N PHE B 321 -4.99 -45.38 -18.63
CA PHE B 321 -4.76 -44.37 -19.65
C PHE B 321 -3.73 -44.86 -20.65
N LYS B 322 -3.33 -46.12 -20.53
CA LYS B 322 -2.28 -46.70 -21.36
C LYS B 322 -2.82 -46.97 -22.75
N GLY B 323 -2.16 -46.38 -23.76
CA GLY B 323 -2.64 -46.45 -25.12
C GLY B 323 -3.68 -45.41 -25.46
N ALA B 324 -4.13 -44.62 -24.49
CA ALA B 324 -5.08 -43.56 -24.77
C ALA B 324 -4.37 -42.43 -25.51
N GLY B 325 -5.16 -41.61 -26.19
CA GLY B 325 -4.63 -40.58 -27.06
C GLY B 325 -3.97 -39.46 -26.30
N GLU B 326 -3.32 -38.58 -27.07
CA GLU B 326 -2.66 -37.43 -26.49
C GLU B 326 -3.65 -36.37 -26.03
N GLU B 327 -4.75 -36.17 -26.74
CA GLU B 327 -5.73 -35.16 -26.39
C GLU B 327 -6.65 -35.59 -25.25
N PHE B 328 -6.46 -36.78 -24.70
CA PHE B 328 -7.12 -37.16 -23.46
C PHE B 328 -6.24 -36.85 -22.25
N ILE B 329 -4.94 -37.04 -22.40
CA ILE B 329 -4.00 -36.68 -21.36
C ILE B 329 -4.00 -35.17 -21.17
N ARG B 330 -4.02 -34.42 -22.27
CA ARG B 330 -4.03 -32.96 -22.20
C ARG B 330 -5.36 -32.40 -21.71
N ASP B 331 -6.38 -33.24 -21.56
CA ASP B 331 -7.60 -32.79 -20.92
C ASP B 331 -7.70 -33.21 -19.47
N ILE B 332 -7.16 -34.37 -19.09
CA ILE B 332 -7.17 -34.69 -17.67
C ILE B 332 -6.05 -33.98 -16.91
N ILE B 333 -5.03 -33.47 -17.61
CA ILE B 333 -3.89 -32.89 -16.93
C ILE B 333 -4.14 -31.44 -16.53
N LEU B 334 -5.19 -30.83 -17.06
CA LEU B 334 -5.54 -29.48 -16.69
C LEU B 334 -6.58 -29.42 -15.59
N HIS B 335 -7.11 -30.55 -15.15
CA HIS B 335 -8.15 -30.59 -14.14
C HIS B 335 -7.70 -31.22 -12.83
N LEU B 336 -6.40 -31.34 -12.61
CA LEU B 336 -5.89 -31.82 -11.34
C LEU B 336 -5.90 -30.68 -10.34
N GLU B 337 -6.18 -30.99 -9.09
CA GLU B 337 -6.31 -29.99 -8.05
C GLU B 337 -5.34 -30.28 -6.92
N PRO B 338 -4.50 -29.33 -6.52
CA PRO B 338 -3.53 -29.59 -5.46
C PRO B 338 -4.10 -29.48 -4.06
N VAL B 339 -3.77 -30.46 -3.22
CA VAL B 339 -4.06 -30.40 -1.80
C VAL B 339 -2.79 -30.78 -1.05
N ILE B 340 -2.72 -30.40 0.22
CA ILE B 340 -1.53 -30.60 1.03
C ILE B 340 -1.96 -31.19 2.36
N TYR B 341 -1.48 -32.38 2.67
CA TYR B 341 -1.78 -33.04 3.92
C TYR B 341 -0.60 -32.95 4.88
N GLY B 342 -0.88 -32.66 6.14
CA GLY B 342 0.15 -32.61 7.14
C GLY B 342 0.56 -33.99 7.59
N PRO B 343 1.59 -34.06 8.44
CA PRO B 343 2.08 -35.36 8.89
C PRO B 343 1.14 -36.05 9.86
N GLY B 344 0.60 -37.19 9.45
CA GLY B 344 -0.33 -37.94 10.28
C GLY B 344 -1.78 -37.75 9.90
N GLU B 345 -2.09 -36.96 8.89
CA GLU B 345 -3.46 -36.82 8.42
C GLU B 345 -3.95 -38.12 7.80
N TYR B 346 -5.25 -38.33 7.86
CA TYR B 346 -5.88 -39.45 7.18
C TYR B 346 -6.28 -38.99 5.80
N ILE B 347 -5.59 -39.47 4.77
CA ILE B 347 -6.02 -39.19 3.41
C ILE B 347 -7.24 -40.03 3.06
N ILE B 348 -7.13 -41.34 3.19
CA ILE B 348 -8.22 -42.27 2.93
C ILE B 348 -8.42 -43.12 4.18
N ARG B 349 -9.66 -43.21 4.63
CA ARG B 349 -10.02 -44.15 5.67
C ARG B 349 -10.70 -45.36 5.05
N ALA B 350 -10.27 -46.55 5.44
CA ALA B 350 -10.86 -47.77 4.90
C ALA B 350 -12.27 -47.94 5.45
N GLY B 351 -13.22 -48.15 4.56
CA GLY B 351 -14.62 -48.19 4.92
C GLY B 351 -15.41 -47.00 4.43
N GLU B 352 -14.75 -45.93 4.02
CA GLU B 352 -15.41 -44.79 3.41
C GLU B 352 -15.84 -45.15 2.00
N MET B 353 -16.67 -44.31 1.40
CA MET B 353 -17.11 -44.56 0.04
C MET B 353 -15.97 -44.38 -0.94
N GLY B 354 -15.34 -43.21 -0.93
CA GLY B 354 -14.16 -42.98 -1.73
C GLY B 354 -14.51 -42.60 -3.16
N SER B 355 -14.01 -41.45 -3.61
CA SER B 355 -14.43 -40.97 -4.92
C SER B 355 -13.28 -40.42 -5.75
N ASP B 356 -12.10 -40.26 -5.16
CA ASP B 356 -11.03 -39.55 -5.84
C ASP B 356 -9.74 -40.36 -5.86
N VAL B 357 -8.87 -40.04 -6.83
CA VAL B 357 -7.58 -40.68 -7.01
C VAL B 357 -6.48 -39.63 -6.83
N TYR B 358 -5.43 -40.01 -6.10
CA TYR B 358 -4.40 -39.08 -5.66
C TYR B 358 -3.08 -39.39 -6.32
N PHE B 359 -2.44 -38.37 -6.89
CA PHE B 359 -1.10 -38.49 -7.46
C PHE B 359 -0.14 -37.77 -6.54
N ILE B 360 0.97 -38.41 -6.20
CA ILE B 360 1.94 -37.82 -5.28
C ILE B 360 3.01 -37.08 -6.07
N ASN B 361 3.30 -35.85 -5.66
CA ASN B 361 4.32 -35.05 -6.32
C ASN B 361 5.57 -34.89 -5.48
N ARG B 362 5.45 -34.63 -4.19
CA ARG B 362 6.65 -34.28 -3.45
C ARG B 362 6.91 -35.09 -2.20
N GLY B 363 5.89 -35.41 -1.42
CA GLY B 363 6.08 -36.03 -0.12
C GLY B 363 6.23 -37.54 -0.20
N SER B 364 6.00 -38.17 0.94
CA SER B 364 5.89 -39.61 1.06
C SER B 364 4.62 -39.94 1.82
N VAL B 365 4.20 -41.21 1.73
CA VAL B 365 2.94 -41.62 2.33
C VAL B 365 3.05 -43.11 2.65
N GLU B 366 2.20 -43.58 3.55
CA GLU B 366 2.23 -44.97 3.99
C GLU B 366 0.83 -45.56 3.91
N VAL B 367 0.77 -46.84 3.60
CA VAL B 367 -0.49 -47.54 3.36
C VAL B 367 -0.68 -48.54 4.49
N LEU B 368 -1.81 -48.44 5.19
CA LEU B 368 -2.06 -49.29 6.33
C LEU B 368 -3.32 -50.13 6.09
N SER B 369 -3.52 -51.10 6.97
CA SER B 369 -4.68 -51.97 6.91
C SER B 369 -5.87 -51.29 7.60
N ALA B 370 -6.96 -52.04 7.74
CA ALA B 370 -8.19 -51.46 8.26
C ALA B 370 -8.10 -51.20 9.77
N ASP B 371 -7.20 -51.89 10.47
CA ASP B 371 -7.00 -51.65 11.89
C ASP B 371 -5.88 -50.68 12.19
N GLU B 372 -5.20 -50.17 11.15
CA GLU B 372 -4.06 -49.26 11.25
C GLU B 372 -2.92 -49.86 12.07
N LYS B 373 -2.68 -51.15 11.89
CA LYS B 373 -1.66 -51.86 12.65
C LYS B 373 -0.61 -52.54 11.77
N THR B 374 -1.01 -53.11 10.65
CA THR B 374 -0.11 -53.87 9.80
C THR B 374 0.14 -53.10 8.51
N ARG B 375 1.36 -52.61 8.34
CA ARG B 375 1.73 -51.80 7.19
C ARG B 375 1.77 -52.66 5.93
N TYR B 376 1.13 -52.20 4.86
CA TYR B 376 1.24 -52.90 3.59
C TYR B 376 2.52 -52.51 2.86
N ALA B 377 2.65 -51.24 2.51
CA ALA B 377 3.82 -50.75 1.79
C ALA B 377 3.95 -49.25 2.01
N ILE B 378 4.90 -48.63 1.31
CA ILE B 378 5.18 -47.21 1.43
C ILE B 378 5.30 -46.64 0.01
N LEU B 379 4.68 -45.50 -0.22
CA LEU B 379 4.68 -44.86 -1.52
C LEU B 379 5.39 -43.51 -1.43
N SER B 380 6.17 -43.20 -2.46
CA SER B 380 6.95 -41.98 -2.48
C SER B 380 6.54 -41.20 -3.72
N GLU B 381 7.30 -40.15 -4.03
CA GLU B 381 6.94 -39.27 -5.14
C GLU B 381 7.14 -39.97 -6.48
N GLY B 382 6.31 -39.56 -7.44
CA GLY B 382 6.29 -40.20 -8.72
C GLY B 382 5.22 -41.26 -8.89
N GLN B 383 4.61 -41.71 -7.80
CA GLN B 383 3.64 -42.78 -7.85
C GLN B 383 2.28 -42.27 -7.40
N PHE B 384 1.31 -43.18 -7.36
CA PHE B 384 -0.08 -42.82 -7.15
C PHE B 384 -0.75 -43.88 -6.31
N PHE B 385 -1.98 -43.60 -5.89
CA PHE B 385 -2.80 -44.57 -5.19
C PHE B 385 -4.27 -44.18 -5.36
N GLY B 386 -5.15 -45.03 -4.85
CA GLY B 386 -6.57 -44.76 -4.89
C GLY B 386 -7.19 -44.78 -6.26
N GLU B 387 -6.56 -45.45 -7.23
CA GLU B 387 -7.02 -45.36 -8.60
C GLU B 387 -8.24 -46.22 -8.88
N MET B 388 -8.61 -47.09 -7.96
CA MET B 388 -9.74 -48.01 -8.17
C MET B 388 -11.04 -47.36 -7.71
N ALA B 389 -11.26 -46.14 -8.16
CA ALA B 389 -12.51 -45.43 -7.87
C ALA B 389 -13.07 -44.71 -9.07
N LEU B 390 -12.30 -44.54 -10.14
CA LEU B 390 -12.81 -43.88 -11.34
C LEU B 390 -13.80 -44.77 -12.07
N ILE B 391 -13.50 -46.06 -12.13
CA ILE B 391 -14.36 -47.02 -12.81
C ILE B 391 -15.40 -47.66 -11.90
N LEU B 392 -15.26 -47.54 -10.59
CA LEU B 392 -16.00 -48.40 -9.68
C LEU B 392 -16.57 -47.56 -8.54
N ARG B 393 -17.66 -48.05 -7.96
CA ARG B 393 -18.40 -47.37 -6.90
C ARG B 393 -18.04 -47.92 -5.52
N ALA B 394 -17.08 -48.84 -5.46
CA ALA B 394 -16.82 -49.66 -4.28
C ALA B 394 -16.22 -48.84 -3.14
N PRO B 395 -16.53 -49.23 -1.90
CA PRO B 395 -16.00 -48.54 -0.73
C PRO B 395 -14.51 -48.84 -0.58
N ARG B 396 -13.74 -47.92 -0.03
CA ARG B 396 -12.30 -48.09 0.12
C ARG B 396 -11.91 -49.34 0.91
N THR B 397 -10.75 -49.90 0.57
CA THR B 397 -10.27 -51.12 1.20
C THR B 397 -9.00 -51.01 2.05
N ALA B 398 -8.46 -49.81 2.19
CA ALA B 398 -7.25 -49.61 2.98
C ALA B 398 -7.20 -48.21 3.57
N THR B 399 -6.33 -47.99 4.55
CA THR B 399 -6.21 -46.67 5.14
C THR B 399 -4.84 -46.10 4.84
N VAL B 400 -4.80 -44.89 4.29
CA VAL B 400 -3.57 -44.27 3.82
C VAL B 400 -3.31 -43.03 4.67
N ARG B 401 -2.32 -43.10 5.55
CA ARG B 401 -1.91 -41.99 6.38
C ARG B 401 -0.69 -41.32 5.77
N ALA B 402 -0.62 -40.01 5.91
CA ALA B 402 0.56 -39.28 5.46
C ALA B 402 1.72 -39.53 6.41
N ARG B 403 2.93 -39.31 5.91
CA ARG B 403 4.14 -39.43 6.73
C ARG B 403 4.78 -38.09 7.01
N ALA B 404 5.11 -37.33 5.98
CA ALA B 404 5.52 -35.94 6.08
C ALA B 404 4.52 -35.10 5.30
N PHE B 405 4.85 -33.84 5.08
CA PHE B 405 4.02 -33.01 4.21
C PHE B 405 4.10 -33.51 2.77
N CYS B 406 2.94 -33.64 2.14
CA CYS B 406 2.82 -34.48 0.95
C CYS B 406 2.91 -33.73 -0.37
N ASP B 407 2.14 -32.65 -0.55
CA ASP B 407 1.97 -31.92 -1.81
C ASP B 407 1.49 -32.86 -2.92
N LEU B 408 0.28 -33.36 -2.77
CA LEU B 408 -0.24 -34.32 -3.72
C LEU B 408 -1.46 -33.77 -4.46
N TYR B 409 -1.54 -34.08 -5.74
CA TYR B 409 -2.61 -33.65 -6.63
C TYR B 409 -3.69 -34.73 -6.69
N ARG B 410 -4.95 -34.31 -6.78
CA ARG B 410 -6.04 -35.27 -6.83
C ARG B 410 -6.93 -35.00 -8.04
N LEU B 411 -7.68 -36.04 -8.40
CA LEU B 411 -8.63 -35.99 -9.50
C LEU B 411 -9.95 -36.57 -9.01
N ASP B 412 -11.04 -35.86 -9.27
CA ASP B 412 -12.35 -36.31 -8.84
C ASP B 412 -12.91 -37.33 -9.81
N LYS B 413 -14.08 -37.86 -9.46
CA LYS B 413 -14.77 -38.80 -10.33
C LYS B 413 -15.85 -38.11 -11.16
N GLU B 414 -16.48 -37.09 -10.59
CA GLU B 414 -17.45 -36.30 -11.34
C GLU B 414 -16.77 -35.55 -12.48
N THR B 415 -15.60 -34.96 -12.22
CA THR B 415 -14.85 -34.27 -13.25
C THR B 415 -14.32 -35.24 -14.30
N PHE B 416 -13.91 -36.43 -13.84
CA PHE B 416 -13.43 -37.47 -14.75
C PHE B 416 -14.52 -37.93 -15.70
N ASP B 417 -15.69 -38.29 -15.18
CA ASP B 417 -16.80 -38.67 -16.04
C ASP B 417 -17.35 -37.52 -16.85
N ARG B 418 -17.18 -36.28 -16.39
CA ARG B 418 -17.67 -35.14 -17.15
C ARG B 418 -16.81 -34.89 -18.39
N ILE B 419 -15.49 -35.05 -18.27
CA ILE B 419 -14.66 -34.81 -19.46
C ILE B 419 -14.37 -36.14 -20.16
N LEU B 420 -14.91 -37.22 -19.62
CA LEU B 420 -14.83 -38.52 -20.27
C LEU B 420 -15.97 -38.75 -21.25
N SER B 421 -17.04 -37.94 -21.15
CA SER B 421 -18.24 -38.15 -21.96
C SER B 421 -17.97 -37.88 -23.43
N ARG B 422 -17.26 -36.80 -23.73
CA ARG B 422 -17.06 -36.37 -25.10
C ARG B 422 -16.02 -37.22 -25.85
N TYR B 423 -15.35 -38.15 -25.17
CA TYR B 423 -14.45 -39.08 -25.85
C TYR B 423 -15.04 -40.48 -25.72
N PRO B 424 -15.73 -40.99 -26.74
CA PRO B 424 -16.47 -42.26 -26.56
C PRO B 424 -15.59 -43.49 -26.55
N GLU B 425 -14.39 -43.40 -27.11
CA GLU B 425 -13.54 -44.58 -27.22
C GLU B 425 -13.01 -45.01 -25.87
N ILE B 426 -12.57 -44.06 -25.04
CA ILE B 426 -12.17 -44.37 -23.68
C ILE B 426 -13.40 -44.68 -22.83
N ALA B 427 -14.55 -44.08 -23.18
CA ALA B 427 -15.80 -44.39 -22.49
C ALA B 427 -16.23 -45.83 -22.68
N ALA B 428 -15.90 -46.45 -23.81
CA ALA B 428 -16.13 -47.87 -23.99
C ALA B 428 -14.95 -48.71 -23.53
N GLN B 429 -13.74 -48.14 -23.50
CA GLN B 429 -12.58 -48.85 -22.98
C GLN B 429 -12.69 -49.10 -21.48
N ILE B 430 -13.26 -48.16 -20.73
CA ILE B 430 -13.33 -48.34 -19.28
C ILE B 430 -14.43 -49.30 -18.82
N GLN B 431 -15.40 -49.60 -19.68
CA GLN B 431 -16.51 -50.46 -19.27
C GLN B 431 -16.09 -51.91 -19.11
N GLU B 432 -15.15 -52.37 -19.94
CA GLU B 432 -14.67 -53.75 -19.82
C GLU B 432 -13.82 -53.94 -18.57
N LEU B 433 -13.24 -52.86 -18.04
CA LEU B 433 -12.64 -52.97 -16.72
C LEU B 433 -13.67 -52.73 -15.62
N ALA B 434 -14.78 -52.07 -15.96
CA ALA B 434 -15.83 -51.82 -14.98
C ALA B 434 -16.61 -53.08 -14.64
N THR C 29 19.14 -26.13 20.16
CA THR C 29 19.32 -25.21 21.26
C THR C 29 20.74 -25.17 21.83
N TYR C 30 21.69 -25.92 21.28
CA TYR C 30 23.07 -25.79 21.72
C TYR C 30 23.93 -25.05 20.72
N THR C 31 23.42 -24.78 19.52
CA THR C 31 24.10 -23.86 18.61
C THR C 31 23.65 -22.43 18.81
N LEU C 32 22.55 -22.21 19.52
CA LEU C 32 22.08 -20.85 19.82
C LEU C 32 23.03 -20.14 20.75
N VAL C 33 23.53 -20.82 21.79
CA VAL C 33 24.55 -20.23 22.64
C VAL C 33 25.86 -20.03 21.88
N TRP C 34 26.13 -20.84 20.85
CA TRP C 34 27.33 -20.61 20.07
C TRP C 34 27.18 -19.40 19.16
N LYS C 35 25.99 -19.18 18.60
CA LYS C 35 25.75 -17.97 17.83
C LYS C 35 25.81 -16.73 18.71
N VAL C 36 25.33 -16.83 19.95
CA VAL C 36 25.44 -15.70 20.87
C VAL C 36 26.91 -15.45 21.23
N TRP C 37 27.70 -16.51 21.38
CA TRP C 37 29.13 -16.34 21.64
C TRP C 37 29.85 -15.70 20.46
N ILE C 38 29.49 -16.10 19.24
CA ILE C 38 30.08 -15.51 18.03
C ILE C 38 29.71 -14.04 17.91
N LEU C 39 28.44 -13.71 18.21
CA LEU C 39 28.00 -12.31 18.20
C LEU C 39 28.74 -11.49 19.24
N ALA C 40 28.97 -12.05 20.43
CA ALA C 40 29.75 -11.37 21.45
C ALA C 40 31.21 -11.16 21.03
N VAL C 41 31.81 -12.15 20.38
CA VAL C 41 33.21 -12.03 19.96
C VAL C 41 33.36 -10.96 18.88
N THR C 42 32.45 -10.94 17.90
CA THR C 42 32.61 -9.95 16.84
C THR C 42 32.20 -8.56 17.30
N LEU C 43 31.30 -8.47 18.28
CA LEU C 43 30.99 -7.19 18.89
C LEU C 43 32.18 -6.68 19.70
N TYR C 44 32.92 -7.61 20.31
CA TYR C 44 34.15 -7.28 21.00
C TYR C 44 35.22 -6.77 20.05
N TYR C 45 35.38 -7.42 18.89
CA TYR C 45 36.33 -6.91 17.90
C TYR C 45 35.92 -5.55 17.36
N ALA C 46 34.62 -5.36 17.11
CA ALA C 46 34.13 -4.09 16.61
C ALA C 46 34.31 -2.96 17.60
N ILE C 47 34.26 -3.26 18.91
CA ILE C 47 34.57 -2.22 19.89
C ILE C 47 36.07 -2.04 20.09
N ARG C 48 36.88 -3.10 19.99
CA ARG C 48 38.27 -2.99 20.39
C ARG C 48 39.20 -2.51 19.28
N ILE C 49 39.03 -2.99 18.04
CA ILE C 49 40.05 -2.77 17.01
C ILE C 49 40.30 -1.30 16.65
N PRO C 50 39.28 -0.45 16.39
CA PRO C 50 39.61 0.97 16.15
C PRO C 50 40.03 1.71 17.39
N LEU C 51 39.79 1.17 18.58
CA LEU C 51 40.23 1.85 19.78
C LEU C 51 41.71 1.59 20.04
N THR C 52 42.21 0.43 19.60
CA THR C 52 43.62 0.11 19.74
C THR C 52 44.45 0.54 18.54
N LEU C 53 43.82 0.83 17.40
CA LEU C 53 44.56 1.45 16.32
C LEU C 53 44.98 2.87 16.68
N VAL C 54 44.22 3.53 17.57
CA VAL C 54 44.60 4.87 17.98
C VAL C 54 45.61 4.80 19.12
N PHE C 55 45.37 3.94 20.11
CA PHE C 55 46.23 3.88 21.28
C PHE C 55 47.16 2.68 21.16
N PRO C 56 48.46 2.88 20.98
CA PRO C 56 49.40 1.74 20.96
C PRO C 56 49.66 1.15 22.32
N SER C 57 49.38 1.88 23.40
CA SER C 57 49.64 1.41 24.75
C SER C 57 48.70 0.28 25.17
N LEU C 58 47.62 0.06 24.44
CA LEU C 58 46.80 -1.12 24.66
C LEU C 58 47.39 -2.31 23.93
N PHE C 59 46.60 -3.39 23.85
CA PHE C 59 46.81 -4.69 23.20
C PHE C 59 47.82 -5.57 23.93
N SER C 60 48.73 -4.97 24.70
CA SER C 60 49.73 -5.79 25.35
C SER C 60 49.19 -6.39 26.65
N PRO C 61 48.54 -5.62 27.58
CA PRO C 61 47.90 -6.32 28.70
C PRO C 61 46.48 -6.74 28.38
N LEU C 62 46.23 -7.12 27.14
CA LEU C 62 44.91 -7.60 26.77
C LEU C 62 44.97 -8.64 25.65
N LEU C 63 46.17 -9.01 25.21
CA LEU C 63 46.39 -10.11 24.26
C LEU C 63 45.71 -11.47 24.52
N PRO C 64 45.52 -11.97 25.77
CA PRO C 64 44.84 -13.29 25.89
C PRO C 64 43.41 -13.34 25.38
N LEU C 65 42.66 -12.24 25.45
CA LEU C 65 41.36 -12.27 24.80
C LEU C 65 41.46 -12.22 23.29
N ASP C 66 42.54 -11.63 22.74
CA ASP C 66 42.80 -11.76 21.31
C ASP C 66 43.03 -13.20 20.92
N ILE C 67 43.79 -13.93 21.75
CA ILE C 67 44.06 -15.35 21.48
C ILE C 67 42.77 -16.15 21.51
N LEU C 68 41.99 -15.99 22.59
CA LEU C 68 40.72 -16.70 22.73
C LEU C 68 39.74 -16.35 21.62
N ALA C 69 39.72 -15.08 21.21
CA ALA C 69 38.72 -14.64 20.26
C ALA C 69 39.08 -15.03 18.83
N SER C 70 40.37 -14.98 18.48
CA SER C 70 40.76 -15.45 17.16
C SER C 70 40.65 -16.96 17.05
N LEU C 71 40.87 -17.68 18.16
CA LEU C 71 40.60 -19.11 18.15
C LEU C 71 39.11 -19.39 17.98
N ALA C 72 38.25 -18.56 18.59
CA ALA C 72 36.81 -18.71 18.40
C ALA C 72 36.42 -18.47 16.95
N LEU C 73 37.00 -17.43 16.33
CA LEU C 73 36.65 -17.13 14.94
C LEU C 73 37.18 -18.19 13.98
N ILE C 74 38.36 -18.76 14.24
CA ILE C 74 38.86 -19.79 13.34
C ILE C 74 38.19 -21.14 13.60
N ALA C 75 37.64 -21.35 14.79
CA ALA C 75 36.89 -22.57 15.09
C ALA C 75 35.43 -22.46 14.70
N ASP C 76 34.96 -21.26 14.35
CA ASP C 76 33.57 -21.13 13.95
C ASP C 76 33.29 -21.76 12.59
N ILE C 77 34.26 -21.68 11.67
CA ILE C 77 34.03 -22.16 10.30
C ILE C 77 33.88 -23.68 10.18
N PRO C 78 34.48 -24.56 11.01
CA PRO C 78 34.00 -25.95 10.97
C PRO C 78 32.60 -26.13 11.51
N LEU C 79 32.20 -25.37 12.52
CA LEU C 79 30.81 -25.43 12.93
C LEU C 79 29.91 -24.60 12.01
N ASP C 80 30.49 -23.70 11.22
CA ASP C 80 29.72 -23.08 10.15
C ASP C 80 29.47 -24.04 9.00
N LEU C 81 30.34 -25.03 8.81
CA LEU C 81 30.04 -26.07 7.82
C LEU C 81 29.14 -27.15 8.42
N ALA C 82 29.66 -27.90 9.38
CA ALA C 82 28.94 -29.02 9.96
C ALA C 82 28.00 -28.53 11.06
N PHE C 83 26.84 -29.18 11.15
CA PHE C 83 25.69 -28.79 11.97
C PHE C 83 25.13 -27.41 11.62
N GLU C 84 25.50 -26.85 10.49
CA GLU C 84 24.91 -25.59 10.06
C GLU C 84 24.47 -25.60 8.60
N SER C 99 28.53 -15.90 -0.87
CA SER C 99 27.92 -15.58 0.41
C SER C 99 28.56 -16.39 1.53
N ARG C 100 29.84 -16.72 1.40
CA ARG C 100 30.56 -17.50 2.41
C ARG C 100 31.86 -16.79 2.74
N LEU C 101 32.42 -16.10 1.76
CA LEU C 101 33.68 -15.37 1.88
C LEU C 101 33.81 -14.27 2.94
N PRO C 102 32.75 -13.62 3.47
CA PRO C 102 32.98 -12.76 4.65
C PRO C 102 33.51 -13.51 5.86
N ASP C 103 32.95 -14.69 6.16
CA ASP C 103 33.47 -15.49 7.25
C ASP C 103 34.86 -16.02 6.94
N LEU C 104 35.13 -16.33 5.67
CA LEU C 104 36.44 -16.83 5.28
C LEU C 104 37.50 -15.74 5.38
N LEU C 105 37.14 -14.50 5.07
CA LEU C 105 38.09 -13.40 5.20
C LEU C 105 38.21 -12.92 6.64
N ALA C 106 37.17 -13.09 7.45
CA ALA C 106 37.33 -12.78 8.87
C ALA C 106 37.99 -13.91 9.63
N ALA C 107 38.15 -15.08 9.00
CA ALA C 107 38.66 -16.24 9.71
C ALA C 107 40.16 -16.15 9.95
N LEU C 108 40.91 -15.57 9.00
CA LEU C 108 42.36 -15.67 9.16
C LEU C 108 42.86 -14.62 10.14
N PRO C 109 43.94 -14.92 10.86
CA PRO C 109 44.57 -13.89 11.71
C PRO C 109 45.37 -12.87 10.91
N LEU C 110 44.67 -12.04 10.15
CA LEU C 110 45.30 -10.92 9.49
C LEU C 110 45.74 -9.86 10.49
N ASP C 111 45.03 -9.76 11.61
CA ASP C 111 45.48 -8.99 12.75
C ASP C 111 46.51 -9.79 13.55
N LEU C 112 46.99 -9.18 14.64
CA LEU C 112 48.07 -9.53 15.58
C LEU C 112 49.44 -9.32 14.94
N LEU C 113 49.48 -9.25 13.61
CA LEU C 113 50.72 -9.03 12.88
C LEU C 113 51.04 -7.54 12.85
N VAL C 114 50.01 -6.74 12.60
CA VAL C 114 50.12 -5.29 12.68
C VAL C 114 50.45 -4.87 14.10
N PHE C 115 49.76 -5.48 15.07
CA PHE C 115 49.90 -5.07 16.46
C PHE C 115 51.17 -5.60 17.11
N ALA C 116 51.80 -6.64 16.55
CA ALA C 116 53.12 -7.06 17.04
C ALA C 116 54.26 -6.39 16.31
N LEU C 117 54.27 -6.42 14.98
CA LEU C 117 55.38 -5.87 14.22
C LEU C 117 55.30 -4.36 14.05
N HIS C 118 54.26 -3.72 14.57
CA HIS C 118 54.13 -2.27 14.69
C HIS C 118 54.13 -1.60 13.30
N LEU C 119 53.22 -2.07 12.46
CA LEU C 119 53.11 -1.57 11.09
C LEU C 119 52.61 -0.13 11.08
N PRO C 120 53.09 0.69 10.13
CA PRO C 120 52.66 2.09 10.10
C PRO C 120 51.22 2.29 9.63
N SER C 121 50.77 3.53 9.63
CA SER C 121 49.37 3.93 9.53
C SER C 121 48.62 3.53 8.25
N PRO C 122 49.10 3.76 7.02
CA PRO C 122 48.30 3.35 5.86
C PRO C 122 48.31 1.86 5.59
N LEU C 123 49.15 1.10 6.30
CA LEU C 123 49.18 -0.33 6.17
C LEU C 123 48.55 -1.05 7.35
N SER C 124 48.33 -0.36 8.47
CA SER C 124 47.68 -0.96 9.63
C SER C 124 46.20 -1.22 9.40
N LEU C 125 45.58 -0.45 8.52
CA LEU C 125 44.13 -0.41 8.40
C LEU C 125 43.54 -1.72 7.86
N LEU C 126 44.37 -2.61 7.30
CA LEU C 126 43.88 -3.93 6.93
C LEU C 126 43.48 -4.79 8.12
N SER C 127 43.86 -4.40 9.35
CA SER C 127 43.29 -5.04 10.53
C SER C 127 41.78 -4.83 10.68
N LEU C 128 41.18 -3.92 9.90
CA LEU C 128 39.74 -3.78 9.79
C LEU C 128 39.05 -4.94 9.08
N VAL C 129 39.80 -5.89 8.50
CA VAL C 129 39.20 -7.00 7.77
C VAL C 129 38.35 -7.88 8.69
N ARG C 130 38.72 -7.96 9.97
CA ARG C 130 37.90 -8.65 10.97
C ARG C 130 36.50 -8.06 11.10
N LEU C 131 36.35 -6.77 10.84
CA LEU C 131 35.06 -6.10 10.84
C LEU C 131 34.12 -6.57 9.75
N LEU C 132 34.59 -7.40 8.80
CA LEU C 132 33.68 -8.00 7.83
C LEU C 132 32.87 -9.15 8.43
N LYS C 133 33.15 -9.51 9.68
CA LYS C 133 32.43 -10.61 10.32
C LYS C 133 30.96 -10.26 10.56
N LEU C 134 30.64 -8.96 10.69
CA LEU C 134 29.29 -8.52 11.00
C LEU C 134 28.27 -8.84 9.91
N ILE C 135 28.74 -9.07 8.67
CA ILE C 135 27.84 -9.53 7.62
C ILE C 135 27.33 -10.93 7.92
N SER C 136 28.22 -11.79 8.43
CA SER C 136 27.84 -13.16 8.76
C SER C 136 26.87 -13.20 9.94
N VAL C 137 27.14 -12.39 10.96
CA VAL C 137 26.27 -12.34 12.13
C VAL C 137 24.93 -11.71 11.77
N GLN C 138 24.94 -10.73 10.86
CA GLN C 138 23.70 -10.14 10.36
C GLN C 138 22.87 -11.17 9.60
N ARG C 139 23.51 -11.93 8.71
CA ARG C 139 22.78 -12.93 7.95
C ARG C 139 22.35 -14.12 8.78
N SER C 140 23.00 -14.38 9.91
CA SER C 140 22.51 -15.43 10.79
C SER C 140 21.32 -14.97 11.63
N ALA C 141 21.44 -13.78 12.24
CA ALA C 141 20.39 -13.25 13.10
C ALA C 141 19.17 -12.77 12.32
N THR C 142 19.28 -12.52 11.02
CA THR C 142 18.12 -12.15 10.24
C THR C 142 17.27 -13.35 9.83
N ARG C 143 17.68 -14.57 10.20
CA ARG C 143 16.88 -15.75 9.91
C ARG C 143 16.64 -16.64 11.11
N ILE C 144 17.48 -16.59 12.15
CA ILE C 144 17.21 -17.45 13.30
C ILE C 144 16.04 -16.94 14.13
N LEU C 145 15.66 -15.68 13.99
CA LEU C 145 14.51 -15.15 14.69
C LEU C 145 13.68 -14.26 13.77
N SER C 146 13.53 -14.70 12.53
CA SER C 146 12.87 -13.89 11.51
C SER C 146 11.35 -14.02 11.58
N TYR C 147 10.82 -14.85 12.49
CA TYR C 147 9.37 -14.91 12.65
C TYR C 147 8.94 -14.84 14.11
N ARG C 148 9.84 -14.51 15.01
CA ARG C 148 9.42 -14.12 16.35
C ARG C 148 8.84 -12.71 16.33
N ILE C 149 9.53 -11.79 15.65
CA ILE C 149 9.15 -10.39 15.67
C ILE C 149 8.92 -9.89 14.25
N ASN C 150 8.43 -8.67 14.15
CA ASN C 150 8.16 -7.97 12.89
C ASN C 150 9.47 -7.74 12.16
N PRO C 151 9.58 -8.11 10.88
CA PRO C 151 10.83 -7.90 10.14
C PRO C 151 11.21 -6.45 9.89
N ALA C 152 10.30 -5.49 10.06
CA ALA C 152 10.68 -4.09 10.01
C ALA C 152 11.39 -3.63 11.28
N LEU C 153 10.88 -4.06 12.44
CA LEU C 153 11.51 -3.75 13.71
C LEU C 153 12.90 -4.36 13.80
N LEU C 154 13.10 -5.53 13.22
CA LEU C 154 14.40 -6.18 13.24
C LEU C 154 15.42 -5.37 12.44
N ARG C 155 15.02 -4.88 11.27
CA ARG C 155 15.92 -4.08 10.44
C ARG C 155 16.22 -2.75 11.10
N LEU C 156 15.24 -2.17 11.79
CA LEU C 156 15.48 -0.92 12.50
C LEU C 156 16.44 -1.10 13.67
N LEU C 157 16.28 -2.18 14.44
CA LEU C 157 17.20 -2.44 15.55
C LEU C 157 18.59 -2.76 15.06
N SER C 158 18.71 -3.50 13.94
CA SER C 158 20.01 -3.77 13.36
C SER C 158 20.68 -2.50 12.87
N LEU C 159 19.90 -1.58 12.33
CA LEU C 159 20.46 -0.32 11.84
C LEU C 159 20.94 0.56 13.00
N VAL C 160 20.18 0.60 14.09
CA VAL C 160 20.62 1.35 15.27
C VAL C 160 21.88 0.76 15.87
N GLY C 161 21.97 -0.59 15.88
CA GLY C 161 23.18 -1.23 16.34
C GLY C 161 24.40 -0.92 15.49
N PHE C 162 24.26 -0.99 14.16
CA PHE C 162 25.37 -0.64 13.29
C PHE C 162 25.72 0.85 13.34
N ILE C 163 24.75 1.72 13.59
CA ILE C 163 25.03 3.15 13.64
C ILE C 163 25.82 3.50 14.89
N LEU C 164 25.47 2.94 16.05
CA LEU C 164 26.30 3.18 17.23
C LEU C 164 27.67 2.54 17.10
N LEU C 165 27.71 1.32 16.55
CA LEU C 165 28.95 0.58 16.44
C LEU C 165 29.88 1.18 15.39
N ALA C 166 29.33 1.94 14.44
CA ALA C 166 30.12 2.67 13.46
C ALA C 166 30.43 4.09 13.88
N ALA C 167 29.59 4.68 14.74
CA ALA C 167 29.93 5.96 15.33
C ALA C 167 31.15 5.84 16.22
N HIS C 168 31.32 4.69 16.87
CA HIS C 168 32.57 4.45 17.61
C HIS C 168 33.78 4.46 16.69
N GLY C 169 33.69 3.81 15.53
CA GLY C 169 34.83 3.78 14.62
C GLY C 169 35.13 5.13 14.00
N ILE C 170 34.07 5.88 13.66
CA ILE C 170 34.27 7.22 13.11
C ILE C 170 34.87 8.15 14.16
N ALA C 171 34.47 7.99 15.43
CA ALA C 171 35.05 8.80 16.50
C ALA C 171 36.51 8.44 16.72
N CYS C 172 36.87 7.16 16.57
CA CYS C 172 38.26 6.77 16.67
C CYS C 172 39.08 7.34 15.51
N GLY C 173 38.51 7.41 14.31
CA GLY C 173 39.22 8.00 13.21
C GLY C 173 39.44 9.49 13.37
N TRP C 174 38.42 10.20 13.86
CA TRP C 174 38.55 11.62 14.14
C TRP C 174 39.58 11.90 15.22
N MET C 175 39.58 11.10 16.28
CA MET C 175 40.59 11.21 17.31
C MET C 175 41.98 10.85 16.79
N SER C 176 42.04 9.98 15.78
CA SER C 176 43.32 9.62 15.19
C SER C 176 43.94 10.78 14.45
N LEU C 177 43.18 11.44 13.59
CA LEU C 177 43.80 12.54 12.84
C LEU C 177 43.62 13.90 13.50
N GLN C 178 43.93 13.97 14.78
CA GLN C 178 44.08 15.19 15.56
C GLN C 178 45.54 15.57 15.71
N PRO C 179 45.84 16.84 15.91
CA PRO C 179 47.20 17.21 16.32
C PRO C 179 47.48 16.71 17.71
N PRO C 180 48.59 15.98 17.91
CA PRO C 180 48.86 15.34 19.21
C PRO C 180 49.25 16.35 20.27
N SER C 181 48.72 16.17 21.47
CA SER C 181 49.05 17.01 22.61
C SER C 181 48.77 16.25 23.89
N GLU C 182 49.12 16.87 25.01
CA GLU C 182 48.92 16.26 26.32
C GLU C 182 47.46 16.39 26.72
N ASN C 183 46.77 15.26 26.74
CA ASN C 183 45.33 15.20 26.89
C ASN C 183 44.98 13.80 27.34
N PRO C 184 44.23 13.62 28.43
CA PRO C 184 43.89 12.27 28.89
C PRO C 184 42.96 11.56 27.92
N ALA C 185 43.05 10.24 27.89
CA ALA C 185 42.36 9.43 26.91
C ALA C 185 40.87 9.27 27.20
N GLY C 186 40.33 9.98 28.18
CA GLY C 186 38.89 10.03 28.35
C GLY C 186 38.34 11.27 27.69
N THR C 187 38.94 12.43 27.96
CA THR C 187 38.42 13.68 27.44
C THR C 187 38.87 13.98 26.02
N ARG C 188 39.67 13.13 25.40
CA ARG C 188 39.91 13.24 23.98
C ARG C 188 39.06 12.27 23.17
N TYR C 189 38.57 11.21 23.80
CA TYR C 189 37.57 10.35 23.18
C TYR C 189 36.17 10.89 23.33
N LEU C 190 35.90 11.58 24.44
CA LEU C 190 34.53 12.04 24.70
C LEU C 190 34.18 13.19 23.76
N SER C 191 35.14 14.07 23.46
CA SER C 191 34.88 15.12 22.50
C SER C 191 34.72 14.58 21.09
N ALA C 192 35.47 13.53 20.74
CA ALA C 192 35.34 12.96 19.40
C ALA C 192 34.01 12.24 19.24
N PHE C 193 33.52 11.59 20.30
CA PHE C 193 32.23 10.93 20.19
C PHE C 193 31.10 11.95 20.18
N TYR C 194 31.25 13.03 20.93
CA TYR C 194 30.32 14.15 20.87
C TYR C 194 30.25 14.75 19.47
N TRP C 195 31.40 14.87 18.80
CA TRP C 195 31.41 15.42 17.45
C TRP C 195 30.76 14.46 16.45
N THR C 196 31.07 13.18 16.53
CA THR C 196 30.49 12.26 15.57
C THR C 196 29.05 11.91 15.88
N ILE C 197 28.51 12.33 17.02
CA ILE C 197 27.05 12.24 17.18
C ILE C 197 26.37 13.53 16.72
N THR C 198 26.99 14.68 16.97
CA THR C 198 26.47 15.95 16.46
C THR C 198 26.45 16.00 14.94
N THR C 199 27.37 15.32 14.27
CA THR C 199 27.37 15.34 12.81
C THR C 199 26.41 14.31 12.21
N LEU C 200 26.37 13.10 12.75
CA LEU C 200 25.53 12.05 12.18
C LEU C 200 24.04 12.28 12.43
N THR C 201 23.70 12.96 13.50
CA THR C 201 22.29 13.20 13.75
C THR C 201 21.89 14.55 13.19
N THR C 202 22.71 15.06 12.26
CA THR C 202 22.49 16.35 11.61
C THR C 202 22.04 17.51 12.49
N ILE C 203 22.63 17.67 13.67
CA ILE C 203 22.26 18.80 14.50
C ILE C 203 23.28 19.84 14.10
N GLY C 204 24.55 19.52 14.29
CA GLY C 204 25.59 20.42 13.86
C GLY C 204 25.65 21.69 14.67
N TYR C 205 26.10 21.61 15.92
CA TYR C 205 26.29 22.82 16.71
C TYR C 205 27.36 23.71 16.08
N GLY C 206 28.55 23.15 15.87
CA GLY C 206 29.60 23.93 15.25
C GLY C 206 30.58 24.51 16.22
N ASP C 207 30.63 23.98 17.44
CA ASP C 207 31.57 24.47 18.43
C ASP C 207 32.98 23.96 18.20
N ILE C 208 33.14 22.71 17.77
CA ILE C 208 34.44 22.21 17.36
C ILE C 208 34.32 21.66 15.94
N THR C 209 35.19 22.16 15.06
CA THR C 209 35.09 22.15 13.60
C THR C 209 36.40 21.66 13.02
N PRO C 210 36.46 21.32 11.72
CA PRO C 210 37.75 21.01 11.10
C PRO C 210 38.70 22.19 11.04
N SER C 211 40.00 21.89 11.09
CA SER C 211 41.05 22.88 10.96
C SER C 211 41.89 22.69 9.72
N THR C 212 42.48 21.52 9.52
CA THR C 212 43.35 21.19 8.42
C THR C 212 42.53 20.66 7.24
N PRO C 213 43.10 20.66 6.02
CA PRO C 213 42.39 20.04 4.90
C PRO C 213 42.14 18.55 5.05
N THR C 214 43.07 17.82 5.65
CA THR C 214 42.86 16.40 5.83
C THR C 214 41.80 16.08 6.87
N GLN C 215 41.46 17.02 7.74
CA GLN C 215 40.27 16.89 8.56
C GLN C 215 39.02 17.21 7.78
N THR C 216 39.10 18.17 6.86
CA THR C 216 37.91 18.64 6.16
C THR C 216 37.42 17.61 5.17
N VAL C 217 38.32 16.85 4.56
CA VAL C 217 37.91 15.78 3.65
C VAL C 217 37.19 14.67 4.41
N TYR C 218 37.72 14.32 5.59
CA TYR C 218 37.09 13.32 6.44
C TYR C 218 35.73 13.80 6.94
N THR C 219 35.63 15.10 7.19
CA THR C 219 34.36 15.68 7.63
C THR C 219 33.32 15.66 6.52
N ILE C 220 33.74 15.92 5.27
CA ILE C 220 32.80 15.87 4.14
C ILE C 220 32.28 14.45 3.94
N VAL C 221 33.19 13.47 3.99
CA VAL C 221 32.74 12.10 3.71
C VAL C 221 31.88 11.55 4.84
N ILE C 222 32.12 11.95 6.09
CA ILE C 222 31.19 11.45 7.10
C ILE C 222 29.95 12.33 7.24
N GLU C 223 29.93 13.55 6.69
CA GLU C 223 28.65 14.24 6.55
C GLU C 223 27.75 13.52 5.56
N LEU C 224 28.34 13.02 4.46
CA LEU C 224 27.56 12.18 3.55
C LEU C 224 27.09 10.91 4.23
N LEU C 225 27.95 10.28 5.04
CA LEU C 225 27.51 9.08 5.76
C LEU C 225 26.45 9.38 6.80
N GLY C 226 26.51 10.55 7.45
CA GLY C 226 25.52 10.92 8.43
C GLY C 226 24.17 11.17 7.81
N ALA C 227 24.15 11.87 6.67
CA ALA C 227 22.90 12.08 5.95
C ALA C 227 22.32 10.75 5.46
N ALA C 228 23.19 9.82 5.03
CA ALA C 228 22.71 8.52 4.59
C ALA C 228 22.11 7.71 5.73
N MET C 229 22.79 7.63 6.86
CA MET C 229 22.31 6.85 7.99
C MET C 229 21.04 7.45 8.59
N TYR C 230 20.95 8.77 8.64
CA TYR C 230 19.76 9.38 9.21
C TYR C 230 18.58 9.29 8.24
N GLY C 231 18.83 9.30 6.93
CA GLY C 231 17.77 9.01 5.98
C GLY C 231 17.28 7.58 6.09
N LEU C 232 18.21 6.64 6.34
CA LEU C 232 17.80 5.26 6.53
C LEU C 232 16.98 5.07 7.80
N VAL C 233 17.32 5.79 8.87
CA VAL C 233 16.55 5.69 10.11
C VAL C 233 15.14 6.25 9.90
N ILE C 234 15.01 7.39 9.24
CA ILE C 234 13.69 7.98 9.01
C ILE C 234 12.87 7.11 8.06
N GLY C 235 13.52 6.50 7.06
CA GLY C 235 12.81 5.60 6.17
C GLY C 235 12.33 4.33 6.85
N ASN C 236 13.13 3.80 7.77
CA ASN C 236 12.70 2.59 8.47
C ASN C 236 11.62 2.88 9.50
N ILE C 237 11.68 4.04 10.16
CA ILE C 237 10.60 4.41 11.08
C ILE C 237 9.31 4.67 10.32
N ALA C 238 9.40 5.30 9.15
CA ALA C 238 8.24 5.51 8.30
C ALA C 238 7.66 4.22 7.78
N SER C 239 8.48 3.26 7.40
CA SER C 239 7.96 1.96 6.98
C SER C 239 7.47 1.13 8.14
N LEU C 240 7.88 1.45 9.36
CA LEU C 240 7.41 0.71 10.53
C LEU C 240 6.06 1.23 11.00
N VAL C 241 5.83 2.54 11.00
CA VAL C 241 4.56 3.06 11.48
C VAL C 241 3.53 3.24 10.38
N SER C 242 3.86 2.88 9.14
CA SER C 242 2.85 2.95 8.09
C SER C 242 1.97 1.73 8.07
N LYS C 243 2.55 0.54 8.25
CA LYS C 243 1.81 -0.71 8.28
C LYS C 243 1.50 -1.13 9.72
N LEU C 244 1.51 -0.18 10.64
CA LEU C 244 1.36 -0.51 12.05
C LEU C 244 -0.09 -0.86 12.39
N ASP C 245 -1.05 -0.17 11.80
CA ASP C 245 -2.46 -0.48 11.94
C ASP C 245 -3.07 -0.67 10.57
N ALA C 246 -3.16 -1.92 10.12
CA ALA C 246 -3.76 -2.24 8.84
C ALA C 246 -5.14 -2.84 9.00
N ALA C 247 -5.30 -3.75 9.95
CA ALA C 247 -6.60 -4.34 10.23
C ALA C 247 -7.60 -3.31 10.73
N LYS C 248 -7.13 -2.30 11.42
CA LYS C 248 -8.00 -1.30 12.03
C LYS C 248 -8.25 -0.13 11.08
N LEU C 249 -7.46 -0.01 10.02
CA LEU C 249 -7.63 1.05 9.03
C LEU C 249 -8.38 0.56 7.81
N LEU C 250 -8.21 -0.72 7.46
CA LEU C 250 -8.99 -1.29 6.37
C LEU C 250 -10.47 -1.40 6.74
N HIS C 251 -10.75 -1.79 7.98
CA HIS C 251 -12.11 -1.78 8.50
C HIS C 251 -12.71 -0.39 8.53
N ARG C 252 -11.93 0.61 8.88
CA ARG C 252 -12.42 1.99 8.87
C ARG C 252 -12.67 2.49 7.46
N GLU C 253 -11.86 2.08 6.49
CA GLU C 253 -12.12 2.43 5.10
C GLU C 253 -13.37 1.78 4.53
N ARG C 254 -13.63 0.52 4.87
CA ARG C 254 -14.82 -0.18 4.39
C ARG C 254 -16.12 0.42 4.88
N VAL C 255 -16.18 0.82 6.15
CA VAL C 255 -17.36 1.48 6.69
C VAL C 255 -17.60 2.85 6.05
N GLU C 256 -16.56 3.63 5.87
CA GLU C 256 -16.64 4.91 5.18
C GLU C 256 -17.07 4.75 3.73
N ARG C 257 -16.66 3.67 3.06
CA ARG C 257 -17.16 3.31 1.75
C ARG C 257 -18.63 2.99 1.70
N VAL C 258 -19.10 2.09 2.57
CA VAL C 258 -20.51 1.73 2.63
C VAL C 258 -21.40 2.91 2.99
N THR C 259 -20.99 3.75 3.95
CA THR C 259 -21.75 4.92 4.35
C THR C 259 -21.86 5.95 3.23
N ALA C 260 -20.74 6.25 2.56
CA ALA C 260 -20.77 7.23 1.48
C ALA C 260 -21.49 6.69 0.26
N PHE C 261 -21.59 5.38 0.12
CA PHE C 261 -22.46 4.88 -0.94
C PHE C 261 -23.92 4.99 -0.57
N LEU C 262 -24.29 4.57 0.64
CA LEU C 262 -25.69 4.57 1.02
C LEU C 262 -26.26 5.95 1.29
N SER C 263 -25.43 6.96 1.49
CA SER C 263 -25.97 8.31 1.53
C SER C 263 -26.38 8.80 0.15
N TYR C 264 -25.77 8.26 -0.91
CA TYR C 264 -26.18 8.61 -2.26
C TYR C 264 -27.56 8.06 -2.58
N LYS C 265 -27.87 6.86 -2.11
CA LYS C 265 -29.18 6.27 -2.40
C LYS C 265 -30.30 6.85 -1.57
N ARG C 266 -30.01 7.85 -0.72
CA ARG C 266 -30.98 8.57 0.11
C ARG C 266 -31.73 7.59 1.03
N ILE C 267 -30.96 6.92 1.84
CA ILE C 267 -31.43 5.83 2.67
C ILE C 267 -31.87 6.42 4.00
N SER C 268 -32.64 5.65 4.77
CA SER C 268 -33.14 6.14 6.03
C SER C 268 -32.01 6.18 7.07
N PRO C 269 -32.04 7.14 8.00
CA PRO C 269 -30.98 7.21 9.02
C PRO C 269 -31.05 6.14 10.08
N GLU C 270 -32.23 5.57 10.35
CA GLU C 270 -32.34 4.50 11.35
C GLU C 270 -31.62 3.25 10.89
N LEU C 271 -31.87 2.83 9.65
CA LEU C 271 -31.20 1.67 9.10
C LEU C 271 -29.71 1.91 8.93
N GLN C 272 -29.31 3.13 8.64
CA GLN C 272 -27.90 3.44 8.53
C GLN C 272 -27.20 3.37 9.88
N ARG C 273 -27.89 3.79 10.95
CA ARG C 273 -27.36 3.60 12.29
C ARG C 273 -27.27 2.13 12.65
N ARG C 274 -28.22 1.32 12.17
CA ARG C 274 -28.15 -0.11 12.43
C ARG C 274 -27.00 -0.77 11.69
N ILE C 275 -26.67 -0.31 10.49
CA ILE C 275 -25.52 -0.84 9.76
C ILE C 275 -24.22 -0.45 10.46
N ILE C 276 -24.14 0.79 10.96
CA ILE C 276 -22.93 1.22 11.65
C ILE C 276 -22.74 0.44 12.96
N GLU C 277 -23.82 0.14 13.67
CA GLU C 277 -23.62 -0.67 14.87
C GLU C 277 -23.35 -2.14 14.56
N TYR C 278 -23.80 -2.63 13.39
CA TYR C 278 -23.35 -3.95 12.93
C TYR C 278 -21.85 -3.99 12.70
N PHE C 279 -21.32 -2.96 12.05
CA PHE C 279 -19.87 -2.94 11.83
C PHE C 279 -19.10 -2.74 13.14
N ASP C 280 -19.71 -2.08 14.12
CA ASP C 280 -19.05 -1.98 15.42
C ASP C 280 -18.99 -3.33 16.13
N TYR C 281 -20.07 -4.11 16.05
CA TYR C 281 -20.06 -5.47 16.62
C TYR C 281 -19.04 -6.36 15.91
N LEU C 282 -19.04 -6.32 14.58
CA LEU C 282 -18.13 -7.14 13.81
C LEU C 282 -16.68 -6.71 13.97
N TRP C 283 -16.42 -5.44 14.31
CA TRP C 283 -15.06 -5.11 14.69
C TRP C 283 -14.72 -5.62 16.08
N GLU C 284 -15.56 -5.33 17.07
CA GLU C 284 -15.12 -5.63 18.42
C GLU C 284 -15.27 -7.08 18.82
N THR C 285 -15.73 -7.97 17.93
CA THR C 285 -15.64 -9.39 18.23
C THR C 285 -14.55 -10.11 17.45
N ARG C 286 -14.55 -10.07 16.12
CA ARG C 286 -13.59 -10.87 15.37
C ARG C 286 -12.65 -10.02 14.52
N ARG C 287 -12.50 -8.74 14.88
CA ARG C 287 -11.56 -7.81 14.27
C ARG C 287 -11.78 -7.63 12.78
N GLY C 288 -13.02 -7.41 12.38
CA GLY C 288 -13.33 -6.95 11.05
C GLY C 288 -13.40 -8.02 9.99
N TYR C 289 -12.79 -9.18 10.20
CA TYR C 289 -12.60 -10.11 9.11
C TYR C 289 -13.86 -10.92 8.88
N GLU C 290 -14.21 -11.11 7.60
CA GLU C 290 -15.39 -11.87 7.24
C GLU C 290 -15.09 -13.35 7.43
N GLU C 291 -16.13 -14.13 7.77
CA GLU C 291 -15.94 -15.53 8.11
C GLU C 291 -15.50 -16.38 6.93
N ARG C 292 -16.14 -16.23 5.77
CA ARG C 292 -15.92 -17.16 4.68
C ARG C 292 -14.73 -16.80 3.81
N GLU C 293 -14.13 -15.63 4.01
CA GLU C 293 -12.88 -15.32 3.35
C GLU C 293 -11.67 -15.68 4.17
N VAL C 294 -11.82 -15.97 5.46
CA VAL C 294 -10.69 -16.39 6.26
C VAL C 294 -10.42 -17.87 6.06
N LEU C 295 -11.40 -18.72 6.31
CA LEU C 295 -11.17 -20.14 6.11
C LEU C 295 -11.46 -20.58 4.68
N LYS C 296 -10.96 -19.81 3.72
CA LYS C 296 -10.81 -20.25 2.35
C LYS C 296 -9.34 -20.43 2.02
N GLU C 297 -8.45 -19.95 2.88
CA GLU C 297 -7.02 -20.06 2.71
C GLU C 297 -6.43 -21.29 3.37
N LEU C 298 -7.24 -22.05 4.09
CA LEU C 298 -6.80 -23.30 4.66
C LEU C 298 -6.99 -24.40 3.62
N PRO C 299 -6.19 -25.45 3.65
CA PRO C 299 -6.41 -26.55 2.71
C PRO C 299 -7.55 -27.42 3.20
N HIS C 300 -7.95 -28.40 2.41
CA HIS C 300 -9.10 -29.24 2.74
C HIS C 300 -9.04 -30.02 4.06
N PRO C 301 -7.93 -30.67 4.47
CA PRO C 301 -7.99 -31.37 5.75
C PRO C 301 -8.04 -30.44 6.96
N LEU C 302 -7.36 -29.30 6.89
CA LEU C 302 -7.41 -28.37 8.00
C LEU C 302 -8.76 -27.67 8.07
N ARG C 303 -9.35 -27.35 6.92
CA ARG C 303 -10.67 -26.74 6.92
C ARG C 303 -11.73 -27.69 7.41
N LEU C 304 -11.61 -28.97 7.03
CA LEU C 304 -12.47 -30.01 7.57
C LEU C 304 -12.32 -30.14 9.08
N ALA C 305 -11.08 -30.10 9.58
CA ALA C 305 -10.87 -30.26 11.00
C ALA C 305 -11.37 -29.06 11.81
N VAL C 306 -11.25 -27.85 11.25
CA VAL C 306 -11.77 -26.67 11.92
C VAL C 306 -13.29 -26.69 11.98
N ALA C 307 -13.93 -27.04 10.85
CA ALA C 307 -15.40 -27.15 10.86
C ALA C 307 -15.87 -28.28 11.77
N MET C 308 -15.06 -29.34 11.91
CA MET C 308 -15.40 -30.41 12.82
C MET C 308 -15.29 -29.97 14.27
N GLU C 309 -14.28 -29.16 14.60
CA GLU C 309 -14.15 -28.71 15.98
C GLU C 309 -15.20 -27.68 16.33
N ILE C 310 -15.68 -26.92 15.34
CA ILE C 310 -16.75 -25.96 15.61
C ILE C 310 -18.08 -26.68 15.78
N HIS C 311 -18.50 -27.43 14.76
CA HIS C 311 -19.83 -28.02 14.77
C HIS C 311 -19.80 -29.46 15.27
N GLY C 312 -19.29 -29.64 16.48
CA GLY C 312 -19.23 -30.98 17.03
C GLY C 312 -20.42 -31.31 17.89
N ASP C 313 -20.70 -30.45 18.87
CA ASP C 313 -21.83 -30.63 19.76
C ASP C 313 -23.15 -30.16 19.16
N VAL C 314 -23.10 -29.52 18.00
CA VAL C 314 -24.27 -28.93 17.39
C VAL C 314 -25.02 -29.93 16.53
N ILE C 315 -24.29 -30.85 15.89
CA ILE C 315 -24.90 -31.74 14.91
C ILE C 315 -25.24 -33.11 15.51
N GLU C 316 -24.76 -33.41 16.72
CA GLU C 316 -25.21 -34.60 17.44
C GLU C 316 -26.35 -34.25 18.40
N LYS C 317 -27.36 -33.57 17.85
CA LYS C 317 -28.60 -33.31 18.58
C LYS C 317 -29.86 -33.52 17.75
N VAL C 318 -29.79 -33.46 16.42
CA VAL C 318 -30.99 -33.48 15.58
C VAL C 318 -31.57 -34.88 15.50
N PRO C 319 -32.90 -35.02 15.49
CA PRO C 319 -33.48 -36.36 15.31
C PRO C 319 -33.70 -36.74 13.86
N LEU C 320 -32.75 -36.44 13.01
CA LEU C 320 -32.76 -36.93 11.64
C LEU C 320 -31.42 -37.52 11.24
N PHE C 321 -30.33 -37.03 11.82
CA PHE C 321 -29.00 -37.48 11.48
C PHE C 321 -28.52 -38.52 12.49
N LYS C 322 -29.40 -38.94 13.39
CA LYS C 322 -29.06 -39.86 14.46
C LYS C 322 -28.91 -41.27 13.90
N GLY C 323 -27.73 -41.86 14.12
CA GLY C 323 -27.41 -43.14 13.54
C GLY C 323 -26.89 -43.06 12.13
N ALA C 324 -26.86 -41.88 11.52
CA ALA C 324 -26.30 -41.73 10.18
C ALA C 324 -24.78 -41.84 10.26
N GLY C 325 -24.18 -42.15 9.12
CA GLY C 325 -22.76 -42.43 9.07
C GLY C 325 -21.91 -41.21 9.29
N GLU C 326 -20.60 -41.46 9.42
CA GLU C 326 -19.65 -40.39 9.61
C GLU C 326 -19.42 -39.58 8.34
N GLU C 327 -19.44 -40.21 7.17
CA GLU C 327 -19.20 -39.52 5.92
C GLU C 327 -20.42 -38.75 5.42
N PHE C 328 -21.52 -38.77 6.15
CA PHE C 328 -22.63 -37.88 5.88
C PHE C 328 -22.53 -36.60 6.70
N ILE C 329 -22.07 -36.73 7.94
CA ILE C 329 -21.81 -35.57 8.77
C ILE C 329 -20.69 -34.73 8.16
N ARG C 330 -19.64 -35.38 7.69
CA ARG C 330 -18.51 -34.68 7.09
C ARG C 330 -18.84 -34.10 5.73
N ASP C 331 -20.01 -34.40 5.17
CA ASP C 331 -20.44 -33.72 3.97
C ASP C 331 -21.45 -32.61 4.24
N ILE C 332 -22.29 -32.74 5.26
CA ILE C 332 -23.16 -31.61 5.57
C ILE C 332 -22.44 -30.54 6.39
N ILE C 333 -21.30 -30.87 6.99
CA ILE C 333 -20.64 -29.92 7.88
C ILE C 333 -19.76 -28.95 7.10
N LEU C 334 -19.50 -29.22 5.84
CA LEU C 334 -18.73 -28.32 5.01
C LEU C 334 -19.60 -27.39 4.19
N HIS C 335 -20.92 -27.53 4.24
CA HIS C 335 -21.82 -26.72 3.45
C HIS C 335 -22.69 -25.80 4.29
N LEU C 336 -22.32 -25.56 5.54
CA LEU C 336 -23.03 -24.60 6.36
C LEU C 336 -22.55 -23.20 6.01
N GLU C 337 -23.46 -22.24 6.06
CA GLU C 337 -23.16 -20.87 5.67
C GLU C 337 -23.46 -19.92 6.82
N PRO C 338 -22.51 -19.09 7.22
CA PRO C 338 -22.75 -18.18 8.35
C PRO C 338 -23.51 -16.92 7.97
N VAL C 339 -24.50 -16.58 8.78
CA VAL C 339 -25.19 -15.30 8.68
C VAL C 339 -25.27 -14.71 10.08
N ILE C 340 -25.47 -13.40 10.15
CA ILE C 340 -25.47 -12.68 11.41
C ILE C 340 -26.69 -11.78 11.44
N TYR C 341 -27.57 -11.99 12.41
CA TYR C 341 -28.76 -11.18 12.58
C TYR C 341 -28.59 -10.20 13.73
N GLY C 342 -29.01 -8.96 13.52
CA GLY C 342 -28.97 -7.97 14.57
C GLY C 342 -30.08 -8.15 15.56
N PRO C 343 -30.06 -7.34 16.63
CA PRO C 343 -31.07 -7.48 17.66
C PRO C 343 -32.44 -6.98 17.23
N GLY C 344 -33.41 -7.89 17.17
CA GLY C 344 -34.76 -7.55 16.75
C GLY C 344 -35.07 -7.91 15.31
N GLU C 345 -34.13 -8.49 14.57
CA GLU C 345 -34.40 -8.94 13.22
C GLU C 345 -35.38 -10.11 13.23
N TYR C 346 -36.14 -10.24 12.15
CA TYR C 346 -37.01 -11.39 11.97
C TYR C 346 -36.22 -12.45 11.22
N ILE C 347 -35.87 -13.53 11.91
CA ILE C 347 -35.26 -14.66 11.24
C ILE C 347 -36.29 -15.43 10.43
N ILE C 348 -37.35 -15.88 11.10
CA ILE C 348 -38.45 -16.61 10.47
C ILE C 348 -39.74 -15.87 10.79
N ARG C 349 -40.54 -15.60 9.78
CA ARG C 349 -41.88 -15.10 9.98
C ARG C 349 -42.87 -16.25 9.79
N ALA C 350 -43.80 -16.39 10.72
CA ALA C 350 -44.80 -17.45 10.63
C ALA C 350 -45.77 -17.13 9.49
N GLY C 351 -45.97 -18.09 8.61
CA GLY C 351 -46.74 -17.89 7.41
C GLY C 351 -45.93 -17.86 6.13
N GLU C 352 -44.61 -17.71 6.23
CA GLU C 352 -43.73 -17.80 5.09
C GLU C 352 -43.60 -19.25 4.66
N MET C 353 -43.03 -19.47 3.49
CA MET C 353 -42.84 -20.84 3.02
C MET C 353 -41.79 -21.55 3.84
N GLY C 354 -40.59 -20.98 3.93
CA GLY C 354 -39.56 -21.51 4.79
C GLY C 354 -38.79 -22.64 4.13
N SER C 355 -37.47 -22.51 4.04
CA SER C 355 -36.71 -23.50 3.30
C SER C 355 -35.43 -23.92 4.00
N ASP C 356 -35.05 -23.23 5.07
CA ASP C 356 -33.74 -23.46 5.66
C ASP C 356 -33.82 -23.73 7.15
N VAL C 357 -32.78 -24.40 7.67
CA VAL C 357 -32.66 -24.75 9.08
C VAL C 357 -31.43 -24.04 9.66
N TYR C 358 -31.59 -23.48 10.85
CA TYR C 358 -30.60 -22.60 11.45
C TYR C 358 -30.00 -23.24 12.70
N PHE C 359 -28.67 -23.25 12.78
CA PHE C 359 -27.95 -23.72 13.95
C PHE C 359 -27.35 -22.51 14.64
N ILE C 360 -27.54 -22.41 15.95
CA ILE C 360 -27.04 -21.26 16.70
C ILE C 360 -25.66 -21.56 17.25
N ASN C 361 -24.73 -20.63 17.05
CA ASN C 361 -23.38 -20.79 17.55
C ASN C 361 -23.07 -19.88 18.73
N ARG C 362 -23.47 -18.62 18.69
CA ARG C 362 -22.98 -17.72 19.72
C ARG C 362 -24.06 -16.94 20.45
N GLY C 363 -25.08 -16.45 19.76
CA GLY C 363 -26.04 -15.55 20.36
C GLY C 363 -27.15 -16.27 21.12
N SER C 364 -28.24 -15.55 21.31
CA SER C 364 -29.49 -16.09 21.83
C SER C 364 -30.62 -15.64 20.92
N VAL C 365 -31.77 -16.31 21.05
CA VAL C 365 -32.89 -16.05 20.17
C VAL C 365 -34.16 -16.41 20.93
N GLU C 366 -35.29 -15.87 20.47
CA GLU C 366 -36.57 -16.09 21.13
C GLU C 366 -37.60 -16.52 20.11
N VAL C 367 -38.52 -17.37 20.54
CA VAL C 367 -39.52 -17.98 19.67
C VAL C 367 -40.87 -17.43 20.06
N LEU C 368 -41.58 -16.84 19.10
CA LEU C 368 -42.85 -16.21 19.36
C LEU C 368 -43.96 -16.88 18.54
N SER C 369 -45.19 -16.54 18.88
CA SER C 369 -46.36 -17.06 18.19
C SER C 369 -46.62 -16.24 16.92
N ALA C 370 -47.74 -16.52 16.27
CA ALA C 370 -48.02 -15.88 14.99
C ALA C 370 -48.42 -14.41 15.16
N ASP C 371 -48.88 -14.02 16.35
CA ASP C 371 -49.22 -12.63 16.61
C ASP C 371 -48.09 -11.85 17.27
N GLU C 372 -46.96 -12.51 17.53
CA GLU C 372 -45.78 -11.94 18.20
C GLU C 372 -46.12 -11.38 19.58
N LYS C 373 -46.97 -12.10 20.30
CA LYS C 373 -47.42 -11.66 21.61
C LYS C 373 -47.14 -12.66 22.72
N THR C 374 -47.29 -13.96 22.46
CA THR C 374 -47.14 -14.98 23.47
C THR C 374 -45.88 -15.78 23.20
N ARG C 375 -44.89 -15.63 24.08
CA ARG C 375 -43.59 -16.28 23.93
C ARG C 375 -43.73 -17.77 24.15
N TYR C 376 -43.17 -18.58 23.25
CA TYR C 376 -43.15 -20.02 23.48
C TYR C 376 -41.98 -20.41 24.37
N ALA C 377 -40.76 -20.15 23.92
CA ALA C 377 -39.56 -20.49 24.67
C ALA C 377 -38.40 -19.62 24.19
N ILE C 378 -37.20 -19.91 24.71
CA ILE C 378 -36.00 -19.16 24.38
C ILE C 378 -34.90 -20.16 24.08
N LEU C 379 -34.15 -19.92 23.01
CA LEU C 379 -33.09 -20.80 22.57
C LEU C 379 -31.75 -20.07 22.66
N SER C 380 -30.73 -20.80 23.10
CA SER C 380 -29.41 -20.22 23.30
C SER C 380 -28.44 -21.02 22.45
N GLU C 381 -27.14 -20.78 22.65
CA GLU C 381 -26.13 -21.41 21.83
C GLU C 381 -26.02 -22.90 22.11
N GLY C 382 -25.64 -23.64 21.08
CA GLY C 382 -25.61 -25.07 21.15
C GLY C 382 -26.84 -25.76 20.60
N GLN C 383 -27.93 -25.04 20.39
CA GLN C 383 -29.17 -25.62 19.95
C GLN C 383 -29.54 -25.09 18.57
N PHE C 384 -30.70 -25.52 18.08
CA PHE C 384 -31.09 -25.27 16.70
C PHE C 384 -32.59 -25.04 16.64
N PHE C 385 -33.06 -24.63 15.47
CA PHE C 385 -34.49 -24.49 15.23
C PHE C 385 -34.73 -24.57 13.72
N GLY C 386 -36.01 -24.56 13.35
CA GLY C 386 -36.38 -24.58 11.95
C GLY C 386 -36.08 -25.86 11.22
N GLU C 387 -35.93 -26.97 11.94
CA GLU C 387 -35.47 -28.20 11.32
C GLU C 387 -36.55 -28.91 10.53
N MET C 388 -37.80 -28.50 10.67
CA MET C 388 -38.92 -29.17 10.01
C MET C 388 -39.16 -28.57 8.63
N ALA C 389 -38.09 -28.44 7.86
CA ALA C 389 -38.18 -27.97 6.49
C ALA C 389 -37.34 -28.77 5.53
N LEU C 390 -36.42 -29.59 6.01
CA LEU C 390 -35.59 -30.40 5.12
C LEU C 390 -36.42 -31.53 4.51
N ILE C 391 -37.30 -32.12 5.31
CA ILE C 391 -38.14 -33.22 4.83
C ILE C 391 -39.48 -32.77 4.27
N LEU C 392 -39.88 -31.53 4.52
CA LEU C 392 -41.28 -31.15 4.33
C LEU C 392 -41.34 -29.80 3.62
N ARG C 393 -42.44 -29.57 2.92
CA ARG C 393 -42.66 -28.38 2.11
C ARG C 393 -43.54 -27.36 2.84
N ALA C 394 -43.89 -27.64 4.10
CA ALA C 394 -44.93 -26.93 4.82
C ALA C 394 -44.51 -25.51 5.18
N PRO C 395 -45.48 -24.59 5.22
CA PRO C 395 -45.21 -23.20 5.57
C PRO C 395 -44.87 -23.09 7.05
N ARG C 396 -44.04 -22.13 7.44
CA ARG C 396 -43.63 -21.97 8.82
C ARG C 396 -44.79 -21.79 9.80
N THR C 397 -44.60 -22.26 11.04
CA THR C 397 -45.64 -22.19 12.05
C THR C 397 -45.36 -21.30 13.26
N ALA C 398 -44.24 -20.61 13.27
CA ALA C 398 -43.90 -19.73 14.39
C ALA C 398 -43.01 -18.57 13.93
N THR C 399 -42.88 -17.54 14.75
CA THR C 399 -42.03 -16.42 14.39
C THR C 399 -40.86 -16.33 15.34
N VAL C 400 -39.64 -16.29 14.81
CA VAL C 400 -38.42 -16.35 15.59
C VAL C 400 -37.69 -15.03 15.43
N ARG C 401 -37.70 -14.20 16.47
CA ARG C 401 -36.99 -12.94 16.48
C ARG C 401 -35.67 -13.10 17.23
N ALA C 402 -34.66 -12.39 16.76
CA ALA C 402 -33.39 -12.38 17.47
C ALA C 402 -33.49 -11.57 18.75
N ARG C 403 -32.58 -11.82 19.68
CA ARG C 403 -32.51 -11.06 20.92
C ARG C 403 -31.30 -10.17 20.98
N ALA C 404 -30.11 -10.73 20.83
CA ALA C 404 -28.87 -10.00 20.65
C ALA C 404 -28.29 -10.40 19.29
N PHE C 405 -27.05 -10.02 19.03
CA PHE C 405 -26.37 -10.50 17.82
C PHE C 405 -26.12 -12.00 17.92
N CYS C 406 -26.45 -12.70 16.84
CA CYS C 406 -26.67 -14.14 16.92
C CYS C 406 -25.47 -14.99 16.52
N ASP C 407 -24.86 -14.73 15.36
CA ASP C 407 -23.81 -15.54 14.74
C ASP C 407 -24.29 -16.99 14.55
N LEU C 408 -25.27 -17.16 13.69
CA LEU C 408 -25.86 -18.48 13.49
C LEU C 408 -25.63 -18.98 12.07
N TYR C 409 -25.36 -20.27 11.95
CA TYR C 409 -25.10 -20.95 10.70
C TYR C 409 -26.39 -21.55 10.16
N ARG C 410 -26.55 -21.55 8.84
CA ARG C 410 -27.76 -22.09 8.25
C ARG C 410 -27.42 -23.12 7.19
N LEU C 411 -28.41 -23.96 6.88
CA LEU C 411 -28.31 -24.99 5.86
C LEU C 411 -29.55 -24.90 4.98
N ASP C 412 -29.33 -24.89 3.67
CA ASP C 412 -30.43 -24.80 2.73
C ASP C 412 -31.08 -26.16 2.53
N LYS C 413 -32.15 -26.17 1.73
CA LYS C 413 -32.82 -27.41 1.39
C LYS C 413 -32.39 -27.92 0.03
N GLU C 414 -32.08 -27.01 -0.90
CA GLU C 414 -31.54 -27.40 -2.19
C GLU C 414 -30.17 -28.04 -2.04
N THR C 415 -29.31 -27.46 -1.20
CA THR C 415 -28.00 -28.03 -0.94
C THR C 415 -28.10 -29.36 -0.20
N PHE C 416 -29.07 -29.44 0.72
CA PHE C 416 -29.30 -30.68 1.46
C PHE C 416 -29.73 -31.81 0.54
N ASP C 417 -30.74 -31.59 -0.28
CA ASP C 417 -31.15 -32.60 -1.24
C ASP C 417 -30.12 -32.86 -2.33
N ARG C 418 -29.26 -31.89 -2.62
CA ARG C 418 -28.23 -32.11 -3.64
C ARG C 418 -27.14 -33.04 -3.13
N ILE C 419 -26.75 -32.91 -1.86
CA ILE C 419 -25.70 -33.81 -1.37
C ILE C 419 -26.33 -34.99 -0.65
N LEU C 420 -27.66 -35.03 -0.61
CA LEU C 420 -28.38 -36.18 -0.09
C LEU C 420 -28.64 -37.24 -1.16
N SER C 421 -28.49 -36.87 -2.43
CA SER C 421 -28.82 -37.77 -3.53
C SER C 421 -27.86 -38.95 -3.60
N ARG C 422 -26.57 -38.70 -3.45
CA ARG C 422 -25.56 -39.72 -3.62
C ARG C 422 -25.47 -40.69 -2.43
N TYR C 423 -26.22 -40.44 -1.35
CA TYR C 423 -26.28 -41.39 -0.24
C TYR C 423 -27.71 -41.94 -0.19
N PRO C 424 -27.97 -43.13 -0.73
CA PRO C 424 -29.37 -43.58 -0.85
C PRO C 424 -29.98 -44.05 0.45
N GLU C 425 -29.16 -44.43 1.43
CA GLU C 425 -29.69 -44.98 2.66
C GLU C 425 -30.38 -43.92 3.50
N ILE C 426 -29.78 -42.73 3.61
CA ILE C 426 -30.45 -41.62 4.28
C ILE C 426 -31.58 -41.08 3.41
N ALA C 427 -31.45 -41.21 2.08
CA ALA C 427 -32.52 -40.82 1.17
C ALA C 427 -33.77 -41.66 1.35
N ALA C 428 -33.64 -42.92 1.76
CA ALA C 428 -34.80 -43.72 2.12
C ALA C 428 -35.16 -43.60 3.59
N GLN C 429 -34.20 -43.23 4.45
CA GLN C 429 -34.49 -42.99 5.86
C GLN C 429 -35.38 -41.77 6.06
N ILE C 430 -35.20 -40.73 5.25
CA ILE C 430 -35.98 -39.51 5.46
C ILE C 430 -37.41 -39.60 4.92
N GLN C 431 -37.70 -40.57 4.05
CA GLN C 431 -39.04 -40.67 3.47
C GLN C 431 -40.08 -41.14 4.47
N GLU C 432 -39.69 -42.01 5.40
CA GLU C 432 -40.64 -42.48 6.41
C GLU C 432 -40.96 -41.39 7.42
N LEU C 433 -40.08 -40.40 7.57
CA LEU C 433 -40.47 -39.22 8.33
C LEU C 433 -41.19 -38.20 7.44
N ALA C 434 -40.99 -38.30 6.12
CA ALA C 434 -41.66 -37.38 5.20
C ALA C 434 -43.15 -37.69 5.07
N THR D 29 -21.23 7.90 30.70
CA THR D 29 -20.89 9.30 30.63
C THR D 29 -20.49 9.93 31.96
N TYR D 30 -20.46 9.18 33.05
CA TYR D 30 -19.95 9.73 34.30
C TYR D 30 -18.56 9.22 34.64
N THR D 31 -18.05 8.23 33.91
CA THR D 31 -16.64 7.87 34.03
C THR D 31 -15.77 8.65 33.05
N LEU D 32 -16.37 9.30 32.06
CA LEU D 32 -15.63 10.13 31.12
C LEU D 32 -15.04 11.35 31.80
N VAL D 33 -15.81 12.01 32.67
CA VAL D 33 -15.27 13.11 33.46
C VAL D 33 -14.23 12.61 34.45
N TRP D 34 -14.32 11.35 34.90
CA TRP D 34 -13.29 10.84 35.79
C TRP D 34 -12.00 10.55 35.03
N LYS D 35 -12.10 10.06 33.80
CA LYS D 35 -10.90 9.88 32.97
C LYS D 35 -10.27 11.22 32.62
N VAL D 36 -11.08 12.25 32.40
CA VAL D 36 -10.53 13.58 32.15
C VAL D 36 -9.86 14.12 33.42
N TRP D 37 -10.43 13.85 34.60
CA TRP D 37 -9.79 14.25 35.84
C TRP D 37 -8.46 13.53 36.07
N ILE D 38 -8.41 12.24 35.75
CA ILE D 38 -7.18 11.46 35.88
C ILE D 38 -6.11 11.98 34.92
N LEU D 39 -6.52 12.30 33.69
CA LEU D 39 -5.59 12.87 32.71
C LEU D 39 -5.07 14.22 33.17
N ALA D 40 -5.92 15.05 33.77
CA ALA D 40 -5.48 16.32 34.32
C ALA D 40 -4.51 16.15 35.50
N VAL D 41 -4.76 15.17 36.36
CA VAL D 41 -3.89 14.94 37.51
C VAL D 41 -2.52 14.46 37.07
N THR D 42 -2.48 13.53 36.12
CA THR D 42 -1.16 13.03 35.71
C THR D 42 -0.43 14.02 34.82
N LEU D 43 -1.16 14.88 34.10
CA LEU D 43 -0.53 15.97 33.37
C LEU D 43 0.04 17.00 34.35
N TYR D 44 -0.64 17.18 35.47
CA TYR D 44 -0.15 18.04 36.54
C TYR D 44 1.12 17.48 37.17
N TYR D 45 1.17 16.18 37.42
CA TYR D 45 2.41 15.58 37.94
C TYR D 45 3.54 15.67 36.94
N ALA D 46 3.23 15.44 35.66
CA ALA D 46 4.26 15.51 34.62
C ALA D 46 4.81 16.91 34.45
N ILE D 47 3.99 17.95 34.69
CA ILE D 47 4.53 19.30 34.68
C ILE D 47 5.24 19.67 35.98
N ARG D 48 4.78 19.17 37.13
CA ARG D 48 5.29 19.68 38.40
C ARG D 48 6.55 18.97 38.88
N ILE D 49 6.62 17.64 38.77
CA ILE D 49 7.68 16.88 39.46
C ILE D 49 9.11 17.23 39.03
N PRO D 50 9.45 17.30 37.73
CA PRO D 50 10.83 17.72 37.42
C PRO D 50 11.07 19.20 37.64
N LEU D 51 10.03 20.00 37.80
CA LEU D 51 10.25 21.41 38.08
C LEU D 51 10.56 21.63 39.55
N THR D 52 10.05 20.77 40.42
CA THR D 52 10.33 20.86 41.85
C THR D 52 11.54 20.03 42.26
N LEU D 53 11.98 19.08 41.43
CA LEU D 53 13.26 18.45 41.68
C LEU D 53 14.42 19.43 41.52
N VAL D 54 14.24 20.45 40.69
CA VAL D 54 15.29 21.45 40.53
C VAL D 54 15.19 22.51 41.62
N PHE D 55 13.97 22.99 41.88
CA PHE D 55 13.79 24.07 42.84
C PHE D 55 13.29 23.51 44.15
N PRO D 56 14.08 23.53 45.22
CA PRO D 56 13.58 23.08 46.53
C PRO D 56 12.64 24.05 47.20
N SER D 57 12.64 25.32 46.78
CA SER D 57 11.80 26.34 47.39
C SER D 57 10.32 26.15 47.07
N LEU D 58 9.99 25.32 46.10
CA LEU D 58 8.61 24.94 45.87
C LEU D 58 8.22 23.80 46.80
N PHE D 59 7.07 23.20 46.51
CA PHE D 59 6.39 22.06 47.16
C PHE D 59 5.81 22.39 48.54
N SER D 60 6.35 23.41 49.20
CA SER D 60 5.86 23.71 50.52
C SER D 60 4.59 24.57 50.46
N PRO D 61 4.52 25.70 49.67
CA PRO D 61 3.21 26.34 49.55
C PRO D 61 2.41 25.77 48.39
N LEU D 62 2.52 24.47 48.15
CA LEU D 62 1.74 23.84 47.12
C LEU D 62 1.42 22.38 47.45
N LEU D 63 1.82 21.91 48.64
CA LEU D 63 1.44 20.59 49.16
C LEU D 63 -0.04 20.18 49.15
N PRO D 64 -1.05 21.06 49.34
CA PRO D 64 -2.45 20.54 49.30
C PRO D 64 -2.88 19.95 47.96
N LEU D 65 -2.36 20.44 46.84
CA LEU D 65 -2.66 19.76 45.59
C LEU D 65 -1.93 18.43 45.46
N ASP D 66 -0.76 18.28 46.11
CA ASP D 66 -0.15 16.97 46.22
C ASP D 66 -1.03 16.00 46.98
N ILE D 67 -1.65 16.47 48.07
CA ILE D 67 -2.54 15.63 48.86
C ILE D 67 -3.75 15.20 48.03
N LEU D 68 -4.41 16.18 47.41
CA LEU D 68 -5.58 15.91 46.58
C LEU D 68 -5.24 15.00 45.40
N ALA D 69 -4.08 15.19 44.82
CA ALA D 69 -3.75 14.46 43.60
C ALA D 69 -3.29 13.04 43.89
N SER D 70 -2.55 12.84 44.99
CA SER D 70 -2.19 11.47 45.37
C SER D 70 -3.39 10.70 45.87
N LEU D 71 -4.34 11.39 46.52
CA LEU D 71 -5.60 10.74 46.86
C LEU D 71 -6.38 10.35 45.62
N ALA D 72 -6.36 11.21 44.59
CA ALA D 72 -7.01 10.86 43.33
C ALA D 72 -6.36 9.65 42.67
N LEU D 73 -5.03 9.59 42.69
CA LEU D 73 -4.34 8.46 42.07
C LEU D 73 -4.55 7.17 42.85
N ILE D 74 -4.61 7.23 44.18
CA ILE D 74 -4.82 6.01 44.94
C ILE D 74 -6.30 5.60 44.93
N ALA D 75 -7.22 6.53 44.68
CA ALA D 75 -8.63 6.21 44.55
C ALA D 75 -9.00 5.81 43.14
N ASP D 76 -8.10 5.98 42.17
CA ASP D 76 -8.42 5.58 40.81
C ASP D 76 -8.46 4.07 40.65
N ILE D 77 -7.60 3.35 41.37
CA ILE D 77 -7.49 1.90 41.18
C ILE D 77 -8.71 1.11 41.65
N PRO D 78 -9.51 1.51 42.66
CA PRO D 78 -10.81 0.82 42.81
C PRO D 78 -11.78 1.13 41.68
N LEU D 79 -11.78 2.34 41.15
CA LEU D 79 -12.59 2.58 39.97
C LEU D 79 -11.92 2.05 38.70
N ASP D 80 -10.62 1.79 38.74
CA ASP D 80 -10.00 1.05 37.66
C ASP D 80 -10.38 -0.42 37.67
N LEU D 81 -10.71 -0.96 38.84
CA LEU D 81 -11.25 -2.34 38.88
C LEU D 81 -12.76 -2.34 38.59
N ALA D 82 -13.54 -1.77 39.50
CA ALA D 82 -14.98 -1.79 39.38
C ALA D 82 -15.46 -0.66 38.48
N PHE D 83 -16.52 -0.95 37.71
CA PHE D 83 -17.05 -0.14 36.62
C PHE D 83 -16.05 0.12 35.51
N GLU D 84 -14.95 -0.61 35.45
CA GLU D 84 -14.03 -0.49 34.35
C GLU D 84 -13.60 -1.83 33.77
N SER D 99 -0.09 -5.74 32.16
CA SER D 99 -0.63 -4.49 31.65
C SER D 99 -1.49 -3.80 32.71
N ARG D 100 -1.15 -3.97 33.98
CA ARG D 100 -1.89 -3.36 35.08
C ARG D 100 -0.91 -2.66 36.01
N LEU D 101 0.29 -3.18 36.10
CA LEU D 101 1.36 -2.67 36.95
C LEU D 101 1.85 -1.23 36.74
N PRO D 102 1.69 -0.54 35.59
CA PRO D 102 1.96 0.91 35.61
C PRO D 102 1.08 1.70 36.55
N ASP D 103 -0.23 1.41 36.57
CA ASP D 103 -1.12 2.07 37.51
C ASP D 103 -0.80 1.66 38.95
N LEU D 104 -0.39 0.40 39.15
CA LEU D 104 -0.07 -0.07 40.48
C LEU D 104 1.21 0.58 41.00
N LEU D 105 2.18 0.82 40.12
CA LEU D 105 3.41 1.49 40.54
C LEU D 105 3.22 3.00 40.64
N ALA D 106 2.30 3.57 39.88
CA ALA D 106 2.01 4.99 40.08
C ALA D 106 1.07 5.22 41.24
N ALA D 107 0.47 4.15 41.79
CA ALA D 107 -0.54 4.31 42.82
C ALA D 107 0.07 4.68 44.17
N LEU D 108 1.26 4.13 44.48
CA LEU D 108 1.73 4.34 45.85
C LEU D 108 2.36 5.72 45.99
N PRO D 109 2.28 6.31 47.18
CA PRO D 109 3.01 7.56 47.43
C PRO D 109 4.50 7.35 47.64
N LEU D 110 5.19 6.99 46.56
CA LEU D 110 6.64 6.94 46.58
C LEU D 110 7.24 8.34 46.66
N ASP D 111 6.54 9.33 46.13
CA ASP D 111 6.86 10.72 46.36
C ASP D 111 6.32 11.15 47.73
N LEU D 112 6.55 12.43 48.05
CA LEU D 112 6.33 13.20 49.30
C LEU D 112 7.35 12.82 50.36
N LEU D 113 7.99 11.66 50.20
CA LEU D 113 9.01 11.20 51.12
C LEU D 113 10.35 11.84 50.79
N VAL D 114 10.66 11.90 49.49
CA VAL D 114 11.82 12.62 49.01
C VAL D 114 11.68 14.10 49.32
N PHE D 115 10.50 14.65 49.08
CA PHE D 115 10.29 16.08 49.21
C PHE D 115 10.13 16.52 50.67
N ALA D 116 9.82 15.61 51.59
CA ALA D 116 9.84 15.96 53.01
C ALA D 116 11.17 15.68 53.67
N LEU D 117 11.72 14.47 53.52
CA LEU D 117 12.96 14.12 54.19
C LEU D 117 14.20 14.63 53.47
N HIS D 118 14.04 15.30 52.34
CA HIS D 118 15.09 16.04 51.63
C HIS D 118 16.21 15.09 51.18
N LEU D 119 15.81 14.06 50.44
CA LEU D 119 16.74 13.05 49.95
C LEU D 119 17.68 13.65 48.91
N PRO D 120 18.94 13.19 48.87
CA PRO D 120 19.89 13.75 47.90
C PRO D 120 19.63 13.31 46.47
N SER D 121 20.43 13.83 45.55
CA SER D 121 20.19 13.81 44.11
C SER D 121 20.09 12.44 43.42
N PRO D 122 21.01 11.48 43.61
CA PRO D 122 20.84 10.20 42.90
C PRO D 122 19.77 9.30 43.49
N LEU D 123 19.22 9.66 44.65
CA LEU D 123 18.15 8.91 45.26
C LEU D 123 16.80 9.61 45.14
N SER D 124 16.78 10.90 44.80
CA SER D 124 15.53 11.62 44.63
C SER D 124 14.79 11.20 43.36
N LEU D 125 15.51 10.70 42.37
CA LEU D 125 14.97 10.50 41.03
C LEU D 125 13.91 9.41 40.97
N LEU D 126 13.79 8.57 42.01
CA LEU D 126 12.69 7.63 42.07
C LEU D 126 11.33 8.28 42.22
N SER D 127 11.27 9.58 42.56
CA SER D 127 10.01 10.32 42.47
C SER D 127 9.48 10.43 41.04
N LEU D 128 10.28 10.10 40.02
CA LEU D 128 9.82 9.95 38.65
C LEU D 128 8.90 8.75 38.42
N VAL D 129 8.72 7.87 39.41
CA VAL D 129 7.88 6.69 39.23
C VAL D 129 6.43 7.06 38.95
N ARG D 130 5.97 8.20 39.48
CA ARG D 130 4.65 8.73 39.16
C ARG D 130 4.46 9.00 37.68
N LEU D 131 5.54 9.33 36.97
CA LEU D 131 5.52 9.54 35.53
C LEU D 131 5.20 8.28 34.74
N LEU D 132 5.15 7.11 35.38
CA LEU D 132 4.69 5.91 34.68
C LEU D 132 3.18 5.88 34.50
N LYS D 133 2.47 6.86 35.07
CA LYS D 133 1.02 6.89 34.96
C LYS D 133 0.57 7.15 33.52
N LEU D 134 1.41 7.82 32.72
CA LEU D 134 1.05 8.19 31.35
C LEU D 134 0.83 7.00 30.44
N ILE D 135 1.37 5.83 30.78
CA ILE D 135 1.07 4.62 30.02
C ILE D 135 -0.39 4.24 30.18
N SER D 136 -0.91 4.37 31.41
CA SER D 136 -2.31 4.04 31.67
C SER D 136 -3.26 5.01 30.98
N VAL D 137 -2.94 6.30 31.01
CA VAL D 137 -3.77 7.31 30.36
C VAL D 137 -3.69 7.16 28.85
N GLN D 138 -2.51 6.78 28.33
CA GLN D 138 -2.36 6.50 26.91
C GLN D 138 -3.21 5.31 26.49
N ARG D 139 -3.16 4.23 27.26
CA ARG D 139 -3.94 3.05 26.91
C ARG D 139 -5.43 3.24 27.12
N SER D 140 -5.85 4.18 27.97
CA SER D 140 -7.27 4.47 28.08
C SER D 140 -7.76 5.35 26.93
N ALA D 141 -7.03 6.42 26.62
CA ALA D 141 -7.42 7.34 25.57
C ALA D 141 -7.23 6.77 24.18
N THR D 142 -6.43 5.73 24.00
CA THR D 142 -6.30 5.11 22.69
C THR D 142 -7.44 4.15 22.37
N ARG D 143 -8.39 3.98 23.29
CA ARG D 143 -9.55 3.14 23.02
C ARG D 143 -10.88 3.81 23.34
N ILE D 144 -10.92 4.82 24.21
CA ILE D 144 -12.22 5.44 24.47
C ILE D 144 -12.67 6.33 23.31
N LEU D 145 -11.76 6.74 22.43
CA LEU D 145 -12.13 7.52 21.26
C LEU D 145 -11.38 7.02 20.04
N SER D 146 -11.27 5.70 19.91
CA SER D 146 -10.47 5.10 18.85
C SER D 146 -11.25 5.00 17.54
N TYR D 147 -12.53 5.41 17.53
CA TYR D 147 -13.27 5.42 16.27
C TYR D 147 -14.02 6.72 16.04
N ARG D 148 -13.75 7.75 16.84
CA ARG D 148 -14.19 9.09 16.47
C ARG D 148 -13.31 9.65 15.37
N ILE D 149 -11.99 9.49 15.51
CA ILE D 149 -11.05 10.10 14.60
C ILE D 149 -10.14 9.03 14.00
N ASN D 150 -9.34 9.44 13.04
CA ASN D 150 -8.36 8.61 12.34
C ASN D 150 -7.30 8.15 13.33
N PRO D 151 -7.00 6.85 13.41
CA PRO D 151 -5.98 6.37 14.36
C PRO D 151 -4.56 6.81 14.07
N ALA D 152 -4.26 7.32 12.87
CA ALA D 152 -2.96 7.92 12.63
C ALA D 152 -2.83 9.31 13.25
N LEU D 153 -3.89 10.12 13.11
CA LEU D 153 -3.91 11.44 13.71
C LEU D 153 -3.84 11.36 15.23
N LEU D 154 -4.44 10.33 15.82
CA LEU D 154 -4.41 10.16 17.27
C LEU D 154 -2.99 9.87 17.75
N ARG D 155 -2.27 9.01 17.02
CA ARG D 155 -0.90 8.69 17.40
C ARG D 155 0.01 9.89 17.21
N LEU D 156 -0.24 10.69 16.17
CA LEU D 156 0.56 11.90 15.97
C LEU D 156 0.33 12.93 17.06
N LEU D 157 -0.93 13.14 17.46
CA LEU D 157 -1.22 14.08 18.54
C LEU D 157 -0.67 13.60 19.87
N SER D 158 -0.73 12.28 20.13
CA SER D 158 -0.14 11.73 21.35
C SER D 158 1.36 11.90 21.36
N LEU D 159 2.00 11.77 20.20
CA LEU D 159 3.44 11.93 20.13
C LEU D 159 3.85 13.38 20.35
N VAL D 160 3.10 14.33 19.78
CA VAL D 160 3.38 15.74 20.02
C VAL D 160 3.20 16.10 21.48
N GLY D 161 2.16 15.53 22.12
CA GLY D 161 1.96 15.75 23.54
C GLY D 161 3.10 15.21 24.39
N PHE D 162 3.55 13.98 24.13
CA PHE D 162 4.68 13.43 24.86
C PHE D 162 5.99 14.16 24.57
N ILE D 163 6.16 14.70 23.37
CA ILE D 163 7.39 15.40 23.04
C ILE D 163 7.49 16.73 23.77
N LEU D 164 6.39 17.49 23.84
CA LEU D 164 6.43 18.71 24.64
C LEU D 164 6.56 18.41 26.12
N LEU D 165 5.84 17.38 26.59
CA LEU D 165 5.84 17.05 28.00
C LEU D 165 7.16 16.44 28.45
N ALA D 166 7.94 15.88 27.52
CA ALA D 166 9.27 15.39 27.81
C ALA D 166 10.35 16.41 27.54
N ALA D 167 10.10 17.38 26.66
CA ALA D 167 11.02 18.50 26.51
C ALA D 167 11.07 19.33 27.78
N HIS D 168 9.94 19.41 28.49
CA HIS D 168 9.97 20.06 29.81
C HIS D 168 10.88 19.33 30.79
N GLY D 169 10.83 18.00 30.81
CA GLY D 169 11.67 17.25 31.73
C GLY D 169 13.14 17.31 31.36
N ILE D 170 13.44 17.27 30.06
CA ILE D 170 14.82 17.38 29.61
C ILE D 170 15.37 18.78 29.90
N ALA D 171 14.53 19.81 29.77
CA ALA D 171 14.96 21.16 30.11
C ALA D 171 15.22 21.30 31.60
N CYS D 172 14.41 20.64 32.43
CA CYS D 172 14.66 20.65 33.86
C CYS D 172 15.95 19.93 34.21
N GLY D 173 16.27 18.85 33.51
CA GLY D 173 17.53 18.17 33.76
C GLY D 173 18.74 18.98 33.36
N TRP D 174 18.65 19.67 32.21
CA TRP D 174 19.72 20.55 31.78
C TRP D 174 19.92 21.71 32.73
N MET D 175 18.83 22.30 33.22
CA MET D 175 18.91 23.35 34.20
C MET D 175 19.44 22.83 35.53
N SER D 176 19.21 21.55 35.82
CA SER D 176 19.71 20.94 37.05
C SER D 176 21.22 20.84 37.03
N LEU D 177 21.80 20.31 35.95
CA LEU D 177 23.25 20.17 35.95
C LEU D 177 23.98 21.35 35.32
N GLN D 178 23.62 22.54 35.74
CA GLN D 178 24.32 23.79 35.47
C GLN D 178 25.18 24.20 36.65
N PRO D 179 26.25 24.96 36.42
CA PRO D 179 26.94 25.59 37.54
C PRO D 179 26.07 26.63 38.19
N PRO D 180 25.89 26.56 39.51
CA PRO D 180 24.93 27.46 40.20
C PRO D 180 25.45 28.89 40.27
N SER D 181 24.56 29.85 40.03
CA SER D 181 24.89 31.26 40.13
C SER D 181 23.61 32.05 40.36
N GLU D 182 23.78 33.35 40.55
CA GLU D 182 22.66 34.24 40.80
C GLU D 182 21.96 34.54 39.49
N ASN D 183 20.75 34.02 39.34
CA ASN D 183 20.03 34.02 38.08
C ASN D 183 18.57 33.78 38.40
N PRO D 184 17.64 34.62 37.94
CA PRO D 184 16.23 34.42 38.25
C PRO D 184 15.68 33.17 37.59
N ALA D 185 14.67 32.57 38.21
CA ALA D 185 14.15 31.28 37.79
C ALA D 185 13.27 31.36 36.55
N GLY D 186 13.18 32.52 35.91
CA GLY D 186 12.53 32.59 34.61
C GLY D 186 13.57 32.50 33.51
N THR D 187 14.63 33.30 33.61
CA THR D 187 15.62 33.35 32.55
C THR D 187 16.66 32.24 32.65
N ARG D 188 16.60 31.37 33.65
CA ARG D 188 17.39 30.16 33.63
C ARG D 188 16.60 28.96 33.16
N TYR D 189 15.27 29.01 33.23
CA TYR D 189 14.43 28.01 32.61
C TYR D 189 14.20 28.28 31.14
N LEU D 190 14.15 29.56 30.76
CA LEU D 190 13.83 29.89 29.37
C LEU D 190 14.99 29.54 28.45
N SER D 191 16.23 29.72 28.92
CA SER D 191 17.37 29.31 28.12
C SER D 191 17.48 27.79 28.02
N ALA D 192 17.10 27.07 29.08
CA ALA D 192 17.16 25.61 29.02
C ALA D 192 16.09 25.06 28.10
N PHE D 193 14.91 25.68 28.07
CA PHE D 193 13.88 25.20 27.17
C PHE D 193 14.21 25.55 25.74
N TYR D 194 14.81 26.72 25.52
CA TYR D 194 15.34 27.09 24.20
C TYR D 194 16.39 26.10 23.71
N TRP D 195 17.26 25.64 24.60
CA TRP D 195 18.27 24.67 24.21
C TRP D 195 17.66 23.31 23.89
N THR D 196 16.74 22.84 24.72
CA THR D 196 16.17 21.53 24.44
C THR D 196 15.15 21.55 23.33
N ILE D 197 14.75 22.71 22.82
CA ILE D 197 13.99 22.71 21.56
C ILE D 197 14.92 22.82 20.35
N THR D 198 16.00 23.59 20.47
CA THR D 198 17.01 23.67 19.41
C THR D 198 17.69 22.32 19.17
N THR D 199 17.83 21.49 20.19
CA THR D 199 18.47 20.19 19.99
C THR D 199 17.49 19.14 19.48
N LEU D 200 16.27 19.08 20.02
CA LEU D 200 15.33 18.04 19.62
C LEU D 200 14.77 18.26 18.21
N THR D 201 14.70 19.50 17.76
CA THR D 201 14.19 19.72 16.43
C THR D 201 15.33 19.79 15.44
N THR D 202 16.48 19.25 15.84
CA THR D 202 17.69 19.22 15.02
C THR D 202 18.05 20.48 14.25
N ILE D 203 17.93 21.65 14.87
CA ILE D 203 18.31 22.86 14.19
C ILE D 203 19.75 23.03 14.62
N GLY D 204 19.96 23.16 15.92
CA GLY D 204 21.30 23.24 16.42
C GLY D 204 21.99 24.54 16.06
N TYR D 205 21.58 25.65 16.66
CA TYR D 205 22.30 26.90 16.44
C TYR D 205 23.73 26.81 16.96
N GLY D 206 23.89 26.46 18.23
CA GLY D 206 25.23 26.32 18.77
C GLY D 206 25.69 27.52 19.54
N ASP D 207 24.77 28.38 19.96
CA ASP D 207 25.14 29.55 20.74
C ASP D 207 25.44 29.22 22.19
N ILE D 208 24.69 28.29 22.79
CA ILE D 208 25.02 27.80 24.13
C ILE D 208 25.14 26.28 24.05
N THR D 209 26.29 25.77 24.51
CA THR D 209 26.85 24.46 24.23
C THR D 209 27.28 23.81 25.55
N PRO D 210 27.59 22.51 25.57
CA PRO D 210 28.15 21.91 26.78
C PRO D 210 29.52 22.44 27.14
N SER D 211 29.82 22.45 28.43
CA SER D 211 31.12 22.84 28.96
C SER D 211 31.85 21.71 29.63
N THR D 212 31.26 21.06 30.62
CA THR D 212 31.84 19.99 31.40
C THR D 212 31.58 18.65 30.72
N PRO D 213 32.33 17.60 31.08
CA PRO D 213 32.01 16.26 30.54
C PRO D 213 30.66 15.73 30.96
N THR D 214 30.22 16.01 32.18
CA THR D 214 28.92 15.53 32.60
C THR D 214 27.76 16.24 31.91
N GLN D 215 28.00 17.41 31.33
CA GLN D 215 27.03 18.00 30.42
C GLN D 215 27.09 17.35 29.06
N THR D 216 28.28 16.96 28.61
CA THR D 216 28.44 16.46 27.25
C THR D 216 27.83 15.08 27.10
N VAL D 217 27.88 14.26 28.16
CA VAL D 217 27.24 12.95 28.10
C VAL D 217 25.72 13.09 28.01
N TYR D 218 25.16 14.03 28.79
CA TYR D 218 23.73 14.30 28.75
C TYR D 218 23.32 14.86 27.39
N THR D 219 24.20 15.66 26.79
CA THR D 219 23.94 16.21 25.47
C THR D 219 23.95 15.13 24.40
N ILE D 220 24.87 14.16 24.50
CA ILE D 220 24.91 13.06 23.53
C ILE D 220 23.64 12.22 23.62
N VAL D 221 23.23 11.90 24.85
CA VAL D 221 22.07 11.01 24.98
C VAL D 221 20.77 11.72 24.58
N ILE D 222 20.67 13.03 24.79
CA ILE D 222 19.44 13.64 24.29
C ILE D 222 19.55 14.07 22.84
N GLU D 223 20.75 14.11 22.24
CA GLU D 223 20.81 14.20 20.78
C GLU D 223 20.27 12.93 20.15
N LEU D 224 20.59 11.77 20.73
CA LEU D 224 19.99 10.53 20.26
C LEU D 224 18.48 10.54 20.45
N LEU D 225 18.00 11.05 21.59
CA LEU D 225 16.55 11.13 21.78
C LEU D 225 15.89 12.12 20.84
N GLY D 226 16.57 13.22 20.50
CA GLY D 226 16.02 14.19 19.58
C GLY D 226 15.91 13.65 18.18
N ALA D 227 16.94 12.94 17.73
CA ALA D 227 16.88 12.30 16.42
C ALA D 227 15.78 11.23 16.38
N ALA D 228 15.60 10.50 17.49
CA ALA D 228 14.55 9.50 17.54
C ALA D 228 13.16 10.11 17.48
N MET D 229 12.91 11.15 18.28
CA MET D 229 11.59 11.77 18.31
C MET D 229 11.27 12.48 17.00
N TYR D 230 12.26 13.10 16.38
CA TYR D 230 12.00 13.79 15.13
C TYR D 230 11.83 12.81 13.97
N GLY D 231 12.51 11.66 14.03
CA GLY D 231 12.23 10.61 13.07
C GLY D 231 10.84 10.03 13.23
N LEU D 232 10.38 9.91 14.49
CA LEU D 232 9.02 9.44 14.71
C LEU D 232 7.98 10.43 14.22
N VAL D 233 8.24 11.73 14.38
CA VAL D 233 7.30 12.75 13.88
C VAL D 233 7.23 12.70 12.35
N ILE D 234 8.37 12.60 11.68
CA ILE D 234 8.37 12.56 10.22
C ILE D 234 7.73 11.27 9.71
N GLY D 235 7.95 10.16 10.42
CA GLY D 235 7.31 8.91 10.04
C GLY D 235 5.80 8.93 10.22
N ASN D 236 5.32 9.57 11.29
CA ASN D 236 3.88 9.64 11.48
C ASN D 236 3.21 10.60 10.53
N ILE D 237 3.88 11.71 10.18
CA ILE D 237 3.32 12.62 9.18
C ILE D 237 3.30 11.96 7.81
N ALA D 238 4.35 11.20 7.48
CA ALA D 238 4.37 10.45 6.24
C ALA D 238 3.31 9.37 6.17
N SER D 239 3.06 8.66 7.26
CA SER D 239 1.99 7.68 7.28
C SER D 239 0.62 8.32 7.33
N LEU D 240 0.53 9.58 7.73
CA LEU D 240 -0.75 10.27 7.76
C LEU D 240 -1.13 10.82 6.41
N VAL D 241 -0.18 11.38 5.66
CA VAL D 241 -0.51 11.95 4.35
C VAL D 241 -0.34 10.97 3.20
N SER D 242 0.05 9.72 3.48
CA SER D 242 0.12 8.74 2.42
C SER D 242 -1.23 8.12 2.12
N LYS D 243 -2.00 7.81 3.16
CA LYS D 243 -3.33 7.23 3.01
C LYS D 243 -4.41 8.30 3.09
N LEU D 244 -4.04 9.55 2.83
CA LEU D 244 -4.97 10.66 3.01
C LEU D 244 -6.01 10.70 1.90
N ASP D 245 -5.62 10.41 0.67
CA ASP D 245 -6.54 10.30 -0.45
C ASP D 245 -6.36 8.94 -1.10
N ALA D 246 -7.20 7.98 -0.73
CA ALA D 246 -7.16 6.65 -1.31
C ALA D 246 -8.30 6.43 -2.28
N ALA D 247 -9.51 6.87 -1.91
CA ALA D 247 -10.65 6.76 -2.81
C ALA D 247 -10.48 7.60 -4.06
N LYS D 248 -9.76 8.69 -3.98
CA LYS D 248 -9.59 9.61 -5.09
C LYS D 248 -8.36 9.27 -5.92
N LEU D 249 -7.47 8.43 -5.40
CA LEU D 249 -6.29 7.99 -6.11
C LEU D 249 -6.48 6.63 -6.75
N LEU D 250 -7.27 5.77 -6.12
CA LEU D 250 -7.60 4.48 -6.73
C LEU D 250 -8.47 4.66 -7.97
N HIS D 251 -9.43 5.57 -7.90
CA HIS D 251 -10.23 5.95 -9.05
C HIS D 251 -9.39 6.54 -10.17
N ARG D 252 -8.41 7.35 -9.84
CA ARG D 252 -7.52 7.91 -10.84
C ARG D 252 -6.62 6.86 -11.46
N GLU D 253 -6.19 5.86 -10.70
CA GLU D 253 -5.42 4.76 -11.25
C GLU D 253 -6.24 3.87 -12.18
N ARG D 254 -7.50 3.61 -11.85
CA ARG D 254 -8.36 2.78 -12.70
C ARG D 254 -8.65 3.40 -14.05
N VAL D 255 -8.90 4.70 -14.11
CA VAL D 255 -9.11 5.39 -15.38
C VAL D 255 -7.85 5.40 -16.24
N GLU D 256 -6.70 5.66 -15.65
CA GLU D 256 -5.42 5.60 -16.34
C GLU D 256 -5.11 4.20 -16.86
N ARG D 257 -5.51 3.16 -16.12
CA ARG D 257 -5.45 1.79 -16.60
C ARG D 257 -6.31 1.50 -17.80
N VAL D 258 -7.60 1.85 -17.74
CA VAL D 258 -8.52 1.65 -18.85
C VAL D 258 -8.11 2.42 -20.09
N THR D 259 -7.68 3.67 -19.94
CA THR D 259 -7.25 4.50 -21.05
C THR D 259 -6.00 3.94 -21.73
N ALA D 260 -4.99 3.55 -20.94
CA ALA D 260 -3.76 3.02 -21.51
C ALA D 260 -3.97 1.63 -22.09
N PHE D 261 -5.01 0.92 -21.66
CA PHE D 261 -5.32 -0.31 -22.38
C PHE D 261 -6.02 -0.03 -23.69
N LEU D 262 -7.03 0.84 -23.69
CA LEU D 262 -7.79 1.08 -24.90
C LEU D 262 -7.05 1.89 -25.95
N SER D 263 -5.97 2.57 -25.59
CA SER D 263 -5.15 3.16 -26.64
C SER D 263 -4.35 2.11 -27.38
N TYR D 264 -4.06 0.97 -26.75
CA TYR D 264 -3.38 -0.12 -27.45
C TYR D 264 -4.27 -0.74 -28.51
N LYS D 265 -5.56 -0.87 -28.23
CA LYS D 265 -6.47 -1.48 -29.19
C LYS D 265 -6.84 -0.56 -30.34
N ARG D 266 -6.29 0.66 -30.38
CA ARG D 266 -6.48 1.65 -31.44
C ARG D 266 -7.97 1.98 -31.59
N ILE D 267 -8.52 2.46 -30.51
CA ILE D 267 -9.95 2.70 -30.37
C ILE D 267 -10.23 4.12 -30.83
N SER D 268 -11.50 4.41 -31.11
CA SER D 268 -11.86 5.72 -31.60
C SER D 268 -11.79 6.75 -30.47
N PRO D 269 -11.44 8.00 -30.77
CA PRO D 269 -11.36 9.02 -29.72
C PRO D 269 -12.70 9.49 -29.18
N GLU D 270 -13.77 9.40 -29.98
CA GLU D 270 -15.10 9.81 -29.51
C GLU D 270 -15.59 8.90 -28.40
N LEU D 271 -15.50 7.59 -28.62
CA LEU D 271 -15.90 6.63 -27.61
C LEU D 271 -15.01 6.69 -26.38
N GLN D 272 -13.74 7.01 -26.57
CA GLN D 272 -12.84 7.14 -25.44
C GLN D 272 -13.17 8.37 -24.60
N ARG D 273 -13.59 9.46 -25.26
CA ARG D 273 -14.09 10.61 -24.52
C ARG D 273 -15.37 10.29 -23.79
N ARG D 274 -16.22 9.44 -24.37
CA ARG D 274 -17.44 9.05 -23.69
C ARG D 274 -17.16 8.18 -22.46
N ILE D 275 -16.14 7.33 -22.53
CA ILE D 275 -15.76 6.53 -21.35
C ILE D 275 -15.19 7.42 -20.27
N ILE D 276 -14.38 8.41 -20.64
CA ILE D 276 -13.82 9.31 -19.64
C ILE D 276 -14.91 10.15 -18.97
N GLU D 277 -15.92 10.58 -19.72
CA GLU D 277 -16.99 11.31 -19.05
C GLU D 277 -17.91 10.40 -18.24
N TYR D 278 -18.00 9.10 -18.59
CA TYR D 278 -18.66 8.15 -17.71
C TYR D 278 -17.95 8.03 -16.37
N PHE D 279 -16.62 7.94 -16.40
CA PHE D 279 -15.90 7.86 -15.13
C PHE D 279 -15.96 9.17 -14.35
N ASP D 280 -16.12 10.30 -15.04
CA ASP D 280 -16.31 11.55 -14.32
C ASP D 280 -17.67 11.59 -13.61
N TYR D 281 -18.72 11.11 -14.27
CA TYR D 281 -20.03 11.01 -13.63
C TYR D 281 -20.00 10.06 -12.44
N LEU D 282 -19.40 8.89 -12.63
CA LEU D 282 -19.34 7.91 -11.57
C LEU D 282 -18.45 8.34 -10.42
N TRP D 283 -17.47 9.22 -10.66
CA TRP D 283 -16.78 9.80 -9.53
C TRP D 283 -17.64 10.85 -8.83
N GLU D 284 -18.19 11.80 -9.58
CA GLU D 284 -18.82 12.92 -8.88
C GLU D 284 -20.21 12.62 -8.36
N THR D 285 -20.74 11.40 -8.52
CA THR D 285 -21.96 11.04 -7.82
C THR D 285 -21.73 10.11 -6.63
N ARG D 286 -21.13 8.94 -6.82
CA ARG D 286 -21.04 7.98 -5.73
C ARG D 286 -19.60 7.66 -5.35
N ARG D 287 -18.67 8.56 -5.69
CA ARG D 287 -17.26 8.49 -5.31
C ARG D 287 -16.58 7.23 -5.78
N GLY D 288 -16.76 6.88 -7.04
CA GLY D 288 -15.96 5.86 -7.68
C GLY D 288 -16.39 4.44 -7.45
N TYR D 289 -17.14 4.16 -6.39
CA TYR D 289 -17.34 2.79 -5.97
C TYR D 289 -18.42 2.13 -6.81
N GLU D 290 -18.17 0.89 -7.21
CA GLU D 290 -19.13 0.14 -8.01
C GLU D 290 -20.26 -0.33 -7.10
N GLU D 291 -21.47 -0.43 -7.67
CA GLU D 291 -22.66 -0.74 -6.87
C GLU D 291 -22.64 -2.13 -6.29
N ARG D 292 -22.30 -3.15 -7.07
CA ARG D 292 -22.49 -4.52 -6.63
C ARG D 292 -21.32 -5.06 -5.82
N GLU D 293 -20.21 -4.32 -5.74
CA GLU D 293 -19.14 -4.68 -4.83
C GLU D 293 -19.26 -4.02 -3.48
N VAL D 294 -20.11 -3.00 -3.33
CA VAL D 294 -20.31 -2.39 -2.02
C VAL D 294 -21.28 -3.20 -1.20
N LEU D 295 -22.49 -3.43 -1.70
CA LEU D 295 -23.43 -4.21 -0.93
C LEU D 295 -23.30 -5.71 -1.20
N LYS D 296 -22.06 -6.19 -1.19
CA LYS D 296 -21.76 -7.60 -1.06
C LYS D 296 -21.14 -7.87 0.30
N GLU D 297 -20.75 -6.83 1.02
CA GLU D 297 -20.14 -6.92 2.33
C GLU D 297 -21.15 -6.82 3.46
N LEU D 298 -22.41 -6.58 3.14
CA LEU D 298 -23.46 -6.59 4.12
C LEU D 298 -23.97 -8.02 4.27
N PRO D 299 -24.48 -8.40 5.43
CA PRO D 299 -25.06 -9.74 5.56
C PRO D 299 -26.44 -9.76 4.96
N HIS D 300 -27.06 -10.93 4.90
CA HIS D 300 -28.36 -11.09 4.26
C HIS D 300 -29.51 -10.25 4.80
N PRO D 301 -29.74 -10.09 6.13
CA PRO D 301 -30.87 -9.26 6.53
C PRO D 301 -30.66 -7.77 6.26
N LEU D 302 -29.43 -7.28 6.40
CA LEU D 302 -29.19 -5.88 6.11
C LEU D 302 -29.24 -5.60 4.61
N ARG D 303 -28.75 -6.54 3.80
CA ARG D 303 -28.82 -6.36 2.35
C ARG D 303 -30.24 -6.42 1.86
N LEU D 304 -31.05 -7.31 2.44
CA LEU D 304 -32.48 -7.35 2.17
C LEU D 304 -33.16 -6.05 2.56
N ALA D 305 -32.81 -5.50 3.72
CA ALA D 305 -33.46 -4.27 4.17
C ALA D 305 -33.06 -3.06 3.33
N VAL D 306 -31.80 -3.02 2.87
CA VAL D 306 -31.37 -1.94 1.99
C VAL D 306 -32.07 -2.00 0.65
N ALA D 307 -32.14 -3.21 0.06
CA ALA D 307 -32.86 -3.36 -1.21
C ALA D 307 -34.34 -3.08 -1.06
N MET D 308 -34.90 -3.36 0.13
CA MET D 308 -36.29 -3.04 0.39
C MET D 308 -36.51 -1.54 0.50
N GLU D 309 -35.58 -0.82 1.11
CA GLU D 309 -35.74 0.62 1.23
C GLU D 309 -35.52 1.32 -0.10
N ILE D 310 -34.71 0.73 -0.98
CA ILE D 310 -34.51 1.32 -2.30
C ILE D 310 -35.72 1.06 -3.19
N HIS D 311 -36.07 -0.21 -3.38
CA HIS D 311 -37.11 -0.56 -4.34
C HIS D 311 -38.46 -0.74 -3.65
N GLY D 312 -38.90 0.30 -2.96
CA GLY D 312 -40.18 0.20 -2.27
C GLY D 312 -41.32 0.74 -3.10
N ASP D 313 -41.17 1.97 -3.58
CA ASP D 313 -42.18 2.61 -4.40
C ASP D 313 -42.11 2.19 -5.87
N VAL D 314 -41.09 1.42 -6.23
CA VAL D 314 -40.85 1.06 -7.62
C VAL D 314 -41.61 -0.21 -7.98
N ILE D 315 -41.75 -1.13 -7.03
CA ILE D 315 -42.31 -2.44 -7.35
C ILE D 315 -43.80 -2.53 -7.01
N GLU D 316 -44.35 -1.55 -6.30
CA GLU D 316 -45.80 -1.46 -6.11
C GLU D 316 -46.42 -0.53 -7.16
N LYS D 317 -46.07 -0.80 -8.42
CA LYS D 317 -46.71 -0.12 -9.55
C LYS D 317 -47.06 -1.04 -10.70
N VAL D 318 -46.42 -2.20 -10.85
CA VAL D 318 -46.59 -3.04 -12.02
C VAL D 318 -47.91 -3.78 -11.98
N PRO D 319 -48.60 -3.94 -13.11
CA PRO D 319 -49.83 -4.74 -13.11
C PRO D 319 -49.60 -6.22 -13.35
N LEU D 320 -48.59 -6.78 -12.73
CA LEU D 320 -48.41 -8.22 -12.71
C LEU D 320 -48.14 -8.74 -11.32
N PHE D 321 -47.53 -7.92 -10.46
CA PHE D 321 -47.17 -8.33 -9.11
C PHE D 321 -48.22 -7.86 -8.12
N LYS D 322 -49.32 -7.30 -8.63
CA LYS D 322 -50.36 -6.72 -7.79
C LYS D 322 -51.18 -7.83 -7.16
N GLY D 323 -51.24 -7.81 -5.82
CA GLY D 323 -51.87 -8.87 -5.08
C GLY D 323 -50.99 -10.06 -4.82
N ALA D 324 -49.77 -10.09 -5.37
CA ALA D 324 -48.85 -11.18 -5.09
C ALA D 324 -48.32 -11.05 -3.68
N GLY D 325 -47.82 -12.16 -3.15
CA GLY D 325 -47.41 -12.23 -1.77
C GLY D 325 -46.17 -11.43 -1.47
N GLU D 326 -45.87 -11.33 -0.18
CA GLU D 326 -44.68 -10.62 0.27
C GLU D 326 -43.40 -11.38 -0.03
N GLU D 327 -43.41 -12.71 0.06
CA GLU D 327 -42.23 -13.51 -0.17
C GLU D 327 -41.92 -13.70 -1.66
N PHE D 328 -42.73 -13.14 -2.54
CA PHE D 328 -42.37 -13.06 -3.95
C PHE D 328 -41.66 -11.76 -4.28
N ILE D 329 -42.09 -10.67 -3.65
CA ILE D 329 -41.41 -9.40 -3.79
C ILE D 329 -40.01 -9.49 -3.20
N ARG D 330 -39.87 -10.13 -2.05
CA ARG D 330 -38.57 -10.28 -1.40
C ARG D 330 -37.67 -11.26 -2.12
N ASP D 331 -38.18 -11.98 -3.11
CA ASP D 331 -37.30 -12.78 -3.95
C ASP D 331 -36.97 -12.12 -5.28
N ILE D 332 -37.87 -11.33 -5.85
CA ILE D 332 -37.48 -10.62 -7.06
C ILE D 332 -36.66 -9.36 -6.74
N ILE D 333 -36.69 -8.88 -5.50
CA ILE D 333 -36.03 -7.63 -5.18
C ILE D 333 -34.55 -7.83 -4.90
N LEU D 334 -34.12 -9.06 -4.72
CA LEU D 334 -32.72 -9.35 -4.51
C LEU D 334 -31.99 -9.73 -5.78
N HIS D 335 -32.69 -9.84 -6.90
CA HIS D 335 -32.10 -10.26 -8.15
C HIS D 335 -32.10 -9.16 -9.20
N LEU D 336 -32.28 -7.92 -8.80
CA LEU D 336 -32.17 -6.81 -9.74
C LEU D 336 -30.70 -6.47 -9.92
N GLU D 337 -30.35 -6.06 -11.13
CA GLU D 337 -28.96 -5.80 -11.48
C GLU D 337 -28.82 -4.37 -12.00
N PRO D 338 -27.92 -3.58 -11.43
CA PRO D 338 -27.79 -2.18 -11.88
C PRO D 338 -26.94 -2.02 -13.13
N VAL D 339 -27.44 -1.21 -14.06
CA VAL D 339 -26.68 -0.79 -15.23
C VAL D 339 -26.83 0.72 -15.36
N ILE D 340 -25.91 1.34 -16.08
CA ILE D 340 -25.87 2.79 -16.20
C ILE D 340 -25.69 3.13 -17.67
N TYR D 341 -26.64 3.84 -18.25
CA TYR D 341 -26.58 4.25 -19.64
C TYR D 341 -26.23 5.72 -19.73
N GLY D 342 -25.33 6.05 -20.66
CA GLY D 342 -24.97 7.44 -20.89
C GLY D 342 -26.01 8.16 -21.68
N PRO D 343 -25.81 9.48 -21.86
CA PRO D 343 -26.80 10.27 -22.58
C PRO D 343 -26.80 10.01 -24.08
N GLY D 344 -27.91 9.48 -24.58
CA GLY D 344 -28.04 9.15 -25.99
C GLY D 344 -27.84 7.69 -26.31
N GLU D 345 -27.59 6.84 -25.32
CA GLU D 345 -27.49 5.41 -25.56
C GLU D 345 -28.84 4.84 -25.96
N TYR D 346 -28.81 3.76 -26.73
CA TYR D 346 -30.02 3.03 -27.06
C TYR D 346 -30.21 1.95 -26.01
N ILE D 347 -31.21 2.11 -25.16
CA ILE D 347 -31.57 1.06 -24.23
C ILE D 347 -32.27 -0.08 -24.95
N ILE D 348 -33.37 0.24 -25.62
CA ILE D 348 -34.15 -0.72 -26.40
C ILE D 348 -34.26 -0.20 -27.82
N ARG D 349 -33.95 -1.05 -28.79
CA ARG D 349 -34.22 -0.74 -30.18
C ARG D 349 -35.46 -1.49 -30.62
N ALA D 350 -36.38 -0.79 -31.28
CA ALA D 350 -37.61 -1.41 -31.75
C ALA D 350 -37.28 -2.35 -32.90
N GLY D 351 -37.76 -3.58 -32.80
CA GLY D 351 -37.42 -4.63 -33.73
C GLY D 351 -36.51 -5.69 -33.18
N GLU D 352 -35.86 -5.44 -32.05
CA GLU D 352 -35.07 -6.44 -31.37
C GLU D 352 -35.98 -7.45 -30.71
N MET D 353 -35.42 -8.56 -30.26
CA MET D 353 -36.22 -9.57 -29.58
C MET D 353 -36.69 -9.07 -28.23
N GLY D 354 -35.76 -8.65 -27.37
CA GLY D 354 -36.11 -8.04 -26.11
C GLY D 354 -36.40 -9.07 -25.04
N SER D 355 -35.69 -9.00 -23.92
CA SER D 355 -35.84 -10.05 -22.92
C SER D 355 -35.92 -9.51 -21.50
N ASP D 356 -35.67 -8.22 -21.30
CA ASP D 356 -35.54 -7.71 -19.94
C ASP D 356 -36.43 -6.49 -19.71
N VAL D 357 -36.74 -6.25 -18.44
CA VAL D 357 -37.57 -5.13 -17.99
C VAL D 357 -36.73 -4.22 -17.10
N TYR D 358 -36.86 -2.91 -17.32
CA TYR D 358 -35.99 -1.92 -16.72
C TYR D 358 -36.77 -1.04 -15.75
N PHE D 359 -36.25 -0.88 -14.54
CA PHE D 359 -36.81 0.01 -13.53
C PHE D 359 -35.89 1.21 -13.40
N ILE D 360 -36.44 2.41 -13.45
CA ILE D 360 -35.64 3.63 -13.38
C ILE D 360 -35.52 4.08 -11.94
N ASN D 361 -34.29 4.39 -11.51
CA ASN D 361 -34.06 4.86 -10.16
C ASN D 361 -33.70 6.34 -10.10
N ARG D 362 -32.85 6.82 -10.99
CA ARG D 362 -32.37 8.18 -10.79
C ARG D 362 -32.52 9.10 -11.98
N GLY D 363 -32.28 8.62 -13.20
CA GLY D 363 -32.23 9.49 -14.36
C GLY D 363 -33.59 9.77 -14.96
N SER D 364 -33.57 10.18 -16.21
CA SER D 364 -34.76 10.32 -17.05
C SER D 364 -34.50 9.62 -18.37
N VAL D 365 -35.58 9.36 -19.11
CA VAL D 365 -35.47 8.61 -20.35
C VAL D 365 -36.63 9.03 -21.25
N GLU D 366 -36.49 8.78 -22.54
CA GLU D 366 -37.49 9.18 -23.52
C GLU D 366 -37.84 8.00 -24.41
N VAL D 367 -39.09 7.95 -24.83
CA VAL D 367 -39.63 6.83 -25.58
C VAL D 367 -39.94 7.32 -26.98
N LEU D 368 -39.36 6.67 -27.99
CA LEU D 368 -39.52 7.09 -29.36
C LEU D 368 -40.17 5.99 -30.18
N SER D 369 -40.58 6.35 -31.39
CA SER D 369 -41.19 5.42 -32.32
C SER D 369 -40.11 4.63 -33.06
N ALA D 370 -40.53 3.84 -34.04
CA ALA D 370 -39.60 2.96 -34.73
C ALA D 370 -38.68 3.73 -35.68
N ASP D 371 -39.07 4.93 -36.10
CA ASP D 371 -38.22 5.76 -36.94
C ASP D 371 -37.40 6.77 -36.16
N GLU D 372 -37.54 6.79 -34.83
CA GLU D 372 -36.87 7.72 -33.91
C GLU D 372 -37.16 9.18 -34.27
N LYS D 373 -38.40 9.45 -34.65
CA LYS D 373 -38.81 10.79 -35.07
C LYS D 373 -39.96 11.36 -34.25
N THR D 374 -40.94 10.54 -33.88
CA THR D 374 -42.13 11.00 -33.19
C THR D 374 -42.11 10.50 -31.76
N ARG D 375 -41.94 11.43 -30.81
CA ARG D 375 -41.83 11.10 -29.40
C ARG D 375 -43.18 10.63 -28.86
N TYR D 376 -43.20 9.50 -28.16
CA TYR D 376 -44.44 9.08 -27.51
C TYR D 376 -44.63 9.79 -26.18
N ALA D 377 -43.70 9.59 -25.24
CA ALA D 377 -43.78 10.19 -23.92
C ALA D 377 -42.39 10.23 -23.30
N ILE D 378 -42.33 10.65 -22.04
CA ILE D 378 -41.08 10.78 -21.31
C ILE D 378 -41.28 10.14 -19.93
N LEU D 379 -40.30 9.35 -19.51
CA LEU D 379 -40.36 8.65 -18.24
C LEU D 379 -39.25 9.14 -17.32
N SER D 380 -39.58 9.29 -16.05
CA SER D 380 -38.64 9.82 -15.08
C SER D 380 -38.50 8.78 -13.98
N GLU D 381 -37.84 9.15 -12.88
CA GLU D 381 -37.55 8.22 -11.82
C GLU D 381 -38.82 7.82 -11.07
N GLY D 382 -38.80 6.59 -10.55
CA GLY D 382 -39.96 6.03 -9.92
C GLY D 382 -40.80 5.15 -10.82
N GLN D 383 -40.60 5.20 -12.13
CA GLN D 383 -41.41 4.46 -13.07
C GLN D 383 -40.55 3.43 -13.80
N PHE D 384 -41.18 2.72 -14.73
CA PHE D 384 -40.57 1.57 -15.37
C PHE D 384 -41.00 1.51 -16.82
N PHE D 385 -40.37 0.61 -17.57
CA PHE D 385 -40.77 0.35 -18.94
C PHE D 385 -40.30 -1.05 -19.33
N GLY D 386 -40.67 -1.47 -20.53
CA GLY D 386 -40.25 -2.76 -21.04
C GLY D 386 -40.83 -3.96 -20.33
N GLU D 387 -41.96 -3.79 -19.64
CA GLU D 387 -42.47 -4.85 -18.81
C GLU D 387 -43.17 -5.96 -19.59
N MET D 388 -43.44 -5.73 -20.87
CA MET D 388 -44.17 -6.70 -21.69
C MET D 388 -43.21 -7.69 -22.33
N ALA D 389 -42.32 -8.24 -21.52
CA ALA D 389 -41.39 -9.27 -21.98
C ALA D 389 -41.26 -10.42 -21.02
N LEU D 390 -41.73 -10.29 -19.78
CA LEU D 390 -41.64 -11.38 -18.82
C LEU D 390 -42.63 -12.48 -19.18
N ILE D 391 -43.82 -12.10 -19.62
CA ILE D 391 -44.85 -13.06 -19.98
C ILE D 391 -44.82 -13.46 -21.46
N LEU D 392 -44.12 -12.72 -22.30
CA LEU D 392 -44.33 -12.83 -23.73
C LEU D 392 -42.97 -12.87 -24.44
N ARG D 393 -42.97 -13.48 -25.62
CA ARG D 393 -41.77 -13.69 -26.42
C ARG D 393 -41.64 -12.65 -27.54
N ALA D 394 -42.55 -11.67 -27.56
CA ALA D 394 -42.74 -10.79 -28.71
C ALA D 394 -41.58 -9.81 -28.87
N PRO D 395 -41.28 -9.44 -30.12
CA PRO D 395 -40.20 -8.49 -30.40
C PRO D 395 -40.61 -7.10 -29.95
N ARG D 396 -39.66 -6.27 -29.55
CA ARG D 396 -39.94 -4.93 -29.06
C ARG D 396 -40.71 -4.06 -30.05
N THR D 397 -41.53 -3.15 -29.52
CA THR D 397 -42.35 -2.29 -30.35
C THR D 397 -42.04 -0.79 -30.32
N ALA D 398 -41.01 -0.40 -29.59
CA ALA D 398 -40.64 1.02 -29.50
C ALA D 398 -39.15 1.18 -29.24
N THR D 399 -38.62 2.38 -29.44
CA THR D 399 -37.21 2.61 -29.19
C THR D 399 -37.05 3.59 -28.04
N VAL D 400 -36.26 3.22 -27.03
CA VAL D 400 -36.12 3.98 -25.81
C VAL D 400 -34.69 4.47 -25.71
N ARG D 401 -34.47 5.76 -25.93
CA ARG D 401 -33.17 6.38 -25.81
C ARG D 401 -33.06 7.07 -24.46
N ALA D 402 -31.86 7.04 -23.90
CA ALA D 402 -31.61 7.77 -22.66
C ALA D 402 -31.55 9.27 -22.93
N ARG D 403 -31.76 10.05 -21.87
CA ARG D 403 -31.66 11.50 -21.97
C ARG D 403 -30.45 12.04 -21.24
N ALA D 404 -30.33 11.74 -19.95
CA ALA D 404 -29.13 11.99 -19.16
C ALA D 404 -28.62 10.64 -18.66
N PHE D 405 -27.68 10.66 -17.73
CA PHE D 405 -27.26 9.42 -17.07
C PHE D 405 -28.39 8.86 -16.22
N CYS D 406 -28.63 7.57 -16.37
CA CYS D 406 -29.90 6.99 -15.95
C CYS D 406 -29.89 6.35 -14.58
N ASP D 407 -28.93 5.46 -14.29
CA ASP D 407 -28.86 4.63 -13.09
C ASP D 407 -30.14 3.78 -12.94
N LEU D 408 -30.32 2.86 -13.88
CA LEU D 408 -31.54 2.06 -13.88
C LEU D 408 -31.24 0.59 -13.66
N TYR D 409 -32.10 -0.06 -12.89
CA TYR D 409 -32.00 -1.47 -12.54
C TYR D 409 -32.80 -2.31 -13.53
N ARG D 410 -32.30 -3.50 -13.85
CA ARG D 410 -33.00 -4.36 -14.79
C ARG D 410 -33.22 -5.73 -14.20
N LEU D 411 -34.18 -6.44 -14.78
CA LEU D 411 -34.52 -7.80 -14.40
C LEU D 411 -34.60 -8.65 -15.67
N ASP D 412 -33.95 -9.80 -15.65
CA ASP D 412 -33.95 -10.68 -16.81
C ASP D 412 -35.22 -11.50 -16.85
N LYS D 413 -35.34 -12.30 -17.91
CA LYS D 413 -36.47 -13.20 -18.05
C LYS D 413 -36.12 -14.61 -17.63
N GLU D 414 -34.87 -15.02 -17.85
CA GLU D 414 -34.39 -16.31 -17.37
C GLU D 414 -34.38 -16.36 -15.85
N THR D 415 -33.91 -15.29 -15.21
CA THR D 415 -33.91 -15.21 -13.75
C THR D 415 -35.32 -15.14 -13.20
N PHE D 416 -36.21 -14.43 -13.91
CA PHE D 416 -37.60 -14.32 -13.52
C PHE D 416 -38.30 -15.67 -13.56
N ASP D 417 -38.20 -16.39 -14.67
CA ASP D 417 -38.77 -17.72 -14.74
C ASP D 417 -38.08 -18.73 -13.85
N ARG D 418 -36.81 -18.51 -13.51
CA ARG D 418 -36.11 -19.44 -12.62
C ARG D 418 -36.60 -19.31 -11.20
N ILE D 419 -36.87 -18.10 -10.73
CA ILE D 419 -37.35 -17.97 -9.35
C ILE D 419 -38.87 -17.90 -9.33
N LEU D 420 -39.48 -17.98 -10.50
CA LEU D 420 -40.93 -18.07 -10.62
C LEU D 420 -41.43 -19.51 -10.55
N SER D 421 -40.52 -20.48 -10.74
CA SER D 421 -40.92 -21.89 -10.81
C SER D 421 -41.42 -22.40 -9.47
N ARG D 422 -40.73 -22.05 -8.39
CA ARG D 422 -41.04 -22.59 -7.07
C ARG D 422 -42.27 -21.94 -6.44
N TYR D 423 -42.86 -20.93 -7.06
CA TYR D 423 -44.12 -20.35 -6.59
C TYR D 423 -45.19 -20.64 -7.64
N PRO D 424 -46.01 -21.68 -7.46
CA PRO D 424 -46.92 -22.08 -8.55
C PRO D 424 -48.11 -21.17 -8.73
N GLU D 425 -48.48 -20.40 -7.71
CA GLU D 425 -49.68 -19.58 -7.80
C GLU D 425 -49.48 -18.41 -8.75
N ILE D 426 -48.33 -17.75 -8.69
CA ILE D 426 -48.01 -16.71 -9.66
C ILE D 426 -47.70 -17.33 -11.01
N ALA D 427 -47.18 -18.57 -11.02
CA ALA D 427 -46.94 -19.29 -12.26
C ALA D 427 -48.22 -19.58 -13.02
N ALA D 428 -49.34 -19.76 -12.33
CA ALA D 428 -50.63 -19.88 -12.99
C ALA D 428 -51.31 -18.53 -13.17
N GLN D 429 -50.98 -17.54 -12.35
CA GLN D 429 -51.51 -16.19 -12.52
C GLN D 429 -51.01 -15.54 -13.80
N ILE D 430 -49.75 -15.79 -14.17
CA ILE D 430 -49.21 -15.12 -15.36
C ILE D 430 -49.66 -15.74 -16.68
N GLN D 431 -50.19 -16.97 -16.65
CA GLN D 431 -50.59 -17.63 -17.89
C GLN D 431 -51.83 -17.02 -18.51
N GLU D 432 -52.76 -16.55 -17.67
CA GLU D 432 -53.97 -15.91 -18.20
C GLU D 432 -53.67 -14.55 -18.81
N LEU D 433 -52.56 -13.91 -18.40
CA LEU D 433 -52.12 -12.74 -19.15
C LEU D 433 -51.24 -13.14 -20.34
N ALA D 434 -50.67 -14.35 -20.29
CA ALA D 434 -49.83 -14.82 -21.39
C ALA D 434 -50.65 -15.18 -22.62
#